data_1S8N
# 
_entry.id   1S8N 
# 
_audit_conform.dict_name       mmcif_pdbx.dic 
_audit_conform.dict_version    5.376 
_audit_conform.dict_location   http://mmcif.pdb.org/dictionaries/ascii/mmcif_pdbx.dic 
# 
loop_
_database_2.database_id 
_database_2.database_code 
_database_2.pdbx_database_accession 
_database_2.pdbx_DOI 
PDB   1S8N         pdb_00001s8n 10.2210/pdb1s8n/pdb 
RCSB  RCSB021505   ?            ?                   
WWPDB D_1000021505 ?            ?                   
# 
_pdbx_database_related.db_name        TargetDB 
_pdbx_database_related.db_id          Rv1626 
_pdbx_database_related.details        . 
_pdbx_database_related.content_type   unspecified 
# 
_pdbx_database_status.status_code                     REL 
_pdbx_database_status.entry_id                        1S8N 
_pdbx_database_status.recvd_initial_deposition_date   2004-02-03 
_pdbx_database_status.deposit_site                    RCSB 
_pdbx_database_status.process_site                    RCSB 
_pdbx_database_status.SG_entry                        Y 
_pdbx_database_status.status_code_sf                  REL 
_pdbx_database_status.pdb_format_compatible           Y 
_pdbx_database_status.status_code_mr                  ? 
_pdbx_database_status.status_code_cs                  ? 
_pdbx_database_status.status_code_nmr_data            ? 
_pdbx_database_status.methods_development_category    ? 
# 
loop_
_audit_author.name 
_audit_author.pdbx_ordinal 
'Morth, J.P.'                               1 
'Feng, V.'                                  2 
'Perry, L.J.'                               3 
'Svergun, D.I.'                             4 
'Tucker, P.A.'                              5 
'TB Structural Genomics Consortium (TBSGC)' 6 
# 
_citation.id                        primary 
_citation.title                     
'The Crystal and Solution Structure of a Putative Transcriptional Antiterminator from Mycobacterium tuberculosis.' 
_citation.journal_abbrev            Structure 
_citation.journal_volume            12 
_citation.page_first                1595 
_citation.page_last                 1605 
_citation.year                      2004 
_citation.journal_id_ASTM           STRUE6 
_citation.country                   UK 
_citation.journal_id_ISSN           0969-2126 
_citation.journal_id_CSD            2005 
_citation.book_publisher            ? 
_citation.pdbx_database_id_PubMed   15341725 
_citation.pdbx_database_id_DOI      10.1016/j.str.2004.06.018 
# 
loop_
_citation_author.citation_id 
_citation_author.name 
_citation_author.ordinal 
_citation_author.identifier_ORCID 
primary 'Morth, J.P.'   1 ? 
primary 'Feng, V.'      2 ? 
primary 'Perry, L.J.'   3 ? 
primary 'Svergun, D.I.' 4 ? 
primary 'Tucker, P.A.'  5 ? 
# 
_cell.entry_id           1S8N 
_cell.length_a           44.836 
_cell.length_b           44.836 
_cell.length_c           180.626 
_cell.angle_alpha        90.00 
_cell.angle_beta         90.00 
_cell.angle_gamma        90.00 
_cell.Z_PDB              8 
_cell.pdbx_unique_axis   ? 
# 
_symmetry.entry_id                         1S8N 
_symmetry.space_group_name_H-M             'P 43 21 2' 
_symmetry.pdbx_full_space_group_name_H-M   ? 
_symmetry.cell_setting                     ? 
_symmetry.Int_Tables_number                96 
_symmetry.space_group_name_Hall            ? 
# 
loop_
_entity.id 
_entity.type 
_entity.src_method 
_entity.pdbx_description 
_entity.formula_weight 
_entity.pdbx_number_of_molecules 
_entity.pdbx_ec 
_entity.pdbx_mutation 
_entity.pdbx_fragment 
_entity.details 
1 polymer     man 'putative antiterminator' 22700.156 1   ? ? ? 
'phosphorylation dependent transcriptional antitermination regulator' 
2 non-polymer syn 'AZIDE ION'               42.020    1   ? ? ? ? 
3 water       nat water                     18.015    201 ? ? ? ? 
# 
_entity_poly.entity_id                      1 
_entity_poly.type                           'polypeptide(L)' 
_entity_poly.nstd_linkage                   no 
_entity_poly.nstd_monomer                   no 
_entity_poly.pdbx_seq_one_letter_code       
;MTGPTTDADAAVPRRVLIAEDEALIRMDLAEMLREEGYEIVGEAGDGQEAVELAELHKPDLVIMDVKMPRRDGIDAASEI
ASKRIAPIVVLTAFSQRDLVERARDAGAMAYLVKPFSISDLIPAIELAVSRFREITALEGEVATLSERLETRKLVERAKG
LLQTKHGMTEPDAFKWIQRAAMDRRTTMKRVAEVVLETLGTPKDT
;
_entity_poly.pdbx_seq_one_letter_code_can   
;MTGPTTDADAAVPRRVLIAEDEALIRMDLAEMLREEGYEIVGEAGDGQEAVELAELHKPDLVIMDVKMPRRDGIDAASEI
ASKRIAPIVVLTAFSQRDLVERARDAGAMAYLVKPFSISDLIPAIELAVSRFREITALEGEVATLSERLETRKLVERAKG
LLQTKHGMTEPDAFKWIQRAAMDRRTTMKRVAEVVLETLGTPKDT
;
_entity_poly.pdbx_strand_id                 A 
_entity_poly.pdbx_target_identifier         Rv1626 
# 
loop_
_entity_poly_seq.entity_id 
_entity_poly_seq.num 
_entity_poly_seq.mon_id 
_entity_poly_seq.hetero 
1 1   MET n 
1 2   THR n 
1 3   GLY n 
1 4   PRO n 
1 5   THR n 
1 6   THR n 
1 7   ASP n 
1 8   ALA n 
1 9   ASP n 
1 10  ALA n 
1 11  ALA n 
1 12  VAL n 
1 13  PRO n 
1 14  ARG n 
1 15  ARG n 
1 16  VAL n 
1 17  LEU n 
1 18  ILE n 
1 19  ALA n 
1 20  GLU n 
1 21  ASP n 
1 22  GLU n 
1 23  ALA n 
1 24  LEU n 
1 25  ILE n 
1 26  ARG n 
1 27  MET n 
1 28  ASP n 
1 29  LEU n 
1 30  ALA n 
1 31  GLU n 
1 32  MET n 
1 33  LEU n 
1 34  ARG n 
1 35  GLU n 
1 36  GLU n 
1 37  GLY n 
1 38  TYR n 
1 39  GLU n 
1 40  ILE n 
1 41  VAL n 
1 42  GLY n 
1 43  GLU n 
1 44  ALA n 
1 45  GLY n 
1 46  ASP n 
1 47  GLY n 
1 48  GLN n 
1 49  GLU n 
1 50  ALA n 
1 51  VAL n 
1 52  GLU n 
1 53  LEU n 
1 54  ALA n 
1 55  GLU n 
1 56  LEU n 
1 57  HIS n 
1 58  LYS n 
1 59  PRO n 
1 60  ASP n 
1 61  LEU n 
1 62  VAL n 
1 63  ILE n 
1 64  MET n 
1 65  ASP n 
1 66  VAL n 
1 67  LYS n 
1 68  MET n 
1 69  PRO n 
1 70  ARG n 
1 71  ARG n 
1 72  ASP n 
1 73  GLY n 
1 74  ILE n 
1 75  ASP n 
1 76  ALA n 
1 77  ALA n 
1 78  SER n 
1 79  GLU n 
1 80  ILE n 
1 81  ALA n 
1 82  SER n 
1 83  LYS n 
1 84  ARG n 
1 85  ILE n 
1 86  ALA n 
1 87  PRO n 
1 88  ILE n 
1 89  VAL n 
1 90  VAL n 
1 91  LEU n 
1 92  THR n 
1 93  ALA n 
1 94  PHE n 
1 95  SER n 
1 96  GLN n 
1 97  ARG n 
1 98  ASP n 
1 99  LEU n 
1 100 VAL n 
1 101 GLU n 
1 102 ARG n 
1 103 ALA n 
1 104 ARG n 
1 105 ASP n 
1 106 ALA n 
1 107 GLY n 
1 108 ALA n 
1 109 MET n 
1 110 ALA n 
1 111 TYR n 
1 112 LEU n 
1 113 VAL n 
1 114 LYS n 
1 115 PRO n 
1 116 PHE n 
1 117 SER n 
1 118 ILE n 
1 119 SER n 
1 120 ASP n 
1 121 LEU n 
1 122 ILE n 
1 123 PRO n 
1 124 ALA n 
1 125 ILE n 
1 126 GLU n 
1 127 LEU n 
1 128 ALA n 
1 129 VAL n 
1 130 SER n 
1 131 ARG n 
1 132 PHE n 
1 133 ARG n 
1 134 GLU n 
1 135 ILE n 
1 136 THR n 
1 137 ALA n 
1 138 LEU n 
1 139 GLU n 
1 140 GLY n 
1 141 GLU n 
1 142 VAL n 
1 143 ALA n 
1 144 THR n 
1 145 LEU n 
1 146 SER n 
1 147 GLU n 
1 148 ARG n 
1 149 LEU n 
1 150 GLU n 
1 151 THR n 
1 152 ARG n 
1 153 LYS n 
1 154 LEU n 
1 155 VAL n 
1 156 GLU n 
1 157 ARG n 
1 158 ALA n 
1 159 LYS n 
1 160 GLY n 
1 161 LEU n 
1 162 LEU n 
1 163 GLN n 
1 164 THR n 
1 165 LYS n 
1 166 HIS n 
1 167 GLY n 
1 168 MET n 
1 169 THR n 
1 170 GLU n 
1 171 PRO n 
1 172 ASP n 
1 173 ALA n 
1 174 PHE n 
1 175 LYS n 
1 176 TRP n 
1 177 ILE n 
1 178 GLN n 
1 179 ARG n 
1 180 ALA n 
1 181 ALA n 
1 182 MET n 
1 183 ASP n 
1 184 ARG n 
1 185 ARG n 
1 186 THR n 
1 187 THR n 
1 188 MET n 
1 189 LYS n 
1 190 ARG n 
1 191 VAL n 
1 192 ALA n 
1 193 GLU n 
1 194 VAL n 
1 195 VAL n 
1 196 LEU n 
1 197 GLU n 
1 198 THR n 
1 199 LEU n 
1 200 GLY n 
1 201 THR n 
1 202 PRO n 
1 203 LYS n 
1 204 ASP n 
1 205 THR n 
# 
_entity_src_gen.entity_id                          1 
_entity_src_gen.pdbx_src_id                        1 
_entity_src_gen.pdbx_alt_source_flag               sample 
_entity_src_gen.pdbx_seq_type                      ? 
_entity_src_gen.pdbx_beg_seq_num                   ? 
_entity_src_gen.pdbx_end_seq_num                   ? 
_entity_src_gen.gene_src_common_name               ? 
_entity_src_gen.gene_src_genus                     Mycobacterium 
_entity_src_gen.pdbx_gene_src_gene                 rv1626 
_entity_src_gen.gene_src_species                   'Mycobacterium tuberculosis' 
_entity_src_gen.gene_src_strain                    H37Rv 
_entity_src_gen.gene_src_tissue                    ? 
_entity_src_gen.gene_src_tissue_fraction           ? 
_entity_src_gen.gene_src_details                   ? 
_entity_src_gen.pdbx_gene_src_fragment             ? 
_entity_src_gen.pdbx_gene_src_scientific_name      'Mycobacterium tuberculosis' 
_entity_src_gen.pdbx_gene_src_ncbi_taxonomy_id     83332 
_entity_src_gen.pdbx_gene_src_variant              ? 
_entity_src_gen.pdbx_gene_src_cell_line            ? 
_entity_src_gen.pdbx_gene_src_atcc                 ? 
_entity_src_gen.pdbx_gene_src_organ                ? 
_entity_src_gen.pdbx_gene_src_organelle            ? 
_entity_src_gen.pdbx_gene_src_cell                 ? 
_entity_src_gen.pdbx_gene_src_cellular_location    ? 
_entity_src_gen.host_org_common_name               ? 
_entity_src_gen.pdbx_host_org_scientific_name      'Escherichia coli' 
_entity_src_gen.pdbx_host_org_ncbi_taxonomy_id     562 
_entity_src_gen.host_org_genus                     Escherichia 
_entity_src_gen.pdbx_host_org_gene                 ? 
_entity_src_gen.pdbx_host_org_organ                ? 
_entity_src_gen.host_org_species                   ? 
_entity_src_gen.pdbx_host_org_tissue               ? 
_entity_src_gen.pdbx_host_org_tissue_fraction      ? 
_entity_src_gen.pdbx_host_org_strain               'BL21(DE3)RP' 
_entity_src_gen.pdbx_host_org_variant              ? 
_entity_src_gen.pdbx_host_org_cell_line            ? 
_entity_src_gen.pdbx_host_org_atcc                 ? 
_entity_src_gen.pdbx_host_org_culture_collection   ? 
_entity_src_gen.pdbx_host_org_cell                 ? 
_entity_src_gen.pdbx_host_org_organelle            ? 
_entity_src_gen.pdbx_host_org_cellular_location    ? 
_entity_src_gen.pdbx_host_org_vector_type          plasmid 
_entity_src_gen.pdbx_host_org_vector               ? 
_entity_src_gen.host_org_details                   ? 
_entity_src_gen.expression_system_id               ? 
_entity_src_gen.plasmid_name                       pET22b 
_entity_src_gen.plasmid_details                    ? 
_entity_src_gen.pdbx_description                   ? 
# 
_struct_ref.id                         1 
_struct_ref.db_name                    UNP 
_struct_ref.db_code                    O06143_MYCTU 
_struct_ref.pdbx_db_accession          O06143 
_struct_ref.entity_id                  1 
_struct_ref.pdbx_seq_one_letter_code   
;MTGPTTDADAAVPRRVLIAEDEALIRMDLAEMLREEGYEIVGEAGDGQEAVELAELHKPDLVIMDVKMPRRDGIDAASEI
ASKRIAPIVVLTAFSQRDLVERARDAGAMAYLVKPFSISDLIPAIELAVSRFREITALEGEVATLSERLETRKLVERAKG
LLQTKHGMTEPDAFKWIQRAAMDRRTTMKRVAEVVLETLGTPKDT
;
_struct_ref.pdbx_align_begin           1 
_struct_ref.pdbx_db_isoform            ? 
# 
_struct_ref_seq.align_id                      1 
_struct_ref_seq.ref_id                        1 
_struct_ref_seq.pdbx_PDB_id_code              1S8N 
_struct_ref_seq.pdbx_strand_id                A 
_struct_ref_seq.seq_align_beg                 1 
_struct_ref_seq.pdbx_seq_align_beg_ins_code   ? 
_struct_ref_seq.seq_align_end                 205 
_struct_ref_seq.pdbx_seq_align_end_ins_code   ? 
_struct_ref_seq.pdbx_db_accession             O06143 
_struct_ref_seq.db_align_beg                  1 
_struct_ref_seq.pdbx_db_align_beg_ins_code    ? 
_struct_ref_seq.db_align_end                  205 
_struct_ref_seq.pdbx_db_align_end_ins_code    ? 
_struct_ref_seq.pdbx_auth_seq_align_beg       1 
_struct_ref_seq.pdbx_auth_seq_align_end       205 
# 
loop_
_chem_comp.id 
_chem_comp.type 
_chem_comp.mon_nstd_flag 
_chem_comp.name 
_chem_comp.pdbx_synonyms 
_chem_comp.formula 
_chem_comp.formula_weight 
ALA 'L-peptide linking' y ALANINE         ? 'C3 H7 N O2'     89.093  
ARG 'L-peptide linking' y ARGININE        ? 'C6 H15 N4 O2 1' 175.209 
ASP 'L-peptide linking' y 'ASPARTIC ACID' ? 'C4 H7 N O4'     133.103 
AZI non-polymer         . 'AZIDE ION'     ? 'N3 -1'          42.020  
GLN 'L-peptide linking' y GLUTAMINE       ? 'C5 H10 N2 O3'   146.144 
GLU 'L-peptide linking' y 'GLUTAMIC ACID' ? 'C5 H9 N O4'     147.129 
GLY 'peptide linking'   y GLYCINE         ? 'C2 H5 N O2'     75.067  
HIS 'L-peptide linking' y HISTIDINE       ? 'C6 H10 N3 O2 1' 156.162 
HOH non-polymer         . WATER           ? 'H2 O'           18.015  
ILE 'L-peptide linking' y ISOLEUCINE      ? 'C6 H13 N O2'    131.173 
LEU 'L-peptide linking' y LEUCINE         ? 'C6 H13 N O2'    131.173 
LYS 'L-peptide linking' y LYSINE          ? 'C6 H15 N2 O2 1' 147.195 
MET 'L-peptide linking' y METHIONINE      ? 'C5 H11 N O2 S'  149.211 
PHE 'L-peptide linking' y PHENYLALANINE   ? 'C9 H11 N O2'    165.189 
PRO 'L-peptide linking' y PROLINE         ? 'C5 H9 N O2'     115.130 
SER 'L-peptide linking' y SERINE          ? 'C3 H7 N O3'     105.093 
THR 'L-peptide linking' y THREONINE       ? 'C4 H9 N O3'     119.119 
TRP 'L-peptide linking' y TRYPTOPHAN      ? 'C11 H12 N2 O2'  204.225 
TYR 'L-peptide linking' y TYROSINE        ? 'C9 H11 N O3'    181.189 
VAL 'L-peptide linking' y VALINE          ? 'C5 H11 N O2'    117.146 
# 
_exptl.entry_id          1S8N 
_exptl.method            'X-RAY DIFFRACTION' 
_exptl.crystals_number   1 
# 
_exptl_crystal.id                    1 
_exptl_crystal.density_meas          ? 
_exptl_crystal.density_percent_sol   38.48 
_exptl_crystal.description           ? 
_exptl_crystal.density_Matthews      2.00 
_exptl_crystal.F_000                 ? 
_exptl_crystal.preparation           ? 
# 
_exptl_crystal_grow.crystal_id      1 
_exptl_crystal_grow.method          MICROBATCH 
_exptl_crystal_grow.temp            295 
_exptl_crystal_grow.temp_details    ? 
_exptl_crystal_grow.pH              4 
_exptl_crystal_grow.pdbx_details    'PEG 1.5K, pure water, pH 4, Micro batch, temperature 295K' 
_exptl_crystal_grow.pdbx_pH_range   . 
# 
_diffrn.id                     1 
_diffrn.ambient_temp           100 
_diffrn.ambient_temp_details   ? 
_diffrn.crystal_id             1 
# 
_diffrn_detector.diffrn_id              1 
_diffrn_detector.detector               CCD 
_diffrn_detector.type                   MARRESEARCH 
_diffrn_detector.pdbx_collection_date   2003-02-20 
_diffrn_detector.details                ? 
# 
_diffrn_radiation.diffrn_id                        1 
_diffrn_radiation.wavelength_id                    1 
_diffrn_radiation.pdbx_monochromatic_or_laue_m_l   M 
_diffrn_radiation.monochromator                    ? 
_diffrn_radiation.pdbx_diffrn_protocol             'SINGLE WAVELENGTH' 
_diffrn_radiation.pdbx_scattering_type             x-ray 
# 
_diffrn_radiation_wavelength.id           1 
_diffrn_radiation_wavelength.wavelength   0.813 
_diffrn_radiation_wavelength.wt           1.0 
# 
_diffrn_source.diffrn_id                   1 
_diffrn_source.source                      SYNCHROTRON 
_diffrn_source.type                        'EMBL/DESY, HAMBURG BEAMLINE X11' 
_diffrn_source.pdbx_synchrotron_site       'EMBL/DESY, HAMBURG' 
_diffrn_source.pdbx_synchrotron_beamline   X11 
_diffrn_source.pdbx_wavelength             ? 
_diffrn_source.pdbx_wavelength_list        0.813 
# 
_reflns.entry_id                     1S8N 
_reflns.observed_criterion_sigma_F   ? 
_reflns.observed_criterion_sigma_I   ? 
_reflns.d_resolution_high            1.482 
_reflns.d_resolution_low             45 
_reflns.number_all                   ? 
_reflns.number_obs                   29935 
_reflns.percent_possible_obs         ? 
_reflns.pdbx_Rmerge_I_obs            ? 
_reflns.pdbx_Rsym_value              0.037 
_reflns.pdbx_netI_over_sigmaI        21.7 
_reflns.B_iso_Wilson_estimate        22.4 
_reflns.pdbx_redundancy              6.2 
_reflns.R_free_details               ? 
_reflns.limit_h_max                  ? 
_reflns.limit_h_min                  ? 
_reflns.limit_k_max                  ? 
_reflns.limit_k_min                  ? 
_reflns.limit_l_max                  ? 
_reflns.limit_l_min                  ? 
_reflns.observed_criterion_F_max     ? 
_reflns.observed_criterion_F_min     ? 
_reflns.pdbx_chi_squared             ? 
_reflns.pdbx_scaling_rejects         ? 
_reflns.pdbx_ordinal                 1 
_reflns.pdbx_diffrn_id               1 
# 
_refine.entry_id                                 1S8N 
_refine.ls_number_reflns_obs                     29676 
_refine.ls_number_reflns_all                     30649 
_refine.pdbx_ls_sigma_I                          ? 
_refine.pdbx_ls_sigma_F                          0 
_refine.pdbx_data_cutoff_high_absF               ? 
_refine.pdbx_data_cutoff_low_absF                ? 
_refine.pdbx_data_cutoff_high_rms_absF           ? 
_refine.ls_d_res_low                             30.00 
_refine.ls_d_res_high                            1.482 
_refine.ls_percent_reflns_obs                    98.28 
_refine.ls_R_factor_obs                          0.2042 
_refine.ls_R_factor_all                          0.2042 
_refine.ls_R_factor_R_work                       0.2029 
_refine.ls_R_factor_R_free                       0.22835 
_refine.ls_R_factor_R_free_error                 ? 
_refine.ls_R_factor_R_free_error_details         ? 
_refine.ls_percent_reflns_R_free                 5.0 
_refine.ls_number_reflns_R_free                  1570 
_refine.ls_number_parameters                     ? 
_refine.ls_number_restraints                     ? 
_refine.occupancy_min                            ? 
_refine.occupancy_max                            ? 
_refine.correlation_coeff_Fo_to_Fc               0.960 
_refine.correlation_coeff_Fo_to_Fc_free          0.948 
_refine.B_iso_mean                               16.467 
_refine.aniso_B[1][1]                            0.31 
_refine.aniso_B[2][2]                            0.31 
_refine.aniso_B[3][3]                            -0.63 
_refine.aniso_B[1][2]                            0.00 
_refine.aniso_B[1][3]                            0.00 
_refine.aniso_B[2][3]                            0.00 
_refine.solvent_model_details                    'BABINET MODEL WITH MASK' 
_refine.solvent_model_param_ksol                 ? 
_refine.solvent_model_param_bsol                 ? 
_refine.pdbx_solvent_vdw_probe_radii             1.40 
_refine.pdbx_solvent_ion_probe_radii             0.80 
_refine.pdbx_solvent_shrinkage_radii             0.80 
_refine.pdbx_ls_cross_valid_method               THROUGHOUT 
_refine.details                                  'HYDROGENS HAVE BEEN ADDED IN THE RIDING POSITIONS' 
_refine.pdbx_starting_model                      1sd5 
_refine.pdbx_method_to_determine_struct          'MOLECULAR REPLACEMENT' 
_refine.pdbx_isotropic_thermal_model             ? 
_refine.pdbx_stereochemistry_target_values       'MAXIMUM LIKELIHOOD' 
_refine.pdbx_stereochem_target_val_spec_case     ? 
_refine.pdbx_R_Free_selection_details            RANDOM 
_refine.pdbx_overall_ESU_R                       0.085 
_refine.pdbx_overall_ESU_R_Free                  0.083 
_refine.overall_SU_ML                            0.059 
_refine.overall_SU_B                             1.569 
_refine.ls_redundancy_reflns_obs                 ? 
_refine.B_iso_min                                ? 
_refine.B_iso_max                                ? 
_refine.overall_SU_R_Cruickshank_DPI             ? 
_refine.overall_SU_R_free                        ? 
_refine.ls_wR_factor_R_free                      ? 
_refine.ls_wR_factor_R_work                      ? 
_refine.overall_FOM_free_R_set                   ? 
_refine.overall_FOM_work_R_set                   ? 
_refine.pdbx_refine_id                           'X-RAY DIFFRACTION' 
_refine.pdbx_diffrn_id                           1 
_refine.pdbx_TLS_residual_ADP_flag               ? 
_refine.pdbx_overall_phase_error                 ? 
_refine.pdbx_overall_SU_R_free_Cruickshank_DPI   ? 
_refine.pdbx_overall_SU_R_Blow_DPI               ? 
_refine.pdbx_overall_SU_R_free_Blow_DPI          ? 
# 
_refine_hist.pdbx_refine_id                   'X-RAY DIFFRACTION' 
_refine_hist.cycle_id                         LAST 
_refine_hist.pdbx_number_atoms_protein        1481 
_refine_hist.pdbx_number_atoms_nucleic_acid   0 
_refine_hist.pdbx_number_atoms_ligand         3 
_refine_hist.number_atoms_solvent             201 
_refine_hist.number_atoms_total               1685 
_refine_hist.d_res_high                       1.482 
_refine_hist.d_res_low                        30.00 
# 
loop_
_refine_ls_restr.type 
_refine_ls_restr.dev_ideal 
_refine_ls_restr.dev_ideal_target 
_refine_ls_restr.weight 
_refine_ls_restr.number 
_refine_ls_restr.pdbx_refine_id 
_refine_ls_restr.pdbx_restraint_function 
r_bond_refined_d         0.009  0.022 ? 1537 'X-RAY DIFFRACTION' ? 
r_bond_other_d           0.000  0.020 ? 1546 'X-RAY DIFFRACTION' ? 
r_angle_refined_deg      1.093  1.986 ? 2071 'X-RAY DIFFRACTION' ? 
r_angle_other_deg        0.659  3.000 ? 3565 'X-RAY DIFFRACTION' ? 
r_dihedral_angle_1_deg   14.204 5.000 ? 189  'X-RAY DIFFRACTION' ? 
r_chiral_restr           0.084  0.200 ? 251  'X-RAY DIFFRACTION' ? 
r_gen_planes_refined     0.005  0.020 ? 1653 'X-RAY DIFFRACTION' ? 
r_gen_planes_other       0.000  0.020 ? 303  'X-RAY DIFFRACTION' ? 
r_nbd_refined            0.246  0.200 ? 350  'X-RAY DIFFRACTION' ? 
r_nbd_other              0.266  0.200 ? 1828 'X-RAY DIFFRACTION' ? 
r_nbtor_other            0.085  0.200 ? 979  'X-RAY DIFFRACTION' ? 
r_xyhbond_nbd_refined    0.137  0.200 ? 104  'X-RAY DIFFRACTION' ? 
r_symmetry_vdw_refined   0.300  0.200 ? 13   'X-RAY DIFFRACTION' ? 
r_symmetry_vdw_other     0.356  0.200 ? 68   'X-RAY DIFFRACTION' ? 
r_symmetry_hbond_refined 0.185  0.200 ? 19   'X-RAY DIFFRACTION' ? 
r_mcbond_it              1.708  1.500 ? 956  'X-RAY DIFFRACTION' ? 
r_mcangle_it             2.692  2.000 ? 1553 'X-RAY DIFFRACTION' ? 
r_scbond_it              3.905  3.000 ? 581  'X-RAY DIFFRACTION' ? 
r_scangle_it             5.950  4.500 ? 518  'X-RAY DIFFRACTION' ? 
# 
_refine_ls_shell.pdbx_total_number_of_bins_used   20 
_refine_ls_shell.d_res_high                       1.482 
_refine_ls_shell.d_res_low                        1.521 
_refine_ls_shell.number_reflns_R_work             1814 
_refine_ls_shell.R_factor_R_work                  0.267 
_refine_ls_shell.percent_reflns_obs               ? 
_refine_ls_shell.R_factor_R_free                  0.275 
_refine_ls_shell.R_factor_R_free_error            ? 
_refine_ls_shell.percent_reflns_R_free            ? 
_refine_ls_shell.number_reflns_R_free             112 
_refine_ls_shell.number_reflns_obs                ? 
_refine_ls_shell.redundancy_reflns_obs            ? 
_refine_ls_shell.number_reflns_all                ? 
_refine_ls_shell.pdbx_refine_id                   'X-RAY DIFFRACTION' 
_refine_ls_shell.R_factor_all                     ? 
# 
_struct.entry_id                  1S8N 
_struct.title                     'Crystal structure of Rv1626 from Mycobacterium tuberculosis' 
_struct.pdbx_model_details        ? 
_struct.pdbx_CASP_flag            ? 
_struct.pdbx_model_type_details   ? 
# 
_struct_keywords.entry_id        1S8N 
_struct_keywords.pdbx_keywords   'STRUCTURAL GENOMICS, UNKNOWN FUNCTION' 
_struct_keywords.text            
;Rv1626, STRUCTURAL GENOMICS, TRANSCRIPTIONAL ANTITERMINATOR, TWO COMPONENT SYSTEM, PSI, Protein Structure Initiative, TB Structural Genomics Consortium, TBSGC, UNKNOWN FUNCTION
;
# 
loop_
_struct_asym.id 
_struct_asym.pdbx_blank_PDB_chainid_flag 
_struct_asym.pdbx_modified 
_struct_asym.entity_id 
_struct_asym.details 
A N N 1 ? 
B N N 2 ? 
C N N 3 ? 
# 
_struct_biol.id                    1 
_struct_biol.pdbx_parent_biol_id   ? 
_struct_biol.details               ? 
# 
loop_
_struct_conf.conf_type_id 
_struct_conf.id 
_struct_conf.pdbx_PDB_helix_id 
_struct_conf.beg_label_comp_id 
_struct_conf.beg_label_asym_id 
_struct_conf.beg_label_seq_id 
_struct_conf.pdbx_beg_PDB_ins_code 
_struct_conf.end_label_comp_id 
_struct_conf.end_label_asym_id 
_struct_conf.end_label_seq_id 
_struct_conf.pdbx_end_PDB_ins_code 
_struct_conf.beg_auth_comp_id 
_struct_conf.beg_auth_asym_id 
_struct_conf.beg_auth_seq_id 
_struct_conf.end_auth_comp_id 
_struct_conf.end_auth_asym_id 
_struct_conf.end_auth_seq_id 
_struct_conf.pdbx_PDB_helix_class 
_struct_conf.details 
_struct_conf.pdbx_PDB_helix_length 
HELX_P HELX_P1 1 GLU A 22  ? GLU A 36  ? GLU A 22  GLU A 36  1 ? 15 
HELX_P HELX_P2 2 ASP A 46  ? LYS A 58  ? ASP A 46  LYS A 58  1 ? 13 
HELX_P HELX_P3 3 ASP A 72  ? LYS A 83  ? ASP A 72  LYS A 83  1 ? 12 
HELX_P HELX_P4 4 GLN A 96  ? ARG A 102 ? GLN A 96  ARG A 102 1 ? 7  
HELX_P HELX_P5 5 ALA A 103 ? GLY A 107 ? ALA A 103 GLY A 107 5 ? 5  
HELX_P HELX_P6 6 SER A 117 ? VAL A 142 ? SER A 117 VAL A 142 1 ? 26 
HELX_P HELX_P7 7 THR A 144 ? GLY A 167 ? THR A 144 GLY A 167 1 ? 24 
HELX_P HELX_P8 8 THR A 169 ? ARG A 184 ? THR A 169 ARG A 184 1 ? 16 
HELX_P HELX_P9 9 THR A 187 ? GLY A 200 ? THR A 187 GLY A 200 1 ? 14 
# 
_struct_conf_type.id          HELX_P 
_struct_conf_type.criteria    ? 
_struct_conf_type.reference   ? 
# 
_struct_mon_prot_cis.pdbx_id                1 
_struct_mon_prot_cis.label_comp_id          LYS 
_struct_mon_prot_cis.label_seq_id           114 
_struct_mon_prot_cis.label_asym_id          A 
_struct_mon_prot_cis.label_alt_id           . 
_struct_mon_prot_cis.pdbx_PDB_ins_code      ? 
_struct_mon_prot_cis.auth_comp_id           LYS 
_struct_mon_prot_cis.auth_seq_id            114 
_struct_mon_prot_cis.auth_asym_id           A 
_struct_mon_prot_cis.pdbx_label_comp_id_2   PRO 
_struct_mon_prot_cis.pdbx_label_seq_id_2    115 
_struct_mon_prot_cis.pdbx_label_asym_id_2   A 
_struct_mon_prot_cis.pdbx_PDB_ins_code_2    ? 
_struct_mon_prot_cis.pdbx_auth_comp_id_2    PRO 
_struct_mon_prot_cis.pdbx_auth_seq_id_2     115 
_struct_mon_prot_cis.pdbx_auth_asym_id_2    A 
_struct_mon_prot_cis.pdbx_PDB_model_num     1 
_struct_mon_prot_cis.pdbx_omega_angle       -7.38 
# 
_struct_sheet.id               A 
_struct_sheet.type             ? 
_struct_sheet.number_strands   5 
_struct_sheet.details          ? 
# 
loop_
_struct_sheet_order.sheet_id 
_struct_sheet_order.range_id_1 
_struct_sheet_order.range_id_2 
_struct_sheet_order.offset 
_struct_sheet_order.sense 
A 1 2 ? parallel 
A 2 3 ? parallel 
A 3 4 ? parallel 
A 4 5 ? parallel 
# 
loop_
_struct_sheet_range.sheet_id 
_struct_sheet_range.id 
_struct_sheet_range.beg_label_comp_id 
_struct_sheet_range.beg_label_asym_id 
_struct_sheet_range.beg_label_seq_id 
_struct_sheet_range.pdbx_beg_PDB_ins_code 
_struct_sheet_range.end_label_comp_id 
_struct_sheet_range.end_label_asym_id 
_struct_sheet_range.end_label_seq_id 
_struct_sheet_range.pdbx_end_PDB_ins_code 
_struct_sheet_range.beg_auth_comp_id 
_struct_sheet_range.beg_auth_asym_id 
_struct_sheet_range.beg_auth_seq_id 
_struct_sheet_range.end_auth_comp_id 
_struct_sheet_range.end_auth_asym_id 
_struct_sheet_range.end_auth_seq_id 
A 1 GLU A 39  ? ALA A 44  ? GLU A 39  ALA A 44  
A 2 ARG A 15  ? ALA A 19  ? ARG A 15  ALA A 19  
A 3 LEU A 61  ? ASP A 65  ? LEU A 61  ASP A 65  
A 4 ILE A 88  ? ALA A 93  ? ILE A 88  ALA A 93  
A 5 MET A 109 ? LYS A 114 ? MET A 109 LYS A 114 
# 
loop_
_pdbx_struct_sheet_hbond.sheet_id 
_pdbx_struct_sheet_hbond.range_id_1 
_pdbx_struct_sheet_hbond.range_id_2 
_pdbx_struct_sheet_hbond.range_1_label_atom_id 
_pdbx_struct_sheet_hbond.range_1_label_comp_id 
_pdbx_struct_sheet_hbond.range_1_label_asym_id 
_pdbx_struct_sheet_hbond.range_1_label_seq_id 
_pdbx_struct_sheet_hbond.range_1_PDB_ins_code 
_pdbx_struct_sheet_hbond.range_1_auth_atom_id 
_pdbx_struct_sheet_hbond.range_1_auth_comp_id 
_pdbx_struct_sheet_hbond.range_1_auth_asym_id 
_pdbx_struct_sheet_hbond.range_1_auth_seq_id 
_pdbx_struct_sheet_hbond.range_2_label_atom_id 
_pdbx_struct_sheet_hbond.range_2_label_comp_id 
_pdbx_struct_sheet_hbond.range_2_label_asym_id 
_pdbx_struct_sheet_hbond.range_2_label_seq_id 
_pdbx_struct_sheet_hbond.range_2_PDB_ins_code 
_pdbx_struct_sheet_hbond.range_2_auth_atom_id 
_pdbx_struct_sheet_hbond.range_2_auth_comp_id 
_pdbx_struct_sheet_hbond.range_2_auth_asym_id 
_pdbx_struct_sheet_hbond.range_2_auth_seq_id 
A 1 2 O GLU A 39 ? O GLU A 39 N VAL A 16  ? N VAL A 16  
A 2 3 N LEU A 17 ? N LEU A 17 O LEU A 61  ? O LEU A 61  
A 3 4 N VAL A 62 ? N VAL A 62 O VAL A 89  ? O VAL A 89  
A 4 5 N VAL A 90 ? N VAL A 90 O ALA A 110 ? O ALA A 110 
# 
_struct_site.id                   AC1 
_struct_site.pdbx_evidence_code   Software 
_struct_site.pdbx_auth_asym_id    A 
_struct_site.pdbx_auth_comp_id    AZI 
_struct_site.pdbx_auth_seq_id     401 
_struct_site.pdbx_auth_ins_code   ? 
_struct_site.pdbx_num_residues    7 
_struct_site.details              'BINDING SITE FOR RESIDUE AZI A 401' 
# 
loop_
_struct_site_gen.id 
_struct_site_gen.site_id 
_struct_site_gen.pdbx_num_res 
_struct_site_gen.label_comp_id 
_struct_site_gen.label_asym_id 
_struct_site_gen.label_seq_id 
_struct_site_gen.pdbx_auth_ins_code 
_struct_site_gen.auth_comp_id 
_struct_site_gen.auth_asym_id 
_struct_site_gen.auth_seq_id 
_struct_site_gen.label_atom_id 
_struct_site_gen.label_alt_id 
_struct_site_gen.symmetry 
_struct_site_gen.details 
1 AC1 7 GLU A 141 ? GLU A 141 . ? 1_555 ? 
2 AC1 7 LYS A 165 ? LYS A 165 . ? 6_455 ? 
3 AC1 7 HIS A 166 ? HIS A 166 . ? 6_455 ? 
4 AC1 7 ALA A 181 ? ALA A 181 . ? 1_555 ? 
5 AC1 7 MET A 182 ? MET A 182 . ? 1_555 ? 
6 AC1 7 THR A 186 ? THR A 186 . ? 1_555 ? 
7 AC1 7 HOH C .   ? HOH A 447 . ? 1_555 ? 
# 
_atom_sites.entry_id                    1S8N 
_atom_sites.fract_transf_matrix[1][1]   -0.00126499 
_atom_sites.fract_transf_matrix[1][2]   0.00334544 
_atom_sites.fract_transf_matrix[1][3]   -0.02201536 
_atom_sites.fract_transf_matrix[2][1]   0.02136913 
_atom_sites.fract_transf_matrix[2][2]   -0.00601978 
_atom_sites.fract_transf_matrix[2][3]   -0.00214262 
_atom_sites.fract_transf_matrix[3][1]   -0.00155458 
_atom_sites.fract_transf_matrix[3][2]   -0.00526548 
_atom_sites.fract_transf_matrix[3][3]   -0.00071081 
_atom_sites.fract_transf_vector[1]      0.354282 
_atom_sites.fract_transf_vector[2]      0.179252 
_atom_sites.fract_transf_vector[3]      0.230687 
# 
loop_
_atom_type.symbol 
C 
N 
O 
S 
# 
loop_
_atom_site.group_PDB 
_atom_site.id 
_atom_site.type_symbol 
_atom_site.label_atom_id 
_atom_site.label_alt_id 
_atom_site.label_comp_id 
_atom_site.label_asym_id 
_atom_site.label_entity_id 
_atom_site.label_seq_id 
_atom_site.pdbx_PDB_ins_code 
_atom_site.Cartn_x 
_atom_site.Cartn_y 
_atom_site.Cartn_z 
_atom_site.occupancy 
_atom_site.B_iso_or_equiv 
_atom_site.pdbx_formal_charge 
_atom_site.auth_seq_id 
_atom_site.auth_comp_id 
_atom_site.auth_asym_id 
_atom_site.auth_atom_id 
_atom_site.pdbx_PDB_model_num 
ATOM   1    N N   . ALA A 1 11  ? 15.566  -1.662  1.769   1.00 38.63 ? 11  ALA A N   1 
ATOM   2    C CA  . ALA A 1 11  ? 15.230  -1.005  0.482   1.00 41.52 ? 11  ALA A CA  1 
ATOM   3    C C   . ALA A 1 11  ? 13.844  -1.459  0.016   1.00 39.74 ? 11  ALA A C   1 
ATOM   4    O O   . ALA A 1 11  ? 12.854  -1.334  0.759   1.00 43.68 ? 11  ALA A O   1 
ATOM   5    C CB  . ALA A 1 11  ? 16.300  -1.348  -0.575  1.00 39.69 ? 11  ALA A CB  1 
ATOM   6    N N   . VAL A 1 12  ? 13.772  -1.991  -1.203  1.00 34.44 ? 12  VAL A N   1 
ATOM   7    C CA  . VAL A 1 12  ? 12.538  -2.607  -1.677  1.00 29.25 ? 12  VAL A CA  1 
ATOM   8    C C   . VAL A 1 12  ? 12.225  -3.871  -0.871  1.00 25.66 ? 12  VAL A C   1 
ATOM   9    O O   . VAL A 1 12  ? 13.126  -4.563  -0.387  1.00 22.06 ? 12  VAL A O   1 
ATOM   10   C CB  . VAL A 1 12  ? 12.592  -2.976  -3.184  1.00 29.18 ? 12  VAL A CB  1 
ATOM   11   C CG1 . VAL A 1 12  ? 12.725  -1.718  -4.047  1.00 30.15 ? 12  VAL A CG1 1 
ATOM   12   C CG2 . VAL A 1 12  ? 13.708  -3.970  -3.457  1.00 28.58 ? 12  VAL A CG2 1 
ATOM   13   N N   . PRO A 1 13  ? 10.940  -4.179  -0.751  1.00 22.99 ? 13  PRO A N   1 
ATOM   14   C CA  . PRO A 1 13  ? 10.498  -5.391  -0.056  1.00 20.21 ? 13  PRO A CA  1 
ATOM   15   C C   . PRO A 1 13  ? 11.049  -6.660  -0.697  1.00 20.33 ? 13  PRO A C   1 
ATOM   16   O O   . PRO A 1 13  ? 11.099  -6.747  -1.934  1.00 20.83 ? 13  PRO A O   1 
ATOM   17   C CB  . PRO A 1 13  ? 8.973   -5.326  -0.190  1.00 20.72 ? 13  PRO A CB  1 
ATOM   18   C CG  . PRO A 1 13  ? 8.671   -3.890  -0.386  1.00 26.42 ? 13  PRO A CG  1 
ATOM   19   C CD  . PRO A 1 13  ? 9.803   -3.377  -1.234  1.00 24.63 ? 13  PRO A CD  1 
ATOM   20   N N   . ARG A 1 14  ? 11.468  -7.623  0.128   1.00 17.82 ? 14  ARG A N   1 
ATOM   21   C CA  . ARG A 1 14  ? 11.803  -8.975  -0.330  1.00 18.01 ? 14  ARG A CA  1 
ATOM   22   C C   . ARG A 1 14  ? 10.985  -10.072 0.351   1.00 17.38 ? 14  ARG A C   1 
ATOM   23   O O   . ARG A 1 14  ? 10.648  -11.084 -0.264  1.00 17.40 ? 14  ARG A O   1 
ATOM   24   C CB  . ARG A 1 14  ? 13.287  -9.268  -0.097  1.00 20.50 ? 14  ARG A CB  1 
ATOM   25   C CG  . ARG A 1 14  ? 13.814  -10.564 -0.592  0.00 15.00 ? 14  ARG A CG  1 
ATOM   26   C CD  . ARG A 1 14  ? 15.313  -10.531 -0.836  0.00 15.00 ? 14  ARG A CD  1 
ATOM   27   N NE  . ARG A 1 14  ? 15.793  -11.761 -1.458  0.00 15.00 ? 14  ARG A NE  1 
ATOM   28   C CZ  . ARG A 1 14  ? 17.063  -11.989 -1.777  0.00 15.00 ? 14  ARG A CZ  1 
ATOM   29   N NH1 . ARG A 1 14  ? 17.986  -11.071 -1.530  0.00 15.00 ? 14  ARG A NH1 1 
ATOM   30   N NH2 . ARG A 1 14  ? 17.410  -13.138 -2.341  0.00 15.00 ? 14  ARG A NH2 1 
ATOM   31   N N   . ARG A 1 15  ? 10.679  -9.887  1.630   1.00 14.41 ? 15  ARG A N   1 
ATOM   32   C CA  . ARG A 1 15  ? 10.070  -10.944 2.430   1.00 14.33 ? 15  ARG A CA  1 
ATOM   33   C C   . ARG A 1 15  ? 8.546   -10.761 2.460   1.00 14.18 ? 15  ARG A C   1 
ATOM   34   O O   . ARG A 1 15  ? 8.041   -9.745  2.942   1.00 12.94 ? 15  ARG A O   1 
ATOM   35   C CB  . ARG A 1 15  ? 10.622  -10.911 3.863   1.00 14.29 ? 15  ARG A CB  1 
ATOM   36   C CG  . ARG A 1 15  ? 12.127  -11.207 3.981   1.00 14.66 ? 15  ARG A CG  1 
ATOM   37   C CD  . ARG A 1 15  ? 12.695  -10.896 5.369   1.00 17.92 ? 15  ARG A CD  1 
ATOM   38   N NE  . ARG A 1 15  ? 11.863  -11.531 6.382   1.00 19.88 ? 15  ARG A NE  1 
ATOM   39   C CZ  . ARG A 1 15  ? 11.051  -10.889 7.222   1.00 20.73 ? 15  ARG A CZ  1 
ATOM   40   N NH1 . ARG A 1 15  ? 10.989  -9.562  7.243   1.00 18.94 ? 15  ARG A NH1 1 
ATOM   41   N NH2 . ARG A 1 15  ? 10.312  -11.594 8.065   1.00 20.38 ? 15  ARG A NH2 1 
ATOM   42   N N   . VAL A 1 16  ? 7.805   -11.731 1.926   1.00 13.90 ? 16  VAL A N   1 
ATOM   43   C CA  . VAL A 1 16  ? 6.374   -11.521 1.679   1.00 13.00 ? 16  VAL A CA  1 
ATOM   44   C C   . VAL A 1 16  ? 5.508   -12.574 2.401   1.00 13.61 ? 16  VAL A C   1 
ATOM   45   O O   . VAL A 1 16  ? 5.790   -13.772 2.387   1.00 12.05 ? 16  VAL A O   1 
ATOM   46   C CB  A VAL A 1 16  ? 6.073   -11.443 0.159   0.65 13.51 ? 16  VAL A CB  1 
ATOM   47   C CB  B VAL A 1 16  ? 6.027   -11.576 0.163   0.35 13.39 ? 16  VAL A CB  1 
ATOM   48   C CG1 A VAL A 1 16  ? 6.545   -12.675 -0.543  0.65 19.58 ? 16  VAL A CG1 1 
ATOM   49   C CG1 B VAL A 1 16  ? 7.003   -10.759 -0.664  0.35 9.48  ? 16  VAL A CG1 1 
ATOM   50   C CG2 A VAL A 1 16  ? 4.585   -11.173 -0.094  0.65 9.99  ? 16  VAL A CG2 1 
ATOM   51   C CG2 B VAL A 1 16  ? 5.988   -13.005 -0.319  0.35 20.20 ? 16  VAL A CG2 1 
ATOM   52   N N   . LEU A 1 17  ? 4.442   -12.095 3.045   1.00 12.47 ? 17  LEU A N   1 
ATOM   53   C CA  . LEU A 1 17  ? 3.385   -12.948 3.601   1.00 10.80 ? 17  LEU A CA  1 
ATOM   54   C C   . LEU A 1 17  ? 2.210   -12.938 2.635   1.00 11.55 ? 17  LEU A C   1 
ATOM   55   O O   . LEU A 1 17  ? 1.751   -11.854 2.249   1.00 12.74 ? 17  LEU A O   1 
ATOM   56   C CB  . LEU A 1 17  ? 2.925   -12.375 4.941   1.00 10.98 ? 17  LEU A CB  1 
ATOM   57   C CG  . LEU A 1 17  ? 1.672   -12.993 5.562   1.00 11.54 ? 17  LEU A CG  1 
ATOM   58   C CD1 . LEU A 1 17  ? 1.923   -14.446 5.911   1.00 12.42 ? 17  LEU A CD1 1 
ATOM   59   C CD2 . LEU A 1 17  ? 1.238   -12.195 6.790   1.00 13.16 ? 17  LEU A CD2 1 
ATOM   60   N N   . ILE A 1 18  ? 1.753   -14.116 2.206   1.00 12.44 ? 18  ILE A N   1 
ATOM   61   C CA  . ILE A 1 18  ? 0.544   -14.180 1.397   1.00 14.30 ? 18  ILE A CA  1 
ATOM   62   C C   . ILE A 1 18  ? -0.604  -14.782 2.187   1.00 11.82 ? 18  ILE A C   1 
ATOM   63   O O   . ILE A 1 18  ? -0.388  -15.564 3.101   1.00 13.42 ? 18  ILE A O   1 
ATOM   64   C CB  . ILE A 1 18  ? 0.783   -14.902 0.061   1.00 15.41 ? 18  ILE A CB  1 
ATOM   65   C CG1 . ILE A 1 18  ? 1.121   -16.357 0.311   1.00 19.06 ? 18  ILE A CG1 1 
ATOM   66   C CG2 . ILE A 1 18  ? 1.888   -14.206 -0.713  1.00 20.14 ? 18  ILE A CG2 1 
ATOM   67   C CD1 . ILE A 1 18  ? 1.260   -17.158 -0.977  1.00 21.24 ? 18  ILE A CD1 1 
ATOM   68   N N   . ALA A 1 19  ? -1.822  -14.362 1.855   1.00 13.87 ? 19  ALA A N   1 
ATOM   69   C CA  . ALA A 1 19  ? -3.027  -14.878 2.495   1.00 12.04 ? 19  ALA A CA  1 
ATOM   70   C C   . ALA A 1 19  ? -4.129  -15.054 1.460   1.00 13.94 ? 19  ALA A C   1 
ATOM   71   O O   . ALA A 1 19  ? -4.617  -14.084 0.893   1.00 14.30 ? 19  ALA A O   1 
ATOM   72   C CB  . ALA A 1 19  ? -3.498  -13.943 3.604   1.00 13.77 ? 19  ALA A CB  1 
ATOM   73   N N   . GLU A 1 20  ? -4.481  -16.307 1.192   1.00 13.50 ? 20  GLU A N   1 
ATOM   74   C CA  . GLU A 1 20  ? -5.430  -16.618 0.135   1.00 13.07 ? 20  GLU A CA  1 
ATOM   75   C C   . GLU A 1 20  ? -5.952  -18.022 0.386   1.00 15.12 ? 20  GLU A C   1 
ATOM   76   O O   . GLU A 1 20  ? -5.166  -18.946 0.557   1.00 15.88 ? 20  GLU A O   1 
ATOM   77   C CB  . GLU A 1 20  ? -4.724  -16.529 -1.219  1.00 14.07 ? 20  GLU A CB  1 
ATOM   78   C CG  . GLU A 1 20  ? -5.520  -17.052 -2.409  1.00 13.64 ? 20  GLU A CG  1 
ATOM   79   C CD  . GLU A 1 20  ? -6.784  -16.250 -2.682  1.00 13.58 ? 20  GLU A CD  1 
ATOM   80   O OE1 . GLU A 1 20  ? -6.669  -15.029 -2.964  1.00 13.53 ? 20  GLU A OE1 1 
ATOM   81   O OE2 . GLU A 1 20  ? -7.887  -16.843 -2.637  1.00 17.32 ? 20  GLU A OE2 1 
ATOM   82   N N   . ASP A 1 21  ? -7.268  -18.188 0.374   1.00 13.53 ? 21  ASP A N   1 
ATOM   83   C CA  . ASP A 1 21  ? -7.849  -19.480 0.675   1.00 14.78 ? 21  ASP A CA  1 
ATOM   84   C C   . ASP A 1 21  ? -8.009  -20.364 -0.563  1.00 11.67 ? 21  ASP A C   1 
ATOM   85   O O   . ASP A 1 21  ? -8.046  -21.577 -0.440  1.00 15.05 ? 21  ASP A O   1 
ATOM   86   C CB  A ASP A 1 21  ? -9.161  -19.327 1.457   0.50 14.41 ? 21  ASP A CB  1 
ATOM   87   C CB  B ASP A 1 21  ? -9.200  -19.307 1.382   0.50 13.47 ? 21  ASP A CB  1 
ATOM   88   C CG  A ASP A 1 21  ? -10.359 -19.094 0.566   0.50 16.99 ? 21  ASP A CG  1 
ATOM   89   C CG  B ASP A 1 21  ? -9.926  -20.626 1.604   0.50 13.98 ? 21  ASP A CG  1 
ATOM   90   O OD1 A ASP A 1 21  ? -11.231 -19.982 0.519   0.50 21.86 ? 21  ASP A OD1 1 
ATOM   91   O OD1 B ASP A 1 21  ? -9.451  -21.460 2.411   0.50 16.04 ? 21  ASP A OD1 1 
ATOM   92   O OD2 A ASP A 1 21  ? -10.520 -18.061 -0.116  0.50 24.88 ? 21  ASP A OD2 1 
ATOM   93   O OD2 B ASP A 1 21  ? -10.996 -20.903 1.025   0.50 19.72 ? 21  ASP A OD2 1 
ATOM   94   N N   . GLU A 1 22  ? -8.031  -19.769 -1.755  1.00 12.12 ? 22  GLU A N   1 
ATOM   95   C CA  . GLU A 1 22  ? -8.093  -20.562 -2.980  1.00 12.17 ? 22  GLU A CA  1 
ATOM   96   C C   . GLU A 1 22  ? -6.684  -21.049 -3.333  1.00 10.75 ? 22  GLU A C   1 
ATOM   97   O O   . GLU A 1 22  ? -5.792  -20.235 -3.578  1.00 12.72 ? 22  GLU A O   1 
ATOM   98   C CB  . GLU A 1 22  ? -8.654  -19.727 -4.129  1.00 12.81 ? 22  GLU A CB  1 
ATOM   99   C CG  . GLU A 1 22  ? -10.163 -19.523 -4.069  1.00 13.88 ? 22  GLU A CG  1 
ATOM   100  C CD  . GLU A 1 22  ? -10.942 -20.821 -4.239  1.00 20.71 ? 22  GLU A CD  1 
ATOM   101  O OE1 . GLU A 1 22  ? -10.372 -21.814 -4.761  1.00 19.80 ? 22  GLU A OE1 1 
ATOM   102  O OE2 . GLU A 1 22  ? -12.130 -20.873 -3.832  1.00 23.40 ? 22  GLU A OE2 1 
ATOM   103  N N   . ALA A 1 23  ? -6.500  -22.364 -3.368  1.00 10.91 ? 23  ALA A N   1 
ATOM   104  C CA  . ALA A 1 23  ? -5.167  -22.958 -3.478  1.00 10.88 ? 23  ALA A CA  1 
ATOM   105  C C   . ALA A 1 23  ? -4.503  -22.586 -4.790  1.00 12.41 ? 23  ALA A C   1 
ATOM   106  O O   . ALA A 1 23  ? -3.307  -22.376 -4.834  1.00 11.24 ? 23  ALA A O   1 
ATOM   107  C CB  . ALA A 1 23  ? -5.252  -24.470 -3.349  1.00 11.43 ? 23  ALA A CB  1 
ATOM   108  N N   . LEU A 1 24  ? -5.264  -22.499 -5.874  1.00 12.03 ? 24  LEU A N   1 
ATOM   109  C CA  . LEU A 1 24  ? -4.629  -22.225 -7.155  1.00 10.79 ? 24  LEU A CA  1 
ATOM   110  C C   . LEU A 1 24  ? -4.114  -20.779 -7.224  1.00 11.79 ? 24  LEU A C   1 
ATOM   111  O O   . LEU A 1 24  ? -3.002  -20.529 -7.678  1.00 12.14 ? 24  LEU A O   1 
ATOM   112  C CB  . LEU A 1 24  ? -5.594  -22.511 -8.310  1.00 10.42 ? 24  LEU A CB  1 
ATOM   113  C CG  . LEU A 1 24  ? -4.985  -22.367 -9.698  1.00 11.59 ? 24  LEU A CG  1 
ATOM   114  C CD1 . LEU A 1 24  ? -3.726  -23.203 -9.875  1.00 14.29 ? 24  LEU A CD1 1 
ATOM   115  C CD2 . LEU A 1 24  ? -6.012  -22.785 -10.720 1.00 11.95 ? 24  LEU A CD2 1 
ATOM   116  N N   . ILE A 1 25  ? -4.905  -19.817 -6.754  1.00 12.17 ? 25  ILE A N   1 
ATOM   117  C CA  . ILE A 1 25  ? -4.441  -18.438 -6.696  1.00 13.22 ? 25  ILE A CA  1 
ATOM   118  C C   . ILE A 1 25  ? -3.235  -18.314 -5.777  1.00 11.37 ? 25  ILE A C   1 
ATOM   119  O O   . ILE A 1 25  ? -2.269  -17.649 -6.097  1.00 12.82 ? 25  ILE A O   1 
ATOM   120  C CB  . ILE A 1 25  ? -5.568  -17.496 -6.225  1.00 13.45 ? 25  ILE A CB  1 
ATOM   121  C CG1 . ILE A 1 25  ? -6.701  -17.483 -7.250  1.00 19.62 ? 25  ILE A CG1 1 
ATOM   122  C CG2 . ILE A 1 25  ? -4.997  -16.101 -6.013  1.00 16.16 ? 25  ILE A CG2 1 
ATOM   123  C CD1 . ILE A 1 25  ? -7.975  -16.795 -6.760  1.00 22.10 ? 25  ILE A CD1 1 
ATOM   124  N N   . ARG A 1 26  ? -3.295  -18.988 -4.633  1.00 12.28 ? 26  ARG A N   1 
ATOM   125  C CA  . ARG A 1 26  ? -2.172  -19.005 -3.709  1.00 12.93 ? 26  ARG A CA  1 
ATOM   126  C C   . ARG A 1 26  ? -0.885  -19.530 -4.356  1.00 13.42 ? 26  ARG A C   1 
ATOM   127  O O   . ARG A 1 26  ? 0.183   -18.915 -4.237  1.00 12.42 ? 26  ARG A O   1 
ATOM   128  C CB  . ARG A 1 26  ? -2.538  -19.834 -2.498  1.00 14.50 ? 26  ARG A CB  1 
ATOM   129  C CG  . ARG A 1 26  ? -1.586  -19.705 -1.331  1.00 17.12 ? 26  ARG A CG  1 
ATOM   130  C CD  . ARG A 1 26  ? -2.100  -20.369 -0.074  1.00 16.63 ? 26  ARG A CD  1 
ATOM   131  N NE  . ARG A 1 26  ? -2.313  -21.796 -0.274  1.00 23.90 ? 26  ARG A NE  1 
ATOM   132  C CZ  . ARG A 1 26  ? -3.484  -22.401 -0.140  1.00 24.05 ? 26  ARG A CZ  1 
ATOM   133  N NH1 . ARG A 1 26  ? -4.567  -21.710 0.206   1.00 24.28 ? 26  ARG A NH1 1 
ATOM   134  N NH2 . ARG A 1 26  ? -3.573  -23.704 -0.334  1.00 21.81 ? 26  ARG A NH2 1 
ATOM   135  N N   . MET A 1 27  ? -0.987  -20.662 -5.040  1.00 12.85 ? 27  MET A N   1 
ATOM   136  C CA  . MET A 1 27  ? 0.177   -21.283 -5.664  1.00 12.41 ? 27  MET A CA  1 
ATOM   137  C C   . MET A 1 27  ? 0.701   -20.390 -6.784  1.00 11.35 ? 27  MET A C   1 
ATOM   138  O O   . MET A 1 27  ? 1.915   -20.210 -6.929  1.00 11.62 ? 27  MET A O   1 
ATOM   139  C CB  . MET A 1 27  ? -0.166  -22.638 -6.274  1.00 15.51 ? 27  MET A CB  1 
ATOM   140  C CG  . MET A 1 27  ? -0.551  -23.730 -5.307  1.00 19.26 ? 27  MET A CG  1 
ATOM   141  S SD  . MET A 1 27  ? -1.303  -25.119 -6.225  1.00 25.92 ? 27  MET A SD  1 
ATOM   142  C CE  . MET A 1 27  ? -0.637  -24.810 -7.826  1.00 11.29 ? 27  MET A CE  1 
ATOM   143  N N   . ASP A 1 28  ? -0.200  -19.817 -7.576  1.00 11.55 ? 28  ASP A N   1 
ATOM   144  C CA  . ASP A 1 28  ? 0.236   -19.014 -8.693  1.00 12.78 ? 28  ASP A CA  1 
ATOM   145  C C   . ASP A 1 28  ? 0.893   -17.737 -8.203  1.00 11.05 ? 28  ASP A C   1 
ATOM   146  O O   . ASP A 1 28  ? 1.907   -17.297 -8.753  1.00 13.29 ? 28  ASP A O   1 
ATOM   147  C CB  . ASP A 1 28  ? -0.904  -18.714 -9.650  1.00 12.93 ? 28  ASP A CB  1 
ATOM   148  C CG  . ASP A 1 28  ? -1.324  -19.925 -10.455 1.00 15.08 ? 28  ASP A CG  1 
ATOM   149  O OD1 . ASP A 1 28  ? -0.584  -20.929 -10.498 1.00 15.47 ? 28  ASP A OD1 1 
ATOM   150  O OD2 . ASP A 1 28  ? -2.402  -19.935 -11.071 1.00 18.29 ? 28  ASP A OD2 1 
ATOM   151  N N   . LEU A 1 29  ? 0.341   -17.162 -7.140  1.00 10.98 ? 29  LEU A N   1 
ATOM   152  C CA  . LEU A 1 29  ? 0.901   -15.936 -6.565  1.00 12.04 ? 29  LEU A CA  1 
ATOM   153  C C   . LEU A 1 29  ? 2.299   -16.222 -6.002  1.00 13.59 ? 29  LEU A C   1 
ATOM   154  O O   . LEU A 1 29  ? 3.250   -15.467 -6.252  1.00 11.96 ? 29  LEU A O   1 
ATOM   155  C CB  . LEU A 1 29  ? -0.029  -15.402 -5.475  1.00 11.98 ? 29  LEU A CB  1 
ATOM   156  C CG  . LEU A 1 29  ? 0.515   -14.243 -4.661  1.00 12.38 ? 29  LEU A CG  1 
ATOM   157  C CD1 . LEU A 1 29  ? 0.766   -13.013 -5.535  1.00 14.40 ? 29  LEU A CD1 1 
ATOM   158  C CD2 . LEU A 1 29  ? -0.496  -13.935 -3.558  1.00 15.84 ? 29  LEU A CD2 1 
ATOM   159  N N   . ALA A 1 30  ? 2.438   -17.313 -5.255  1.00 11.65 ? 30  ALA A N   1 
ATOM   160  C CA  . ALA A 1 30  ? 3.742   -17.654 -4.703  1.00 12.57 ? 30  ALA A CA  1 
ATOM   161  C C   . ALA A 1 30  ? 4.787   -17.832 -5.787  1.00 13.21 ? 30  ALA A C   1 
ATOM   162  O O   . ALA A 1 30  ? 5.910   -17.374 -5.657  1.00 13.13 ? 30  ALA A O   1 
ATOM   163  C CB  . ALA A 1 30  ? 3.657   -18.889 -3.855  1.00 13.81 ? 30  ALA A CB  1 
ATOM   164  N N   . GLU A 1 31  ? 4.411   -18.507 -6.858  1.00 11.26 ? 31  GLU A N   1 
ATOM   165  C CA  . GLU A 1 31  ? 5.338   -18.731 -7.967  1.00 11.34 ? 31  GLU A CA  1 
ATOM   166  C C   . GLU A 1 31  ? 5.788   -17.435 -8.652  1.00 14.50 ? 31  GLU A C   1 
ATOM   167  O O   . GLU A 1 31  ? 6.984   -17.251 -8.887  1.00 13.62 ? 31  GLU A O   1 
ATOM   168  C CB  . GLU A 1 31  ? 4.731   -19.716 -8.965  1.00 12.23 ? 31  GLU A CB  1 
ATOM   169  C CG  . GLU A 1 31  ? 5.456   -19.854 -10.313 1.00 14.55 ? 31  GLU A CG  1 
ATOM   170  C CD  . GLU A 1 31  ? 6.858   -20.399 -10.214 1.00 21.17 ? 31  GLU A CD  1 
ATOM   171  O OE1 . GLU A 1 31  ? 7.160   -21.119 -9.228  1.00 20.06 ? 31  GLU A OE1 1 
ATOM   172  O OE2 . GLU A 1 31  ? 7.667   -20.111 -11.145 1.00 21.97 ? 31  GLU A OE2 1 
ATOM   173  N N   . MET A 1 32  ? 4.840   -16.566 -8.975  1.00 13.05 ? 32  MET A N   1 
ATOM   174  C CA  . MET A 1 32  ? 5.106   -15.230 -9.521  1.00 15.21 ? 32  MET A CA  1 
ATOM   175  C C   . MET A 1 32  ? 6.130   -14.513 -8.669  1.00 14.89 ? 32  MET A C   1 
ATOM   176  O O   . MET A 1 32  ? 7.077   -13.900 -9.165  1.00 14.94 ? 32  MET A O   1 
ATOM   177  C CB  . MET A 1 32  ? 3.846   -14.373 -9.413  1.00 20.41 ? 32  MET A CB  1 
ATOM   178  C CG  . MET A 1 32  ? 2.937   -14.493 -10.540 1.00 24.91 ? 32  MET A CG  1 
ATOM   179  S SD  . MET A 1 32  ? 1.626   -13.348 -10.278 1.00 17.57 ? 32  MET A SD  1 
ATOM   180  C CE  . MET A 1 32  ? 0.443   -14.262 -11.105 1.00 18.76 ? 32  MET A CE  1 
ATOM   181  N N   . LEU A 1 33  ? 5.882   -14.529 -7.374  1.00 12.95 ? 33  LEU A N   1 
ATOM   182  C CA  . LEU A 1 33  ? 6.716   -13.774 -6.451  1.00 12.81 ? 33  LEU A CA  1 
ATOM   183  C C   . LEU A 1 33  ? 8.119   -14.344 -6.406  1.00 14.94 ? 33  LEU A C   1 
ATOM   184  O O   . LEU A 1 33  ? 9.093   -13.600 -6.449  1.00 13.28 ? 33  LEU A O   1 
ATOM   185  C CB  . LEU A 1 33  ? 6.105   -13.772 -5.042  1.00 12.09 ? 33  LEU A CB  1 
ATOM   186  C CG  . LEU A 1 33  ? 4.860   -12.916 -4.854  1.00 14.44 ? 33  LEU A CG  1 
ATOM   187  C CD1 . LEU A 1 33  ? 4.142   -13.307 -3.588  1.00 13.73 ? 33  LEU A CD1 1 
ATOM   188  C CD2 . LEU A 1 33  ? 5.206   -11.442 -4.824  1.00 15.50 ? 33  LEU A CD2 1 
ATOM   189  N N   . ARG A 1 34  ? 8.246   -15.666 -6.340  1.00 13.59 ? 34  ARG A N   1 
ATOM   190  C CA  . ARG A 1 34  ? 9.570   -16.278 -6.342  1.00 13.83 ? 34  ARG A CA  1 
ATOM   191  C C   . ARG A 1 34  ? 10.328  -15.936 -7.616  1.00 15.88 ? 34  ARG A C   1 
ATOM   192  O O   . ARG A 1 34  ? 11.540  -15.702 -7.571  1.00 14.51 ? 34  ARG A O   1 
ATOM   193  C CB  . ARG A 1 34  ? 9.478   -17.796 -6.170  1.00 17.26 ? 34  ARG A CB  1 
ATOM   194  C CG  . ARG A 1 34  ? 9.175   -18.241 -4.729  1.00 17.58 ? 34  ARG A CG  1 
ATOM   195  C CD  . ARG A 1 34  ? 9.307   -19.744 -4.509  1.00 20.59 ? 34  ARG A CD  1 
ATOM   196  N NE  . ARG A 1 34  ? 8.414   -20.470 -5.409  1.00 21.89 ? 34  ARG A NE  1 
ATOM   197  C CZ  . ARG A 1 34  ? 7.226   -20.957 -5.057  1.00 21.75 ? 34  ARG A CZ  1 
ATOM   198  N NH1 . ARG A 1 34  ? 6.785   -20.821 -3.813  1.00 22.33 ? 34  ARG A NH1 1 
ATOM   199  N NH2 . ARG A 1 34  ? 6.476   -21.576 -5.953  1.00 25.48 ? 34  ARG A NH2 1 
ATOM   200  N N   . GLU A 1 35  ? 9.622   -15.906 -8.744  1.00 10.85 ? 35  GLU A N   1 
ATOM   201  C CA  . GLU A 1 35  ? 10.266  -15.642 -10.033 1.00 15.81 ? 35  GLU A CA  1 
ATOM   202  C C   . GLU A 1 35  ? 10.816  -14.215 -10.082 1.00 15.57 ? 35  GLU A C   1 
ATOM   203  O O   . GLU A 1 35  ? 11.737  -13.925 -10.860 1.00 18.09 ? 35  GLU A O   1 
ATOM   204  C CB  . GLU A 1 35  ? 9.283   -15.849 -11.192 1.00 16.73 ? 35  GLU A CB  1 
ATOM   205  C CG  . GLU A 1 35  ? 8.927   -17.306 -11.469 1.00 19.94 ? 35  GLU A CG  1 
ATOM   206  C CD  . GLU A 1 35  ? 7.850   -17.464 -12.530 1.00 26.10 ? 35  GLU A CD  1 
ATOM   207  O OE1 . GLU A 1 35  ? 7.551   -16.472 -13.238 1.00 31.53 ? 35  GLU A OE1 1 
ATOM   208  O OE2 . GLU A 1 35  ? 7.313   -18.588 -12.659 1.00 25.46 ? 35  GLU A OE2 1 
ATOM   209  N N   . GLU A 1 36  ? 10.234  -13.320 -9.295  1.00 17.18 ? 36  GLU A N   1 
ATOM   210  C CA  . GLU A 1 36  ? 10.634  -11.916 -9.336  1.00 17.45 ? 36  GLU A CA  1 
ATOM   211  C C   . GLU A 1 36  ? 11.506  -11.573 -8.140  1.00 18.48 ? 36  GLU A C   1 
ATOM   212  O O   . GLU A 1 36  ? 11.717  -10.388 -7.847  1.00 21.86 ? 36  GLU A O   1 
ATOM   213  C CB  . GLU A 1 36  ? 9.411   -11.000 -9.395  1.00 18.44 ? 36  GLU A CB  1 
ATOM   214  C CG  . GLU A 1 36  ? 8.593   -11.093 -10.686 1.00 22.60 ? 36  GLU A CG  1 
ATOM   215  C CD  . GLU A 1 36  ? 9.419   -11.245 -11.960 1.00 30.73 ? 36  GLU A CD  1 
ATOM   216  O OE1 . GLU A 1 36  ? 9.100   -12.145 -12.780 1.00 33.78 ? 36  GLU A OE1 1 
ATOM   217  O OE2 . GLU A 1 36  ? 10.367  -10.465 -12.163 1.00 38.65 ? 36  GLU A OE2 1 
ATOM   218  N N   . GLY A 1 37  ? 11.996  -12.608 -7.452  1.00 17.24 ? 37  GLY A N   1 
ATOM   219  C CA  . GLY A 1 37  ? 13.058  -12.481 -6.470  1.00 18.59 ? 37  GLY A CA  1 
ATOM   220  C C   . GLY A 1 37  ? 12.579  -12.239 -5.043  1.00 18.68 ? 37  GLY A C   1 
ATOM   221  O O   . GLY A 1 37  ? 13.353  -11.783 -4.197  1.00 20.94 ? 37  GLY A O   1 
ATOM   222  N N   . TYR A 1 38  ? 11.305  -12.513 -4.776  1.00 15.90 ? 38  TYR A N   1 
ATOM   223  C CA  . TYR A 1 38  ? 10.790  -12.465 -3.414  1.00 15.75 ? 38  TYR A CA  1 
ATOM   224  C C   . TYR A 1 38  ? 10.992  -13.775 -2.650  1.00 14.52 ? 38  TYR A C   1 
ATOM   225  O O   . TYR A 1 38  ? 11.098  -14.854 -3.234  1.00 14.33 ? 38  TYR A O   1 
ATOM   226  C CB  . TYR A 1 38  ? 9.301   -12.078 -3.405  1.00 16.36 ? 38  TYR A CB  1 
ATOM   227  C CG  . TYR A 1 38  ? 8.991   -10.684 -3.901  1.00 16.69 ? 38  TYR A CG  1 
ATOM   228  C CD1 . TYR A 1 38  ? 8.828   -9.629  -3.006  1.00 20.29 ? 38  TYR A CD1 1 
ATOM   229  C CD2 . TYR A 1 38  ? 8.835   -10.418 -5.249  1.00 17.77 ? 38  TYR A CD2 1 
ATOM   230  C CE1 . TYR A 1 38  ? 8.527   -8.346  -3.447  1.00 22.77 ? 38  TYR A CE1 1 
ATOM   231  C CE2 . TYR A 1 38  ? 8.544   -9.136  -5.709  1.00 17.40 ? 38  TYR A CE2 1 
ATOM   232  C CZ  . TYR A 1 38  ? 8.385   -8.105  -4.789  1.00 23.74 ? 38  TYR A CZ  1 
ATOM   233  O OH  . TYR A 1 38  ? 8.094   -6.834  -5.221  1.00 27.17 ? 38  TYR A OH  1 
ATOM   234  N N   . GLU A 1 39  ? 11.055  -13.663 -1.327  1.00 14.94 ? 39  GLU A N   1 
ATOM   235  C CA  . GLU A 1 39  ? 11.031  -14.812 -0.435  1.00 15.56 ? 39  GLU A CA  1 
ATOM   236  C C   . GLU A 1 39  ? 9.652   -14.883 0.247   1.00 18.13 ? 39  GLU A C   1 
ATOM   237  O O   . GLU A 1 39  ? 9.209   -13.916 0.877   1.00 16.37 ? 39  GLU A O   1 
ATOM   238  C CB  . GLU A 1 39  ? 12.138  -14.651 0.612   1.00 18.55 ? 39  GLU A CB  1 
ATOM   239  C CG  . GLU A 1 39  ? 12.299  -15.814 1.578   1.00 19.95 ? 39  GLU A CG  1 
ATOM   240  C CD  . GLU A 1 39  ? 13.197  -15.479 2.755   1.00 28.13 ? 39  GLU A CD  1 
ATOM   241  O OE1 . GLU A 1 39  ? 13.877  -14.427 2.714   1.00 26.24 ? 39  GLU A OE1 1 
ATOM   242  O OE2 . GLU A 1 39  ? 13.223  -16.276 3.716   1.00 31.44 ? 39  GLU A OE2 1 
ATOM   243  N N   . ILE A 1 40  ? 8.980   -16.023 0.129   1.00 15.41 ? 40  ILE A N   1 
ATOM   244  C CA  . ILE A 1 40  ? 7.733   -16.249 0.863   1.00 14.62 ? 40  ILE A CA  1 
ATOM   245  C C   . ILE A 1 40  ? 7.989   -16.647 2.303   1.00 15.63 ? 40  ILE A C   1 
ATOM   246  O O   . ILE A 1 40  ? 8.522   -17.719 2.568   1.00 18.29 ? 40  ILE A O   1 
ATOM   247  C CB  . ILE A 1 40  ? 6.875   -17.319 0.169   1.00 15.38 ? 40  ILE A CB  1 
ATOM   248  C CG1 . ILE A 1 40  ? 6.896   -17.129 -1.352  1.00 19.62 ? 40  ILE A CG1 1 
ATOM   249  C CG2 . ILE A 1 40  ? 5.457   -17.286 0.724   1.00 18.47 ? 40  ILE A CG2 1 
ATOM   250  C CD1 . ILE A 1 40  ? 6.172   -15.920 -1.824  1.00 18.60 ? 40  ILE A CD1 1 
ATOM   251  N N   . VAL A 1 41  ? 7.605   -15.794 3.245   1.00 13.16 ? 41  VAL A N   1 
ATOM   252  C CA  . VAL A 1 41  ? 7.869   -16.104 4.653   1.00 15.18 ? 41  VAL A CA  1 
ATOM   253  C C   . VAL A 1 41  ? 6.633   -16.613 5.377   1.00 14.90 ? 41  VAL A C   1 
ATOM   254  O O   . VAL A 1 41  ? 6.716   -17.001 6.545   1.00 20.18 ? 41  VAL A O   1 
ATOM   255  C CB  . VAL A 1 41  ? 8.504   -14.934 5.436   1.00 15.64 ? 41  VAL A CB  1 
ATOM   256  C CG1 . VAL A 1 41  ? 9.875   -14.586 4.858   1.00 21.02 ? 41  VAL A CG1 1 
ATOM   257  C CG2 . VAL A 1 41  ? 7.586   -13.709 5.449   1.00 17.73 ? 41  VAL A CG2 1 
ATOM   258  N N   . GLY A 1 42  ? 5.495   -16.634 4.692   1.00 16.24 ? 42  GLY A N   1 
ATOM   259  C CA  . GLY A 1 42  ? 4.305   -17.250 5.253   1.00 14.59 ? 42  GLY A CA  1 
ATOM   260  C C   . GLY A 1 42  ? 3.194   -17.398 4.241   1.00 12.35 ? 42  GLY A C   1 
ATOM   261  O O   . GLY A 1 42  ? 3.100   -16.626 3.296   1.00 15.31 ? 42  GLY A O   1 
ATOM   262  N N   . GLU A 1 43  ? 2.352   -18.406 4.446   1.00 16.01 ? 43  GLU A N   1 
ATOM   263  C CA  . GLU A 1 43  ? 1.141   -18.578 3.654   1.00 16.25 ? 43  GLU A CA  1 
ATOM   264  C C   . GLU A 1 43  ? -0.046  -18.811 4.573   1.00 19.01 ? 43  GLU A C   1 
ATOM   265  O O   . GLU A 1 43  ? -0.180  -19.873 5.180   1.00 20.31 ? 43  GLU A O   1 
ATOM   266  C CB  . GLU A 1 43  ? 1.296   -19.731 2.658   1.00 17.92 ? 43  GLU A CB  1 
ATOM   267  C CG  . GLU A 1 43  ? 2.302   -19.448 1.555   1.00 19.06 ? 43  GLU A CG  1 
ATOM   268  C CD  . GLU A 1 43  ? 2.244   -20.467 0.437   1.00 27.87 ? 43  GLU A CD  1 
ATOM   269  O OE1 . GLU A 1 43  ? 1.308   -21.292 0.448   1.00 31.04 ? 43  GLU A OE1 1 
ATOM   270  O OE2 . GLU A 1 43  ? 3.136   -20.438 -0.443  1.00 25.99 ? 43  GLU A OE2 1 
ATOM   271  N N   . ALA A 1 44  ? -0.900  -17.802 4.696   1.00 18.52 ? 44  ALA A N   1 
ATOM   272  C CA  . ALA A 1 44  ? -2.097  -17.927 5.519   1.00 18.31 ? 44  ALA A CA  1 
ATOM   273  C C   . ALA A 1 44  ? -3.278  -18.308 4.626   1.00 18.68 ? 44  ALA A C   1 
ATOM   274  O O   . ALA A 1 44  ? -3.332  -17.963 3.444   1.00 21.26 ? 44  ALA A O   1 
ATOM   275  C CB  . ALA A 1 44  ? -2.371  -16.612 6.266   1.00 21.08 ? 44  ALA A CB  1 
ATOM   276  N N   . GLY A 1 45  ? -4.204  -19.071 5.183   1.00 22.58 ? 45  GLY A N   1 
ATOM   277  C CA  . GLY A 1 45  ? -5.425  -19.403 4.477   1.00 22.28 ? 45  GLY A CA  1 
ATOM   278  C C   . GLY A 1 45  ? -6.641  -18.863 5.201   1.00 25.27 ? 45  GLY A C   1 
ATOM   279  O O   . GLY A 1 45  ? -7.769  -19.082 4.754   1.00 26.56 ? 45  GLY A O   1 
ATOM   280  N N   . ASP A 1 46  ? -6.415  -18.159 6.311   1.00 24.69 ? 46  ASP A N   1 
ATOM   281  C CA  . ASP A 1 46  ? -7.470  -17.364 6.935   1.00 22.70 ? 46  ASP A CA  1 
ATOM   282  C C   . ASP A 1 46  ? -6.975  -16.034 7.530   1.00 22.99 ? 46  ASP A C   1 
ATOM   283  O O   . ASP A 1 46  ? -5.780  -15.844 7.786   1.00 21.30 ? 46  ASP A O   1 
ATOM   284  C CB  . ASP A 1 46  ? -8.196  -18.183 7.991   1.00 23.16 ? 46  ASP A CB  1 
ATOM   285  C CG  . ASP A 1 46  ? -7.418  -18.287 9.267   1.00 22.72 ? 46  ASP A CG  1 
ATOM   286  O OD1 . ASP A 1 46  ? -7.385  -17.290 10.016  1.00 23.58 ? 46  ASP A OD1 1 
ATOM   287  O OD2 . ASP A 1 46  ? -6.823  -19.332 9.619   1.00 35.65 ? 46  ASP A OD2 1 
ATOM   288  N N   . GLY A 1 47  ? -7.915  -15.115 7.726   1.00 17.49 ? 47  GLY A N   1 
ATOM   289  C CA  . GLY A 1 47  ? -7.600  -13.743 8.069   1.00 12.86 ? 47  GLY A CA  1 
ATOM   290  C C   . GLY A 1 47  ? -6.980  -13.598 9.448   1.00 12.67 ? 47  GLY A C   1 
ATOM   291  O O   . GLY A 1 47  ? -6.188  -12.690 9.683   1.00 12.77 ? 47  GLY A O   1 
ATOM   292  N N   . GLN A 1 48  ? -7.323  -14.492 10.364  1.00 13.20 ? 48  GLN A N   1 
ATOM   293  C CA  . GLN A 1 48  ? -6.760  -14.426 11.697  1.00 14.36 ? 48  GLN A CA  1 
ATOM   294  C C   . GLN A 1 48  ? -5.292  -14.853 11.679  1.00 15.76 ? 48  GLN A C   1 
ATOM   295  O O   . GLN A 1 48  ? -4.442  -14.189 12.276  1.00 14.08 ? 48  GLN A O   1 
ATOM   296  C CB  . GLN A 1 48  ? -7.563  -15.301 12.660  1.00 17.25 ? 48  GLN A CB  1 
ATOM   297  C CG  . GLN A 1 48  ? -7.016  -15.340 14.085  1.00 20.24 ? 48  GLN A CG  1 
ATOM   298  C CD  . GLN A 1 48  ? -6.957  -13.965 14.750  1.00 24.14 ? 48  GLN A CD  1 
ATOM   299  O OE1 . GLN A 1 48  ? -6.151  -13.745 15.657  1.00 34.41 ? 48  GLN A OE1 1 
ATOM   300  N NE2 . GLN A 1 48  ? -7.809  -13.044 14.304  1.00 34.99 ? 48  GLN A NE2 1 
ATOM   301  N N   . GLU A 1 49  ? -4.991  -15.950 10.990  1.00 16.81 ? 49  GLU A N   1 
ATOM   302  C CA  . GLU A 1 49  ? -3.597  -16.353 10.844  1.00 17.57 ? 49  GLU A CA  1 
ATOM   303  C C   . GLU A 1 49  ? -2.804  -15.236 10.180  1.00 15.73 ? 49  GLU A C   1 
ATOM   304  O O   . GLU A 1 49  ? -1.654  -15.012 10.526  1.00 15.32 ? 49  GLU A O   1 
ATOM   305  C CB  . GLU A 1 49  ? -3.429  -17.666 10.063  1.00 18.67 ? 49  GLU A CB  1 
ATOM   306  C CG  . GLU A 1 49  ? -2.165  -18.412 10.493  1.00 23.23 ? 49  GLU A CG  1 
ATOM   307  C CD  . GLU A 1 49  ? -1.871  -19.664 9.685   1.00 27.30 ? 49  GLU A CD  1 
ATOM   308  O OE1 . GLU A 1 49  ? -0.985  -20.444 10.108  1.00 27.20 ? 49  GLU A OE1 1 
ATOM   309  O OE2 . GLU A 1 49  ? -2.515  -19.871 8.639   1.00 21.37 ? 49  GLU A OE2 1 
ATOM   310  N N   . ALA A 1 50  ? -3.422  -14.532 9.237   1.00 14.91 ? 50  ALA A N   1 
ATOM   311  C CA  . ALA A 1 50  ? -2.716  -13.481 8.492   1.00 14.80 ? 50  ALA A CA  1 
ATOM   312  C C   . ALA A 1 50  ? -2.243  -12.398 9.456   1.00 15.21 ? 50  ALA A C   1 
ATOM   313  O O   . ALA A 1 50  ? -1.086  -11.983 9.421   1.00 14.38 ? 50  ALA A O   1 
ATOM   314  C CB  . ALA A 1 50  ? -3.595  -12.878 7.380   1.00 12.75 ? 50  ALA A CB  1 
ATOM   315  N N   . VAL A 1 51  ? -3.138  -11.938 10.318  1.00 12.67 ? 51  VAL A N   1 
ATOM   316  C CA  . VAL A 1 51  ? -2.768  -10.939 11.307  1.00 11.01 ? 51  VAL A CA  1 
ATOM   317  C C   . VAL A 1 51  ? -1.682  -11.468 12.231  1.00 13.30 ? 51  VAL A C   1 
ATOM   318  O O   . VAL A 1 51  ? -0.707  -10.772 12.518  1.00 13.02 ? 51  VAL A O   1 
ATOM   319  C CB  . VAL A 1 51  ? -4.001  -10.449 12.098  1.00 10.73 ? 51  VAL A CB  1 
ATOM   320  C CG1 . VAL A 1 51  ? -3.590  -9.422  13.122  1.00 16.53 ? 51  VAL A CG1 1 
ATOM   321  C CG2 . VAL A 1 51  ? -5.030  -9.859  11.139  1.00 13.83 ? 51  VAL A CG2 1 
ATOM   322  N N   . GLU A 1 52  ? -1.844  -12.706 12.692  1.00 12.08 ? 52  GLU A N   1 
ATOM   323  C CA  . GLU A 1 52  ? -0.898  -13.303 13.625  1.00 14.65 ? 52  GLU A CA  1 
ATOM   324  C C   . GLU A 1 52  ? 0.503   -13.420 13.015  1.00 13.47 ? 52  GLU A C   1 
ATOM   325  O O   . GLU A 1 52  ? 1.491   -13.119 13.666  1.00 15.41 ? 52  GLU A O   1 
ATOM   326  C CB  . GLU A 1 52  ? -1.382  -14.688 14.052  1.00 17.79 ? 52  GLU A CB  1 
ATOM   327  C CG  . GLU A 1 52  ? -2.259  -14.678 15.287  1.00 20.83 ? 52  GLU A CG  1 
ATOM   328  C CD  . GLU A 1 52  ? -3.014  -15.980 15.482  1.00 26.96 ? 52  GLU A CD  1 
ATOM   329  O OE1 . GLU A 1 52  ? -2.583  -17.021 14.930  1.00 25.71 ? 52  GLU A OE1 1 
ATOM   330  O OE2 . GLU A 1 52  ? -4.045  -15.956 16.187  1.00 21.43 ? 52  GLU A OE2 1 
ATOM   331  N N   . LEU A 1 53  ? 0.575   -13.875 11.777  1.00 12.61 ? 53  LEU A N   1 
ATOM   332  C CA  . LEU A 1 53  ? 1.859   -14.072 11.106  1.00 14.53 ? 53  LEU A CA  1 
ATOM   333  C C   . LEU A 1 53  ? 2.512   -12.731 10.772  1.00 17.52 ? 53  LEU A C   1 
ATOM   334  O O   . LEU A 1 53  ? 3.732   -12.576 10.876  1.00 17.93 ? 53  LEU A O   1 
ATOM   335  C CB  . LEU A 1 53  ? 1.678   -14.952 9.870   1.00 14.77 ? 53  LEU A CB  1 
ATOM   336  C CG  . LEU A 1 53  ? 1.432   -16.442 10.142  1.00 14.10 ? 53  LEU A CG  1 
ATOM   337  C CD1 . LEU A 1 53  ? 1.356   -17.199 8.840   1.00 13.12 ? 53  LEU A CD1 1 
ATOM   338  C CD2 . LEU A 1 53  ? 2.523   -17.012 11.029  1.00 13.14 ? 53  LEU A CD2 1 
ATOM   339  N N   . ALA A 1 54  ? 1.703   -11.749 10.401  1.00 14.61 ? 54  ALA A N   1 
ATOM   340  C CA  . ALA A 1 54  ? 2.238   -10.425 10.131  1.00 11.25 ? 54  ALA A CA  1 
ATOM   341  C C   . ALA A 1 54  ? 2.896   -9.844  11.377  1.00 14.24 ? 54  ALA A C   1 
ATOM   342  O O   . ALA A 1 54  ? 3.952   -9.220  11.308  1.00 14.74 ? 54  ALA A O   1 
ATOM   343  C CB  . ALA A 1 54  ? 1.143   -9.507  9.597   1.00 13.79 ? 54  ALA A CB  1 
ATOM   344  N N   . GLU A 1 55  ? 2.272   -10.062 12.523  1.00 13.09 ? 55  GLU A N   1 
ATOM   345  C CA  . GLU A 1 55  ? 2.855   -9.686  13.809  1.00 16.44 ? 55  GLU A CA  1 
ATOM   346  C C   . GLU A 1 55  ? 4.065   -10.543 14.197  1.00 13.95 ? 55  GLU A C   1 
ATOM   347  O O   . GLU A 1 55  ? 5.028   -10.024 14.765  1.00 20.19 ? 55  GLU A O   1 
ATOM   348  C CB  . GLU A 1 55  ? 1.778   -9.726  14.889  1.00 16.61 ? 55  GLU A CB  1 
ATOM   349  C CG  . GLU A 1 55  ? 0.729   -8.628  14.717  1.00 21.27 ? 55  GLU A CG  1 
ATOM   350  C CD  . GLU A 1 55  ? -0.431  -8.739  15.699  1.00 31.60 ? 55  GLU A CD  1 
ATOM   351  O OE1 . GLU A 1 55  ? -1.405  -7.966  15.557  1.00 35.53 ? 55  GLU A OE1 1 
ATOM   352  O OE2 . GLU A 1 55  ? -0.376  -9.598  16.610  1.00 40.20 ? 55  GLU A OE2 1 
ATOM   353  N N   . LEU A 1 56  ? 4.042   -11.835 13.867  1.00 15.93 ? 56  LEU A N   1 
ATOM   354  C CA  . LEU A 1 56  ? 5.116   -12.734 14.294  1.00 15.63 ? 56  LEU A CA  1 
ATOM   355  C C   . LEU A 1 56  ? 6.390   -12.461 13.506  1.00 17.30 ? 56  LEU A C   1 
ATOM   356  O O   . LEU A 1 56  ? 7.481   -12.326 14.083  1.00 17.47 ? 56  LEU A O   1 
ATOM   357  C CB  . LEU A 1 56  ? 4.716   -14.208 14.122  1.00 15.16 ? 56  LEU A CB  1 
ATOM   358  C CG  . LEU A 1 56  ? 5.779   -15.236 14.558  1.00 14.31 ? 56  LEU A CG  1 
ATOM   359  C CD1 . LEU A 1 56  ? 6.136   -15.081 16.022  1.00 14.98 ? 56  LEU A CD1 1 
ATOM   360  C CD2 . LEU A 1 56  ? 5.308   -16.653 14.268  1.00 14.12 ? 56  LEU A CD2 1 
ATOM   361  N N   . HIS A 1 57  ? 6.238   -12.370 12.190  1.00 16.75 ? 57  HIS A N   1 
ATOM   362  C CA  . HIS A 1 57  ? 7.361   -12.438 11.273  1.00 16.59 ? 57  HIS A CA  1 
ATOM   363  C C   . HIS A 1 57  ? 7.754   -11.031 10.799  1.00 15.84 ? 57  HIS A C   1 
ATOM   364  O O   . HIS A 1 57  ? 8.857   -10.850 10.308  1.00 17.33 ? 57  HIS A O   1 
ATOM   365  C CB  . HIS A 1 57  ? 7.029   -13.327 10.063  1.00 18.39 ? 57  HIS A CB  1 
ATOM   366  C CG  . HIS A 1 57  ? 6.906   -14.782 10.397  1.00 27.38 ? 57  HIS A CG  1 
ATOM   367  N ND1 . HIS A 1 57  ? 6.172   -15.664 9.630   1.00 31.82 ? 57  HIS A ND1 1 
ATOM   368  C CD2 . HIS A 1 57  ? 7.430   -15.509 11.410  1.00 24.97 ? 57  HIS A CD2 1 
ATOM   369  C CE1 . HIS A 1 57  ? 6.247   -16.872 10.165  1.00 24.54 ? 57  HIS A CE1 1 
ATOM   370  N NE2 . HIS A 1 57  ? 7.005   -16.805 11.245  1.00 29.06 ? 57  HIS A NE2 1 
ATOM   371  N N   . LYS A 1 58  ? 6.853   -10.051 10.958  1.00 12.41 ? 58  LYS A N   1 
ATOM   372  C CA  . LYS A 1 58  ? 7.057   -8.681  10.461  1.00 9.56  ? 58  LYS A CA  1 
ATOM   373  C C   . LYS A 1 58  ? 7.595   -8.677  9.032   1.00 13.30 ? 58  LYS A C   1 
ATOM   374  O O   . LYS A 1 58  ? 8.695   -8.195  8.789   1.00 12.26 ? 58  LYS A O   1 
ATOM   375  C CB  . LYS A 1 58  ? 7.988   -7.871  11.376  1.00 10.70 ? 58  LYS A CB  1 
ATOM   376  C CG  . LYS A 1 58  ? 7.533   -7.760  12.850  1.00 11.30 ? 58  LYS A CG  1 
ATOM   377  C CD  . LYS A 1 58  ? 6.279   -6.908  12.973  1.00 15.97 ? 58  LYS A CD  1 
ATOM   378  C CE  . LYS A 1 58  ? 5.914   -6.616  14.424  1.00 16.53 ? 58  LYS A CE  1 
ATOM   379  N NZ  . LYS A 1 58  ? 6.433   -7.623  15.400  1.00 25.36 ? 58  LYS A NZ  1 
ATOM   380  N N   . PRO A 1 59  ? 6.789   -9.158  8.094   1.00 11.17 ? 59  PRO A N   1 
ATOM   381  C CA  . PRO A 1 59  ? 7.188   -9.237  6.682   1.00 10.97 ? 59  PRO A CA  1 
ATOM   382  C C   . PRO A 1 59  ? 7.398   -7.855  6.079   1.00 10.65 ? 59  PRO A C   1 
ATOM   383  O O   . PRO A 1 59  ? 6.980   -6.841  6.651   1.00 11.20 ? 59  PRO A O   1 
ATOM   384  C CB  . PRO A 1 59  ? 6.001   -9.937  6.018   1.00 12.48 ? 59  PRO A CB  1 
ATOM   385  C CG  . PRO A 1 59  ? 4.846   -9.533  6.863   1.00 11.57 ? 59  PRO A CG  1 
ATOM   386  C CD  . PRO A 1 59  ? 5.386   -9.557  8.289   1.00 13.41 ? 59  PRO A CD  1 
ATOM   387  N N   . ASP A 1 60  ? 8.044   -7.819  4.916   1.00 11.76 ? 60  ASP A N   1 
ATOM   388  C CA  . ASP A 1 60  ? 8.236   -6.581  4.164   1.00 12.90 ? 60  ASP A CA  1 
ATOM   389  C C   . ASP A 1 60  ? 7.024   -6.191  3.319   1.00 11.81 ? 60  ASP A C   1 
ATOM   390  O O   . ASP A 1 60  ? 6.928   -5.041  2.854   1.00 13.76 ? 60  ASP A O   1 
ATOM   391  C CB  . ASP A 1 60  ? 9.428   -6.690  3.209   1.00 12.75 ? 60  ASP A CB  1 
ATOM   392  C CG  . ASP A 1 60  ? 10.734  -6.987  3.890   1.00 15.40 ? 60  ASP A CG  1 
ATOM   393  O OD1 . ASP A 1 60  ? 11.019  -6.467  4.999   1.00 14.10 ? 60  ASP A OD1 1 
ATOM   394  O OD2 . ASP A 1 60  ? 11.593  -7.705  3.344   1.00 17.39 ? 60  ASP A OD2 1 
ATOM   395  N N   . LEU A 1 61  ? 6.104   -7.129  3.126   1.00 11.82 ? 61  LEU A N   1 
ATOM   396  C CA  . LEU A 1 61  ? 4.970   -6.972  2.220   1.00 11.96 ? 61  LEU A CA  1 
ATOM   397  C C   . LEU A 1 61  ? 3.929   -8.050  2.570   1.00 12.56 ? 61  LEU A C   1 
ATOM   398  O O   . LEU A 1 61  ? 4.283   -9.179  2.871   1.00 12.94 ? 61  LEU A O   1 
ATOM   399  C CB  . LEU A 1 61  ? 5.427   -7.165  0.767   1.00 12.85 ? 61  LEU A CB  1 
ATOM   400  C CG  . LEU A 1 61  ? 4.375   -7.101  -0.337  1.00 15.43 ? 61  LEU A CG  1 
ATOM   401  C CD1 . LEU A 1 61  ? 3.685   -5.749  -0.407  1.00 17.14 ? 61  LEU A CD1 1 
ATOM   402  C CD2 . LEU A 1 61  ? 5.006   -7.475  -1.671  1.00 15.35 ? 61  LEU A CD2 1 
ATOM   403  N N   . VAL A 1 62  ? 2.661   -7.676  2.530   1.00 11.28 ? 62  VAL A N   1 
ATOM   404  C CA  . VAL A 1 62  ? 1.539   -8.598  2.707   1.00 12.10 ? 62  VAL A CA  1 
ATOM   405  C C   . VAL A 1 62  ? 0.650   -8.528  1.467   1.00 13.19 ? 62  VAL A C   1 
ATOM   406  O O   . VAL A 1 62  ? 0.317   -7.446  1.000   1.00 13.63 ? 62  VAL A O   1 
ATOM   407  C CB  . VAL A 1 62  ? 0.695   -8.221  3.932   1.00 12.72 ? 62  VAL A CB  1 
ATOM   408  C CG1 . VAL A 1 62  ? -0.480  -9.149  4.069   1.00 14.04 ? 62  VAL A CG1 1 
ATOM   409  C CG2 . VAL A 1 62  ? 1.539   -8.246  5.185   1.00 12.99 ? 62  VAL A CG2 1 
ATOM   410  N N   . ILE A 1 63  ? 0.274   -9.684  0.929   1.00 12.96 ? 63  ILE A N   1 
ATOM   411  C CA  . ILE A 1 63  ? -0.676  -9.759  -0.171  1.00 13.91 ? 63  ILE A CA  1 
ATOM   412  C C   . ILE A 1 63  ? -1.791  -10.694 0.283   1.00 13.28 ? 63  ILE A C   1 
ATOM   413  O O   . ILE A 1 63  ? -1.541  -11.858 0.646   1.00 13.01 ? 63  ILE A O   1 
ATOM   414  C CB  . ILE A 1 63  ? -0.011  -10.286 -1.453  1.00 13.28 ? 63  ILE A CB  1 
ATOM   415  C CG1 . ILE A 1 63  ? 1.160   -9.374  -1.832  1.00 13.70 ? 63  ILE A CG1 1 
ATOM   416  C CG2 . ILE A 1 63  ? -1.036  -10.342 -2.595  1.00 15.16 ? 63  ILE A CG2 1 
ATOM   417  C CD1 . ILE A 1 63  ? 1.944   -9.869  -3.036  1.00 15.44 ? 63  ILE A CD1 1 
ATOM   418  N N   . MET A 1 64  ? -3.018  -10.184 0.303   1.00 13.46 ? 64  MET A N   1 
ATOM   419  C CA  . MET A 1 64  ? -4.127  -10.901 0.931   1.00 13.24 ? 64  MET A CA  1 
ATOM   420  C C   . MET A 1 64  ? -5.444  -10.718 0.181   1.00 13.34 ? 64  MET A C   1 
ATOM   421  O O   . MET A 1 64  ? -5.741  -9.648  -0.348  1.00 13.58 ? 64  MET A O   1 
ATOM   422  C CB  A MET A 1 64  ? -4.275  -10.482 2.398   0.50 14.52 ? 64  MET A CB  1 
ATOM   423  C CB  B MET A 1 64  ? -4.296  -10.465 2.395   0.50 13.86 ? 64  MET A CB  1 
ATOM   424  C CG  A MET A 1 64  ? -4.738  -9.054  2.598   0.50 15.10 ? 64  MET A CG  1 
ATOM   425  C CG  B MET A 1 64  ? -5.556  -11.016 3.072   0.50 11.88 ? 64  MET A CG  1 
ATOM   426  S SD  A MET A 1 64  ? -4.484  -8.496  4.289   0.50 22.81 ? 64  MET A SD  1 
ATOM   427  S SD  B MET A 1 64  ? -5.422  -10.976 4.863   0.50 14.04 ? 64  MET A SD  1 
ATOM   428  C CE  A MET A 1 64  ? -4.442  -10.057 5.158   0.50 19.95 ? 64  MET A CE  1 
ATOM   429  C CE  B MET A 1 64  ? -5.292  -9.232  5.123   0.50 13.48 ? 64  MET A CE  1 
ATOM   430  N N   . ASP A 1 65  ? -6.260  -11.760 0.147   1.00 11.60 ? 65  ASP A N   1 
ATOM   431  C CA  . ASP A 1 65  ? -7.560  -11.668 -0.529  1.00 11.58 ? 65  ASP A CA  1 
ATOM   432  C C   . ASP A 1 65  ? -8.543  -10.809 0.260   1.00 12.70 ? 65  ASP A C   1 
ATOM   433  O O   . ASP A 1 65  ? -8.542  -10.819 1.488   1.00 14.03 ? 65  ASP A O   1 
ATOM   434  C CB  . ASP A 1 65  ? -8.157  -13.059 -0.758  1.00 13.05 ? 65  ASP A CB  1 
ATOM   435  C CG  . ASP A 1 65  ? -9.113  -13.107 -1.945  1.00 13.55 ? 65  ASP A CG  1 
ATOM   436  O OD1 . ASP A 1 65  ? -10.252 -12.656 -1.799  1.00 14.67 ? 65  ASP A OD1 1 
ATOM   437  O OD2 . ASP A 1 65  ? -8.795  -13.577 -3.069  1.00 16.43 ? 65  ASP A OD2 1 
ATOM   438  N N   . VAL A 1 66  ? -9.393  -10.082 -0.458  1.00 12.95 ? 66  VAL A N   1 
ATOM   439  C CA  . VAL A 1 66  ? -10.430 -9.264  0.156   1.00 14.84 ? 66  VAL A CA  1 
ATOM   440  C C   . VAL A 1 66  ? -11.426 -10.125 0.936   1.00 13.69 ? 66  VAL A C   1 
ATOM   441  O O   . VAL A 1 66  ? -11.977 -9.691  1.954   1.00 14.71 ? 66  VAL A O   1 
ATOM   442  C CB  . VAL A 1 66  ? -11.146 -8.413  -0.915  1.00 16.42 ? 66  VAL A CB  1 
ATOM   443  C CG1 . VAL A 1 66  ? -12.035 -9.277  -1.799  1.00 15.55 ? 66  VAL A CG1 1 
ATOM   444  C CG2 . VAL A 1 66  ? -11.930 -7.281  -0.280  1.00 17.20 ? 66  VAL A CG2 1 
ATOM   445  N N   . LYS A 1 67  ? -11.638 -11.353 0.469   1.00 13.40 ? 67  LYS A N   1 
ATOM   446  C CA  . LYS A 1 67  ? -12.443 -12.331 1.202   1.00 17.30 ? 67  LYS A CA  1 
ATOM   447  C C   . LYS A 1 67  ? -11.569 -13.442 1.794   1.00 17.73 ? 67  LYS A C   1 
ATOM   448  O O   . LYS A 1 67  ? -10.807 -14.097 1.090   1.00 19.96 ? 67  LYS A O   1 
ATOM   449  C CB  . LYS A 1 67  ? -13.518 -12.934 0.293   1.00 18.42 ? 67  LYS A CB  1 
ATOM   450  C CG  . LYS A 1 67  ? -14.463 -11.912 -0.316  1.00 22.30 ? 67  LYS A CG  1 
ATOM   451  C CD  . LYS A 1 67  ? -15.759 -11.773 0.461   1.00 29.64 ? 67  LYS A CD  1 
ATOM   452  C CE  . LYS A 1 67  ? -16.377 -10.386 0.269   1.00 29.49 ? 67  LYS A CE  1 
ATOM   453  N NZ  . LYS A 1 67  ? -17.335 -10.042 1.366   1.00 35.13 ? 67  LYS A NZ  1 
ATOM   454  N N   . MET A 1 68  ? -11.669 -13.637 3.106   1.00 17.30 ? 68  MET A N   1 
ATOM   455  C CA  . MET A 1 68  ? -10.930 -14.695 3.795   1.00 17.76 ? 68  MET A CA  1 
ATOM   456  C C   . MET A 1 68  ? -11.859 -15.343 4.813   1.00 17.44 ? 68  MET A C   1 
ATOM   457  O O   . MET A 1 68  ? -12.720 -14.669 5.362   1.00 17.07 ? 68  MET A O   1 
ATOM   458  C CB  . MET A 1 68  ? -9.724  -14.102 4.534   1.00 18.94 ? 68  MET A CB  1 
ATOM   459  C CG  . MET A 1 68  ? -8.700  -13.420 3.645   1.00 25.37 ? 68  MET A CG  1 
ATOM   460  S SD  . MET A 1 68  ? -7.576  -14.599 2.897   1.00 27.60 ? 68  MET A SD  1 
ATOM   461  C CE  . MET A 1 68  ? -7.052  -15.588 4.297   1.00 24.87 ? 68  MET A CE  1 
ATOM   462  N N   . PRO A 1 69  ? -11.683 -16.636 5.078   1.00 16.01 ? 69  PRO A N   1 
ATOM   463  C CA  . PRO A 1 69  ? -12.380 -17.284 6.190   1.00 15.14 ? 69  PRO A CA  1 
ATOM   464  C C   . PRO A 1 69  ? -11.997 -16.651 7.528   1.00 12.47 ? 69  PRO A C   1 
ATOM   465  O O   . PRO A 1 69  ? -10.883 -16.109 7.645   1.00 10.56 ? 69  PRO A O   1 
ATOM   466  C CB  . PRO A 1 69  ? -11.898 -18.740 6.116   1.00 16.04 ? 69  PRO A CB  1 
ATOM   467  C CG  . PRO A 1 69  ? -11.296 -18.905 4.748   1.00 16.60 ? 69  PRO A CG  1 
ATOM   468  C CD  . PRO A 1 69  ? -10.802 -17.568 4.347   1.00 17.28 ? 69  PRO A CD  1 
ATOM   469  N N   . ARG A 1 70  ? -12.928 -16.688 8.477   1.00 16.65 ? 70  ARG A N   1 
ATOM   470  C CA  . ARG A 1 70  ? -12.660 -16.443 9.897   1.00 13.49 ? 70  ARG A CA  1 
ATOM   471  C C   . ARG A 1 70  ? -12.664 -14.945 10.168  1.00 14.41 ? 70  ARG A C   1 
ATOM   472  O O   . ARG A 1 70  ? -13.471 -14.447 10.949  1.00 17.85 ? 70  ARG A O   1 
ATOM   473  C CB  . ARG A 1 70  ? -11.310 -17.039 10.311  1.00 12.02 ? 70  ARG A CB  1 
ATOM   474  C CG  . ARG A 1 70  ? -11.249 -18.553 10.249  1.00 16.22 ? 70  ARG A CG  1 
ATOM   475  C CD  . ARG A 1 70  ? -10.187 -19.171 11.158  1.00 14.42 ? 70  ARG A CD  1 
ATOM   476  N NE  . ARG A 1 70  ? -10.447 -18.939 12.570  1.00 19.27 ? 70  ARG A NE  1 
ATOM   477  C CZ  . ARG A 1 70  ? -11.041 -19.815 13.365  1.00 10.66 ? 70  ARG A CZ  1 
ATOM   478  N NH1 . ARG A 1 70  ? -11.238 -19.528 14.638  1.00 10.94 ? 70  ARG A NH1 1 
ATOM   479  N NH2 . ARG A 1 70  ? -11.437 -20.986 12.888  1.00 8.65  ? 70  ARG A NH2 1 
ATOM   480  N N   . ARG A 1 71  ? -11.758 -14.240 9.514   1.00 17.54 ? 71  ARG A N   1 
ATOM   481  C CA  . ARG A 1 71  ? -11.685 -12.793 9.593   1.00 19.48 ? 71  ARG A CA  1 
ATOM   482  C C   . ARG A 1 71  ? -11.464 -12.311 8.163   1.00 19.33 ? 71  ARG A C   1 
ATOM   483  O O   . ARG A 1 71  ? -10.495 -12.707 7.515   1.00 18.71 ? 71  ARG A O   1 
ATOM   484  C CB  . ARG A 1 71  ? -10.501 -12.398 10.479  1.00 19.83 ? 71  ARG A CB  1 
ATOM   485  C CG  . ARG A 1 71  ? -10.370 -10.921 10.770  1.00 21.25 ? 71  ARG A CG  1 
ATOM   486  C CD  . ARG A 1 71  ? -9.399  -10.633 11.902  1.00 22.62 ? 71  ARG A CD  1 
ATOM   487  N NE  . ARG A 1 71  ? -9.311  -9.212  12.224  1.00 24.77 ? 71  ARG A NE  1 
ATOM   488  C CZ  . ARG A 1 71  ? -8.509  -8.717  13.154  1.00 22.56 ? 71  ARG A CZ  1 
ATOM   489  N NH1 . ARG A 1 71  ? -7.720  -9.528  13.850  1.00 19.65 ? 71  ARG A NH1 1 
ATOM   490  N NH2 . ARG A 1 71  ? -8.492  -7.411  13.389  1.00 26.43 ? 71  ARG A NH2 1 
ATOM   491  N N   . ASP A 1 72  ? -12.382 -11.503 7.648   1.00 23.01 ? 72  ASP A N   1 
ATOM   492  C CA  . ASP A 1 72  ? -12.332 -11.178 6.223   1.00 22.80 ? 72  ASP A CA  1 
ATOM   493  C C   . ASP A 1 72  ? -11.089 -10.356 5.943   1.00 25.50 ? 72  ASP A C   1 
ATOM   494  O O   . ASP A 1 72  ? -10.548 -9.705  6.832   1.00 24.94 ? 72  ASP A O   1 
ATOM   495  C CB  A ASP A 1 72  ? -13.591 -10.433 5.767   0.65 25.06 ? 72  ASP A CB  1 
ATOM   496  C CB  B ASP A 1 72  ? -13.592 -10.414 5.794   0.35 24.14 ? 72  ASP A CB  1 
ATOM   497  C CG  A ASP A 1 72  ? -14.420 -11.238 4.774   0.65 25.70 ? 72  ASP A CG  1 
ATOM   498  C CG  B ASP A 1 72  ? -13.678 -9.031  6.415   0.35 22.05 ? 72  ASP A CG  1 
ATOM   499  O OD1 A ASP A 1 72  ? -13.878 -12.192 4.173   0.65 22.22 ? 72  ASP A OD1 1 
ATOM   500  O OD1 B ASP A 1 72  ? -12.778 -8.208  6.157   0.35 22.23 ? 72  ASP A OD1 1 
ATOM   501  O OD2 A ASP A 1 72  ? -15.622 -10.993 4.536   0.65 26.92 ? 72  ASP A OD2 1 
ATOM   502  O OD2 B ASP A 1 72  ? -14.607 -8.672  7.169   0.35 23.58 ? 72  ASP A OD2 1 
ATOM   503  N N   . GLY A 1 73  ? -10.623 -10.406 4.703   1.00 24.82 ? 73  GLY A N   1 
ATOM   504  C CA  . GLY A 1 73  ? -9.340  -9.826  4.365   1.00 26.69 ? 73  GLY A CA  1 
ATOM   505  C C   . GLY A 1 73  ? -9.285  -8.333  4.616   1.00 25.63 ? 73  GLY A C   1 
ATOM   506  O O   . GLY A 1 73  ? -8.244  -7.797  4.989   1.00 28.05 ? 73  GLY A O   1 
ATOM   507  N N   . ILE A 1 74  ? -10.397 -7.651  4.393   1.00 27.31 ? 74  ILE A N   1 
ATOM   508  C CA  . ILE A 1 74  ? -10.436 -6.202  4.565   1.00 28.79 ? 74  ILE A CA  1 
ATOM   509  C C   . ILE A 1 74  ? -10.304 -5.812  6.041   1.00 25.72 ? 74  ILE A C   1 
ATOM   510  O O   . ILE A 1 74  ? -9.554  -4.900  6.391   1.00 26.88 ? 74  ILE A O   1 
ATOM   511  C CB  . ILE A 1 74  ? -11.726 -5.623  3.930   1.00 29.03 ? 74  ILE A CB  1 
ATOM   512  C CG1 . ILE A 1 74  ? -11.393 -4.397  3.080   1.00 30.36 ? 74  ILE A CG1 1 
ATOM   513  C CG2 . ILE A 1 74  ? -12.750 -5.275  4.988   1.00 33.09 ? 74  ILE A CG2 1 
ATOM   514  C CD1 . ILE A 1 74  ? -10.095 -4.505  2.341   1.00 27.29 ? 74  ILE A CD1 1 
ATOM   515  N N   . ASP A 1 75  ? -11.023 -6.514  6.911   1.00 23.82 ? 75  ASP A N   1 
ATOM   516  C CA  . ASP A 1 75  ? -10.843 -6.366  8.346   1.00 22.13 ? 75  ASP A CA  1 
ATOM   517  C C   . ASP A 1 75  ? -9.418  -6.675  8.812   1.00 17.97 ? 75  ASP A C   1 
ATOM   518  O O   . ASP A 1 75  ? -8.833  -5.910  9.570   1.00 16.97 ? 75  ASP A O   1 
ATOM   519  C CB  . ASP A 1 75  ? -11.835 -7.245  9.097   1.00 21.76 ? 75  ASP A CB  1 
ATOM   520  C CG  . ASP A 1 75  ? -11.850 -6.958  10.584  1.00 27.21 ? 75  ASP A CG  1 
ATOM   521  O OD1 . ASP A 1 75  ? -12.646 -6.094  11.011  1.00 34.00 ? 75  ASP A OD1 1 
ATOM   522  O OD2 . ASP A 1 75  ? -11.106 -7.543  11.400  1.00 31.37 ? 75  ASP A OD2 1 
ATOM   523  N N   . ALA A 1 76  ? -8.861  -7.793  8.360   1.00 15.54 ? 76  ALA A N   1 
ATOM   524  C CA  . ALA A 1 76  ? -7.491  -8.141  8.704   1.00 15.85 ? 76  ALA A CA  1 
ATOM   525  C C   . ALA A 1 76  ? -6.510  -7.140  8.119   1.00 15.59 ? 76  ALA A C   1 
ATOM   526  O O   . ALA A 1 76  ? -5.550  -6.745  8.783   1.00 14.84 ? 76  ALA A O   1 
ATOM   527  C CB  . ALA A 1 76  ? -7.161  -9.550  8.218   1.00 16.69 ? 76  ALA A CB  1 
ATOM   528  N N   . ALA A 1 77  ? -6.744  -6.741  6.874   1.00 15.02 ? 77  ALA A N   1 
ATOM   529  C CA  . ALA A 1 77  ? -5.867  -5.793  6.211   1.00 16.69 ? 77  ALA A CA  1 
ATOM   530  C C   . ALA A 1 77  ? -5.861  -4.469  6.969   1.00 15.82 ? 77  ALA A C   1 
ATOM   531  O O   . ALA A 1 77  ? -4.811  -3.866  7.178   1.00 16.24 ? 77  ALA A O   1 
ATOM   532  C CB  . ALA A 1 77  ? -6.288  -5.594  4.751   1.00 16.82 ? 77  ALA A CB  1 
ATOM   533  N N   . SER A 1 78  ? -7.033  -4.027  7.400   1.00 16.61 ? 78  SER A N   1 
ATOM   534  C CA  . SER A 1 78  ? -7.134  -2.773  8.140   1.00 17.36 ? 78  SER A CA  1 
ATOM   535  C C   . SER A 1 78  ? -6.361  -2.852  9.460   1.00 15.22 ? 78  SER A C   1 
ATOM   536  O O   . SER A 1 78  ? -5.727  -1.891  9.890   1.00 16.11 ? 78  SER A O   1 
ATOM   537  C CB  . SER A 1 78  ? -8.603  -2.434  8.411   1.00 14.83 ? 78  SER A CB  1 
ATOM   538  O OG  . SER A 1 78  ? -9.330  -2.249  7.209   1.00 23.05 ? 78  SER A OG  1 
ATOM   539  N N   . GLU A 1 79  ? -6.444  -4.001  10.122  1.00 15.41 ? 79  GLU A N   1 
ATOM   540  C CA  . GLU A 1 79  ? -5.718  -4.206  11.364  1.00 15.35 ? 79  GLU A CA  1 
ATOM   541  C C   . GLU A 1 79  ? -4.202  -4.182  11.143  1.00 15.62 ? 79  GLU A C   1 
ATOM   542  O O   . GLU A 1 79  ? -3.474  -3.518  11.871  1.00 16.13 ? 79  GLU A O   1 
ATOM   543  C CB  . GLU A 1 79  ? -6.161  -5.504  12.044  1.00 16.85 ? 79  GLU A CB  1 
ATOM   544  C CG  . GLU A 1 79  ? -5.272  -5.925  13.202  1.00 18.58 ? 79  GLU A CG  1 
ATOM   545  C CD  . GLU A 1 79  ? -5.824  -5.527  14.557  1.00 29.75 ? 79  GLU A CD  1 
ATOM   546  O OE1 . GLU A 1 79  ? -6.504  -4.479  14.650  1.00 31.32 ? 79  GLU A OE1 1 
ATOM   547  O OE2 . GLU A 1 79  ? -5.569  -6.265  15.533  1.00 35.54 ? 79  GLU A OE2 1 
ATOM   548  N N   . ILE A 1 80  ? -3.721  -4.878  10.114  1.00 16.27 ? 80  ILE A N   1 
ATOM   549  C CA  . ILE A 1 80  ? -2.292  -4.842  9.790   1.00 16.38 ? 80  ILE A CA  1 
ATOM   550  C C   . ILE A 1 80  ? -1.797  -3.426  9.447   1.00 17.64 ? 80  ILE A C   1 
ATOM   551  O O   . ILE A 1 80  ? -0.722  -3.010  9.890   1.00 16.02 ? 80  ILE A O   1 
ATOM   552  C CB  . ILE A 1 80  ? -1.967  -5.853  8.664   1.00 15.44 ? 80  ILE A CB  1 
ATOM   553  C CG1 . ILE A 1 80  ? -2.264  -7.277  9.147   1.00 15.25 ? 80  ILE A CG1 1 
ATOM   554  C CG2 . ILE A 1 80  ? -0.488  -5.734  8.263   1.00 16.75 ? 80  ILE A CG2 1 
ATOM   555  C CD1 . ILE A 1 80  ? -2.348  -8.319  8.063   1.00 17.28 ? 80  ILE A CD1 1 
ATOM   556  N N   . ALA A 1 81  ? -2.598  -2.703  8.668   1.00 16.05 ? 81  ALA A N   1 
ATOM   557  C CA  . ALA A 1 81  ? -2.316  -1.334  8.258   1.00 16.76 ? 81  ALA A CA  1 
ATOM   558  C C   . ALA A 1 81  ? -2.144  -0.419  9.461   1.00 17.12 ? 81  ALA A C   1 
ATOM   559  O O   . ALA A 1 81  ? -1.258  0.440   9.480   1.00 19.42 ? 81  ALA A O   1 
ATOM   560  C CB  . ALA A 1 81  ? -3.446  -0.830  7.372   1.00 16.51 ? 81  ALA A CB  1 
ATOM   561  N N   . SER A 1 82  ? -2.988  -0.612  10.463  1.00 17.07 ? 82  SER A N   1 
ATOM   562  C CA  . SER A 1 82  ? -2.991  0.261   11.637  1.00 17.86 ? 82  SER A CA  1 
ATOM   563  C C   . SER A 1 82  ? -1.717  0.104   12.472  1.00 19.22 ? 82  SER A C   1 
ATOM   564  O O   . SER A 1 82  ? -1.363  0.984   13.259  1.00 20.55 ? 82  SER A O   1 
ATOM   565  C CB  . SER A 1 82  ? -4.238  0.000   12.480  1.00 18.82 ? 82  SER A CB  1 
ATOM   566  O OG  . SER A 1 82  ? -4.085  -1.160  13.281  1.00 21.18 ? 82  SER A OG  1 
ATOM   567  N N   . LYS A 1 83  ? -1.023  -1.009  12.287  1.00 19.89 ? 83  LYS A N   1 
ATOM   568  C CA  . LYS A 1 83  ? 0.209   -1.297  13.014  1.00 20.19 ? 83  LYS A CA  1 
ATOM   569  C C   . LYS A 1 83  ? 1.447   -0.810  12.255  1.00 21.65 ? 83  LYS A C   1 
ATOM   570  O O   . LYS A 1 83  ? 2.561   -0.861  12.784  1.00 21.54 ? 83  LYS A O   1 
ATOM   571  C CB  . LYS A 1 83  ? 0.326   -2.806  13.253  1.00 21.98 ? 83  LYS A CB  1 
ATOM   572  C CG  . LYS A 1 83  ? -0.840  -3.408  14.041  1.00 24.05 ? 83  LYS A CG  1 
ATOM   573  C CD  . LYS A 1 83  ? -0.619  -3.302  15.535  1.00 30.61 ? 83  LYS A CD  1 
ATOM   574  C CE  . LYS A 1 83  ? -1.686  -4.066  16.307  1.00 32.97 ? 83  LYS A CE  1 
ATOM   575  N NZ  . LYS A 1 83  ? -2.320  -3.235  17.364  1.00 33.62 ? 83  LYS A NZ  1 
ATOM   576  N N   . ARG A 1 84  ? 1.246   -0.359  11.018  1.00 19.76 ? 84  ARG A N   1 
ATOM   577  C CA  . ARG A 1 84  ? 2.333   0.172   10.191  1.00 20.42 ? 84  ARG A CA  1 
ATOM   578  C C   . ARG A 1 84  ? 3.476   -0.835  10.066  1.00 20.88 ? 84  ARG A C   1 
ATOM   579  O O   . ARG A 1 84  ? 4.650   -0.470  10.162  1.00 27.09 ? 84  ARG A O   1 
ATOM   580  C CB  . ARG A 1 84  ? 2.854   1.495   10.770  1.00 24.81 ? 84  ARG A CB  1 
ATOM   581  C CG  . ARG A 1 84  ? 2.004   2.709   10.396  1.00 26.12 ? 84  ARG A CG  1 
ATOM   582  C CD  . ARG A 1 84  ? 0.626   2.708   11.040  1.00 34.93 ? 84  ARG A CD  1 
ATOM   583  N NE  . ARG A 1 84  ? -0.049  4.003   10.948  1.00 39.85 ? 84  ARG A NE  1 
ATOM   584  C CZ  . ARG A 1 84  ? -0.924  4.335   10.004  1.00 40.13 ? 84  ARG A CZ  1 
ATOM   585  N NH1 . ARG A 1 84  ? -1.239  3.478   9.037   1.00 43.92 ? 84  ARG A NH1 1 
ATOM   586  N NH2 . ARG A 1 84  ? -1.486  5.536   10.023  1.00 37.71 ? 84  ARG A NH2 1 
ATOM   587  N N   . ILE A 1 85  ? 3.121   -2.100  9.869   1.00 19.70 ? 85  ILE A N   1 
ATOM   588  C CA  . ILE A 1 85  ? 4.099   -3.180  9.716   1.00 20.90 ? 85  ILE A CA  1 
ATOM   589  C C   . ILE A 1 85  ? 4.693   -3.205  8.314   1.00 16.78 ? 85  ILE A C   1 
ATOM   590  O O   . ILE A 1 85  ? 5.911   -3.345  8.157   1.00 18.15 ? 85  ILE A O   1 
ATOM   591  C CB  . ILE A 1 85  ? 3.444   -4.546  9.997   1.00 20.56 ? 85  ILE A CB  1 
ATOM   592  C CG1 . ILE A 1 85  ? 3.177   -4.712  11.488  1.00 23.83 ? 85  ILE A CG1 1 
ATOM   593  C CG2 . ILE A 1 85  ? 4.340   -5.688  9.483   1.00 21.13 ? 85  ILE A CG2 1 
ATOM   594  C CD1 . ILE A 1 85  ? 2.439   -5.994  11.821  1.00 27.05 ? 85  ILE A CD1 1 
ATOM   595  N N   . ALA A 1 86  ? 3.836   -3.104  7.296   1.00 16.72 ? 86  ALA A N   1 
ATOM   596  C CA  . ALA A 1 86  ? 4.223   -3.394  5.916   1.00 15.24 ? 86  ALA A CA  1 
ATOM   597  C C   . ALA A 1 86  ? 3.183   -2.855  4.944   1.00 13.53 ? 86  ALA A C   1 
ATOM   598  O O   . ALA A 1 86  ? 2.016   -2.706  5.302   1.00 13.74 ? 86  ALA A O   1 
ATOM   599  C CB  . ALA A 1 86  ? 4.362   -4.906  5.701   1.00 16.78 ? 86  ALA A CB  1 
ATOM   600  N N   . PRO A 1 87  ? 3.589   -2.626  3.709   1.00 11.73 ? 87  PRO A N   1 
ATOM   601  C CA  . PRO A 1 87  ? 2.614   -2.396  2.640   1.00 12.56 ? 87  PRO A CA  1 
ATOM   602  C C   . PRO A 1 87  ? 1.730   -3.622  2.395   1.00 13.69 ? 87  PRO A C   1 
ATOM   603  O O   . PRO A 1 87  ? 2.157   -4.762  2.618   1.00 14.19 ? 87  PRO A O   1 
ATOM   604  C CB  . PRO A 1 87  ? 3.472   -2.103  1.426   1.00 14.53 ? 87  PRO A CB  1 
ATOM   605  C CG  . PRO A 1 87  ? 4.837   -2.635  1.750   1.00 18.34 ? 87  PRO A CG  1 
ATOM   606  C CD  . PRO A 1 87  ? 4.983   -2.627  3.228   1.00 14.88 ? 87  PRO A CD  1 
ATOM   607  N N   . ILE A 1 88  ? 0.501   -3.371  1.955   1.00 13.93 ? 88  ILE A N   1 
ATOM   608  C CA  . ILE A 1 88  ? -0.498  -4.406  1.750   1.00 13.08 ? 88  ILE A CA  1 
ATOM   609  C C   . ILE A 1 88  ? -1.132  -4.281  0.378   1.00 13.14 ? 88  ILE A C   1 
ATOM   610  O O   . ILE A 1 88  ? -1.627  -3.206  -0.006  1.00 13.40 ? 88  ILE A O   1 
ATOM   611  C CB  . ILE A 1 88  ? -1.587  -4.317  2.801   1.00 14.62 ? 88  ILE A CB  1 
ATOM   612  C CG1 . ILE A 1 88  ? -0.998  -4.362  4.219   1.00 14.50 ? 88  ILE A CG1 1 
ATOM   613  C CG2 . ILE A 1 88  ? -2.605  -5.419  2.552   1.00 14.81 ? 88  ILE A CG2 1 
ATOM   614  C CD1 . ILE A 1 88  ? -1.919  -3.788  5.270   1.00 18.65 ? 88  ILE A CD1 1 
ATOM   615  N N   . VAL A 1 89  ? -1.130  -5.388  -0.363  1.00 12.67 ? 89  VAL A N   1 
ATOM   616  C CA  . VAL A 1 89  ? -1.929  -5.493  -1.583  1.00 14.28 ? 89  VAL A CA  1 
ATOM   617  C C   . VAL A 1 89  ? -3.129  -6.394  -1.319  1.00 13.14 ? 89  VAL A C   1 
ATOM   618  O O   . VAL A 1 89  ? -2.968  -7.493  -0.796  1.00 15.23 ? 89  VAL A O   1 
ATOM   619  C CB  . VAL A 1 89  ? -1.106  -6.119  -2.714  1.00 11.42 ? 89  VAL A CB  1 
ATOM   620  C CG1 . VAL A 1 89  ? -1.982  -6.343  -3.956  1.00 13.80 ? 89  VAL A CG1 1 
ATOM   621  C CG2 . VAL A 1 89  ? 0.077   -5.240  -3.078  1.00 14.62 ? 89  VAL A CG2 1 
ATOM   622  N N   . VAL A 1 90  ? -4.329  -5.938  -1.666  1.00 13.70 ? 90  VAL A N   1 
ATOM   623  C CA  . VAL A 1 90  ? -5.545  -6.716  -1.421  1.00 12.91 ? 90  VAL A CA  1 
ATOM   624  C C   . VAL A 1 90  ? -6.102  -7.197  -2.743  1.00 14.12 ? 90  VAL A C   1 
ATOM   625  O O   . VAL A 1 90  ? -6.407  -6.402  -3.633  1.00 14.39 ? 90  VAL A O   1 
ATOM   626  C CB  . VAL A 1 90  ? -6.646  -5.915  -0.684  1.00 14.74 ? 90  VAL A CB  1 
ATOM   627  C CG1 . VAL A 1 90  ? -7.845  -6.801  -0.366  1.00 13.33 ? 90  VAL A CG1 1 
ATOM   628  C CG2 . VAL A 1 90  ? -6.094  -5.320  0.575   1.00 15.93 ? 90  VAL A CG2 1 
ATOM   629  N N   . LEU A 1 91  ? -6.188  -8.514  -2.892  1.00 12.29 ? 91  LEU A N   1 
ATOM   630  C CA  . LEU A 1 91  ? -6.736  -9.120  -4.110  1.00 11.82 ? 91  LEU A CA  1 
ATOM   631  C C   . LEU A 1 91  ? -8.264  -9.086  -4.133  1.00 12.17 ? 91  LEU A C   1 
ATOM   632  O O   . LEU A 1 91  ? -8.899  -9.486  -3.175  1.00 14.52 ? 91  LEU A O   1 
ATOM   633  C CB  . LEU A 1 91  ? -6.277  -10.585 -4.194  1.00 12.32 ? 91  LEU A CB  1 
ATOM   634  C CG  . LEU A 1 91  ? -4.796  -10.852 -3.940  1.00 14.89 ? 91  LEU A CG  1 
ATOM   635  C CD1 . LEU A 1 91  ? -4.549  -12.366 -3.925  1.00 15.15 ? 91  LEU A CD1 1 
ATOM   636  C CD2 . LEU A 1 91  ? -3.946  -10.168 -4.986  1.00 13.45 ? 91  LEU A CD2 1 
ATOM   637  N N   . THR A 1 92  ? -8.858  -8.659  -5.243  1.00 12.43 ? 92  THR A N   1 
ATOM   638  C CA  . THR A 1 92  ? -10.314 -8.499  -5.297  1.00 11.80 ? 92  THR A CA  1 
ATOM   639  C C   . THR A 1 92  ? -10.875 -8.735  -6.691  1.00 11.89 ? 92  THR A C   1 
ATOM   640  O O   . THR A 1 92  ? -10.223 -8.415  -7.674  1.00 11.48 ? 92  THR A O   1 
ATOM   641  C CB  . THR A 1 92  ? -10.681 -7.073  -4.862  1.00 12.55 ? 92  THR A CB  1 
ATOM   642  O OG1 . THR A 1 92  ? -12.106 -6.916  -4.810  1.00 16.42 ? 92  THR A OG1 1 
ATOM   643  C CG2 . THR A 1 92  ? -10.185 -6.034  -5.879  1.00 14.08 ? 92  THR A CG2 1 
ATOM   644  N N   . ALA A 1 93  ? -12.108 -9.227  -6.787  1.00 11.90 ? 93  ALA A N   1 
ATOM   645  C CA  . ALA A 1 93  ? -12.832 -9.127  -8.044  1.00 11.55 ? 93  ALA A CA  1 
ATOM   646  C C   . ALA A 1 93  ? -13.069 -7.655  -8.365  1.00 10.33 ? 93  ALA A C   1 
ATOM   647  O O   . ALA A 1 93  ? -13.198 -6.823  -7.460  1.00 11.83 ? 93  ALA A O   1 
ATOM   648  C CB  . ALA A 1 93  ? -14.166 -9.871  -7.969  1.00 11.26 ? 93  ALA A CB  1 
ATOM   649  N N   . PHE A 1 94  ? -13.142 -7.330  -9.653  1.00 11.75 ? 94  PHE A N   1 
ATOM   650  C CA  . PHE A 1 94  ? -13.401 -5.950  -10.066 1.00 11.33 ? 94  PHE A CA  1 
ATOM   651  C C   . PHE A 1 94  ? -14.612 -5.400  -9.328  1.00 11.47 ? 94  PHE A C   1 
ATOM   652  O O   . PHE A 1 94  ? -14.595 -4.259  -8.840  1.00 11.08 ? 94  PHE A O   1 
ATOM   653  C CB  . PHE A 1 94  ? -13.633 -5.859  -11.581 1.00 13.05 ? 94  PHE A CB  1 
ATOM   654  C CG  . PHE A 1 94  ? -13.901 -4.459  -12.067 1.00 12.82 ? 94  PHE A CG  1 
ATOM   655  C CD1 . PHE A 1 94  ? -12.937 -3.476  -11.961 1.00 11.79 ? 94  PHE A CD1 1 
ATOM   656  C CD2 . PHE A 1 94  ? -15.118 -4.132  -12.619 1.00 11.93 ? 94  PHE A CD2 1 
ATOM   657  C CE1 . PHE A 1 94  ? -13.183 -2.192  -12.410 1.00 10.76 ? 94  PHE A CE1 1 
ATOM   658  C CE2 . PHE A 1 94  ? -15.365 -2.854  -13.052 1.00 12.43 ? 94  PHE A CE2 1 
ATOM   659  C CZ  . PHE A 1 94  ? -14.403 -1.884  -12.947 1.00 11.54 ? 94  PHE A CZ  1 
ATOM   660  N N   . SER A 1 95  ? -15.672 -6.198  -9.256  1.00 11.45 ? 95  SER A N   1 
ATOM   661  C CA  . SER A 1 95  ? -16.966 -5.722  -8.751  1.00 11.44 ? 95  SER A CA  1 
ATOM   662  C C   . SER A 1 95  ? -16.940 -5.504  -7.229  1.00 12.18 ? 95  SER A C   1 
ATOM   663  O O   . SER A 1 95  ? -17.862 -4.918  -6.670  1.00 15.39 ? 95  SER A O   1 
ATOM   664  C CB  . SER A 1 95  ? -18.069 -6.718  -9.106  1.00 12.18 ? 95  SER A CB  1 
ATOM   665  O OG  . SER A 1 95  ? -17.877 -7.939  -8.414  1.00 18.74 ? 95  SER A OG  1 
ATOM   666  N N   . GLN A 1 96  ? -15.888 -5.972  -6.567  1.00 13.63 ? 96  GLN A N   1 
ATOM   667  C CA  . GLN A 1 96  ? -15.747 -5.794  -5.119  1.00 13.56 ? 96  GLN A CA  1 
ATOM   668  C C   . GLN A 1 96  ? -14.677 -4.761  -4.732  1.00 15.72 ? 96  GLN A C   1 
ATOM   669  O O   . GLN A 1 96  ? -14.376 -4.577  -3.560  1.00 12.80 ? 96  GLN A O   1 
ATOM   670  C CB  . GLN A 1 96  ? -15.417 -7.129  -4.446  1.00 17.67 ? 96  GLN A CB  1 
ATOM   671  C CG  . GLN A 1 96  ? -16.432 -8.227  -4.693  1.00 22.77 ? 96  GLN A CG  1 
ATOM   672  C CD  . GLN A 1 96  ? -16.522 -9.217  -3.542  1.00 27.26 ? 96  GLN A CD  1 
ATOM   673  O OE1 . GLN A 1 96  ? -15.621 -10.037 -3.343  1.00 23.76 ? 96  GLN A OE1 1 
ATOM   674  N NE2 . GLN A 1 96  ? -17.618 -9.152  -2.790  1.00 29.93 ? 96  GLN A NE2 1 
ATOM   675  N N   . ARG A 1 97  ? -14.102 -4.076  -5.714  1.00 12.55 ? 97  ARG A N   1 
ATOM   676  C CA  . ARG A 1 97  ? -13.097 -3.071  -5.446  1.00 14.17 ? 97  ARG A CA  1 
ATOM   677  C C   . ARG A 1 97  ? -13.521 -2.003  -4.444  1.00 15.31 ? 97  ARG A C   1 
ATOM   678  O O   . ARG A 1 97  ? -12.668 -1.440  -3.777  1.00 12.64 ? 97  ARG A O   1 
ATOM   679  C CB  . ARG A 1 97  ? -12.636 -2.388  -6.748  1.00 15.85 ? 97  ARG A CB  1 
ATOM   680  C CG  . ARG A 1 97  ? -13.675 -1.492  -7.397  1.00 13.72 ? 97  ARG A CG  1 
ATOM   681  C CD  . ARG A 1 97  ? -13.356 -1.145  -8.864  1.00 13.27 ? 97  ARG A CD  1 
ATOM   682  N NE  . ARG A 1 97  ? -14.325 -0.234  -9.463  1.00 9.49  ? 97  ARG A NE  1 
ATOM   683  C CZ  . ARG A 1 97  ? -15.515 -0.600  -9.929  1.00 7.96  ? 97  ARG A CZ  1 
ATOM   684  N NH1 . ARG A 1 97  ? -15.910 -1.861  -9.810  1.00 7.73  ? 97  ARG A NH1 1 
ATOM   685  N NH2 . ARG A 1 97  ? -16.325 0.299   -10.479 1.00 10.47 ? 97  ARG A NH2 1 
ATOM   686  N N   . ASP A 1 98  ? -14.815 -1.713  -4.362  1.00 13.34 ? 98  ASP A N   1 
ATOM   687  C CA  . ASP A 1 98  ? -15.281 -0.642  -3.501  1.00 15.12 ? 98  ASP A CA  1 
ATOM   688  C C   . ASP A 1 98  ? -15.094 -1.023  -2.040  1.00 16.16 ? 98  ASP A C   1 
ATOM   689  O O   . ASP A 1 98  ? -15.002 -0.156  -1.184  1.00 16.40 ? 98  ASP A O   1 
ATOM   690  C CB  . ASP A 1 98  ? -16.745 -0.301  -3.788  1.00 13.30 ? 98  ASP A CB  1 
ATOM   691  C CG  . ASP A 1 98  ? -16.922 0.469   -5.087  1.00 16.19 ? 98  ASP A CG  1 
ATOM   692  O OD1 . ASP A 1 98  ? -15.951 1.117   -5.545  1.00 17.40 ? 98  ASP A OD1 1 
ATOM   693  O OD2 . ASP A 1 98  ? -17.997 0.471   -5.724  1.00 19.36 ? 98  ASP A OD2 1 
ATOM   694  N N   . LEU A 1 99  ? -15.024 -2.318  -1.755  1.00 15.47 ? 99  LEU A N   1 
ATOM   695  C CA  . LEU A 1 99  ? -14.776 -2.753  -0.383  1.00 17.43 ? 99  LEU A CA  1 
ATOM   696  C C   . LEU A 1 99  ? -13.418 -2.259  0.077   1.00 15.86 ? 99  LEU A C   1 
ATOM   697  O O   . LEU A 1 99  ? -13.218 -1.974  1.249   1.00 18.66 ? 99  LEU A O   1 
ATOM   698  C CB  . LEU A 1 99  ? -14.822 -4.275  -0.279  1.00 16.04 ? 99  LEU A CB  1 
ATOM   699  C CG  . LEU A 1 99  ? -16.159 -4.933  -0.613  1.00 19.87 ? 99  LEU A CG  1 
ATOM   700  C CD1 . LEU A 1 99  ? -16.013 -6.441  -0.512  1.00 20.76 ? 99  LEU A CD1 1 
ATOM   701  C CD2 . LEU A 1 99  ? -17.274 -4.423  0.299   1.00 23.45 ? 99  LEU A CD2 1 
ATOM   702  N N   . VAL A 1 100 ? -12.472 -2.181  -0.850  1.00 16.09 ? 100 VAL A N   1 
ATOM   703  C CA  . VAL A 1 100 ? -11.136 -1.730  -0.519  1.00 13.83 ? 100 VAL A CA  1 
ATOM   704  C C   . VAL A 1 100 ? -11.045 -0.201  -0.512  1.00 18.47 ? 100 VAL A C   1 
ATOM   705  O O   . VAL A 1 100 ? -10.393 0.374   0.353   1.00 20.23 ? 100 VAL A O   1 
ATOM   706  C CB  . VAL A 1 100 ? -10.107 -2.271  -1.526  1.00 16.85 ? 100 VAL A CB  1 
ATOM   707  C CG1 . VAL A 1 100 ? -8.735  -1.697  -1.238  1.00 18.09 ? 100 VAL A CG1 1 
ATOM   708  C CG2 . VAL A 1 100 ? -10.065 -3.790  -1.476  1.00 16.57 ? 100 VAL A CG2 1 
ATOM   709  N N   . GLU A 1 101 ? -11.712 0.451   -1.466  1.00 19.19 ? 101 GLU A N   1 
ATOM   710  C CA  . GLU A 1 101 ? -11.904 1.907   -1.421  1.00 20.39 ? 101 GLU A CA  1 
ATOM   711  C C   . GLU A 1 101 ? -12.452 2.380   -0.075  1.00 21.79 ? 101 GLU A C   1 
ATOM   712  O O   . GLU A 1 101 ? -12.043 3.422   0.447   1.00 23.27 ? 101 GLU A O   1 
ATOM   713  C CB  . GLU A 1 101 ? -12.856 2.355   -2.544  1.00 18.91 ? 101 GLU A CB  1 
ATOM   714  C CG  . GLU A 1 101 ? -12.319 2.127   -3.952  1.00 21.51 ? 101 GLU A CG  1 
ATOM   715  C CD  . GLU A 1 101 ? -11.163 3.046   -4.312  1.00 24.36 ? 101 GLU A CD  1 
ATOM   716  O OE1 . GLU A 1 101 ? -10.703 3.810   -3.435  1.00 32.38 ? 101 GLU A OE1 1 
ATOM   717  O OE2 . GLU A 1 101 ? -10.710 3.008   -5.476  1.00 26.97 ? 101 GLU A OE2 1 
ATOM   718  N N   . ARG A 1 102 ? -13.390 1.624   0.475   1.00 23.43 ? 102 ARG A N   1 
ATOM   719  C CA  . ARG A 1 102 ? -14.167 2.083   1.622   1.00 24.55 ? 102 ARG A CA  1 
ATOM   720  C C   . ARG A 1 102 ? -13.409 1.733   2.899   1.00 28.76 ? 102 ARG A C   1 
ATOM   721  O O   . ARG A 1 102 ? -13.949 1.844   4.013   1.00 30.07 ? 102 ARG A O   1 
ATOM   722  C CB  . ARG A 1 102 ? -15.553 1.433   1.612   1.00 24.47 ? 102 ARG A CB  1 
ATOM   723  C CG  . ARG A 1 102 ? -16.537 2.096   0.652   1.00 27.46 ? 102 ARG A CG  1 
ATOM   724  C CD  . ARG A 1 102 ? -17.780 1.266   0.329   1.00 25.80 ? 102 ARG A CD  1 
ATOM   725  N NE  . ARG A 1 102 ? -18.732 1.227   1.436   1.00 27.16 ? 102 ARG A NE  1 
ATOM   726  C CZ  . ARG A 1 102 ? -19.611 2.187   1.707   1.00 28.78 ? 102 ARG A CZ  1 
ATOM   727  N NH1 . ARG A 1 102 ? -20.431 2.060   2.738   1.00 29.13 ? 102 ARG A NH1 1 
ATOM   728  N NH2 . ARG A 1 102 ? -19.670 3.277   0.953   1.00 28.45 ? 102 ARG A NH2 1 
ATOM   729  N N   . ALA A 1 103 ? -12.149 1.338   2.723   1.00 32.05 ? 103 ALA A N   1 
ATOM   730  C CA  . ALA A 1 103 ? -11.382 0.633   3.751   1.00 35.45 ? 103 ALA A CA  1 
ATOM   731  C C   . ALA A 1 103 ? -9.965  1.198   3.929   1.00 37.04 ? 103 ALA A C   1 
ATOM   732  O O   . ALA A 1 103 ? -9.347  0.998   4.973   1.00 39.81 ? 103 ALA A O   1 
ATOM   733  C CB  . ALA A 1 103 ? -11.306 -0.847  3.427   1.00 34.15 ? 103 ALA A CB  1 
ATOM   734  N N   . ARG A 1 104 ? -9.443  1.893   2.919   1.00 39.58 ? 104 ARG A N   1 
ATOM   735  C CA  . ARG A 1 104 ? -8.205  2.660   3.091   1.00 38.16 ? 104 ARG A CA  1 
ATOM   736  C C   . ARG A 1 104 ? -8.456  3.832   4.039   1.00 40.52 ? 104 ARG A C   1 
ATOM   737  O O   . ARG A 1 104 ? -7.524  4.553   4.416   1.00 40.87 ? 104 ARG A O   1 
ATOM   738  C CB  . ARG A 1 104 ? -7.697  3.182   1.742   1.00 38.43 ? 104 ARG A CB  1 
ATOM   739  C CG  . ARG A 1 104 ? -6.414  2.513   1.226   1.00 32.85 ? 104 ARG A CG  1 
ATOM   740  C CD  . ARG A 1 104 ? -5.522  3.445   0.416   1.00 37.13 ? 104 ARG A CD  1 
ATOM   741  N NE  . ARG A 1 104 ? -6.205  3.984   -0.762  1.00 37.35 ? 104 ARG A NE  1 
ATOM   742  C CZ  . ARG A 1 104 ? -5.884  5.131   -1.358  1.00 42.86 ? 104 ARG A CZ  1 
ATOM   743  N NH1 . ARG A 1 104 ? -4.885  5.878   -0.894  1.00 39.33 ? 104 ARG A NH1 1 
ATOM   744  N NH2 . ARG A 1 104 ? -6.562  5.535   -2.424  1.00 45.38 ? 104 ARG A NH2 1 
ATOM   745  N N   . ASP A 1 105 ? -9.721  4.023   4.412   1.00 40.81 ? 105 ASP A N   1 
ATOM   746  C CA  . ASP A 1 105 ? -10.079 4.848   5.566   1.00 40.25 ? 105 ASP A CA  1 
ATOM   747  C C   . ASP A 1 105 ? -9.275  4.439   6.796   1.00 39.91 ? 105 ASP A C   1 
ATOM   748  O O   . ASP A 1 105 ? -9.241  5.159   7.792   1.00 39.38 ? 105 ASP A O   1 
ATOM   749  C CB  . ASP A 1 105 ? -11.516 4.064   5.899   0.00 43.43 ? 105 ASP A CB  1 
ATOM   750  C CG  . ASP A 1 105 ? -12.608 4.976   5.354   0.00 47.71 ? 105 ASP A CG  1 
ATOM   751  O OD1 . ASP A 1 105 ? -12.443 5.500   4.230   0.00 51.37 ? 105 ASP A OD1 1 
ATOM   752  O OD2 . ASP A 1 105 ? -13.666 5.225   5.977   0.00 53.37 ? 105 ASP A OD2 1 
ATOM   753  N N   . ALA A 1 106 ? -8.622  3.282   6.713   1.00 39.39 ? 106 ALA A N   1 
ATOM   754  C CA  . ALA A 1 106 ? -8.049  2.628   7.883   1.00 39.99 ? 106 ALA A CA  1 
ATOM   755  C C   . ALA A 1 106 ? -6.521  2.717   7.883   1.00 38.65 ? 106 ALA A C   1 
ATOM   756  O O   . ALA A 1 106 ? -5.877  2.466   8.904   1.00 40.49 ? 106 ALA A O   1 
ATOM   757  C CB  . ALA A 1 106 ? -8.489  1.171   7.929   1.00 40.94 ? 106 ALA A CB  1 
ATOM   758  N N   . GLY A 1 107 ? -5.952  3.077   6.737   1.00 37.33 ? 107 GLY A N   1 
ATOM   759  C CA  . GLY A 1 107 ? -4.524  2.914   6.502   1.00 34.22 ? 107 GLY A CA  1 
ATOM   760  C C   . GLY A 1 107 ? -4.231  2.511   5.066   1.00 32.45 ? 107 GLY A C   1 
ATOM   761  O O   . GLY A 1 107 ? -5.157  2.366   4.260   1.00 36.41 ? 107 GLY A O   1 
ATOM   762  N N   . ALA A 1 108 ? -2.949  2.321   4.749   1.00 23.05 ? 108 ALA A N   1 
ATOM   763  C CA  . ALA A 1 108 ? -2.490  2.407   3.366   1.00 22.55 ? 108 ALA A CA  1 
ATOM   764  C C   . ALA A 1 108 ? -2.422  1.032   2.725   1.00 20.18 ? 108 ALA A C   1 
ATOM   765  O O   . ALA A 1 108 ? -1.664  0.165   3.136   1.00 18.97 ? 108 ALA A O   1 
ATOM   766  C CB  . ALA A 1 108 ? -1.137  3.074   3.291   1.00 26.73 ? 108 ALA A CB  1 
ATOM   767  N N   . MET A 1 109 ? -3.219  0.853   1.689   1.00 19.18 ? 109 MET A N   1 
ATOM   768  C CA  . MET A 1 109 ? -3.224  -0.400  0.954   1.00 15.86 ? 109 MET A CA  1 
ATOM   769  C C   . MET A 1 109 ? -3.517  -0.109  -0.516  1.00 14.13 ? 109 MET A C   1 
ATOM   770  O O   . MET A 1 109 ? -3.880  1.007   -0.860  1.00 14.97 ? 109 MET A O   1 
ATOM   771  C CB  . MET A 1 109 ? -4.245  -1.372  1.551   1.00 17.39 ? 109 MET A CB  1 
ATOM   772  C CG  . MET A 1 109 ? -5.655  -0.853  1.620   1.00 20.32 ? 109 MET A CG  1 
ATOM   773  S SD  . MET A 1 109 ? -6.736  -1.913  2.679   1.00 19.85 ? 109 MET A SD  1 
ATOM   774  C CE  . MET A 1 109 ? -6.239  -1.498  4.336   1.00 22.85 ? 109 MET A CE  1 
ATOM   775  N N   . ALA A 1 110 ? -3.291  -1.083  -1.384  1.00 13.50 ? 110 ALA A N   1 
ATOM   776  C CA  . ALA A 1 110 ? -3.747  -0.990  -2.767  1.00 13.78 ? 110 ALA A CA  1 
ATOM   777  C C   . ALA A 1 110 ? -4.476  -2.266  -3.134  1.00 17.23 ? 110 ALA A C   1 
ATOM   778  O O   . ALA A 1 110 ? -4.134  -3.340  -2.635  1.00 19.18 ? 110 ALA A O   1 
ATOM   779  C CB  . ALA A 1 110 ? -2.552  -0.794  -3.711  1.00 17.54 ? 110 ALA A CB  1 
ATOM   780  N N   . TYR A 1 111 ? -5.455  -2.169  -4.029  1.00 14.01 ? 111 TYR A N   1 
ATOM   781  C CA  . TYR A 1 111 ? -6.084  -3.376  -4.560  1.00 14.52 ? 111 TYR A CA  1 
ATOM   782  C C   . TYR A 1 111 ? -5.466  -3.843  -5.849  1.00 14.54 ? 111 TYR A C   1 
ATOM   783  O O   . TYR A 1 111 ? -4.841  -3.071  -6.571  1.00 15.07 ? 111 TYR A O   1 
ATOM   784  C CB  . TYR A 1 111 ? -7.604  -3.235  -4.676  1.00 13.59 ? 111 TYR A CB  1 
ATOM   785  C CG  . TYR A 1 111 ? -8.151  -2.320  -5.752  1.00 11.58 ? 111 TYR A CG  1 
ATOM   786  C CD1 . TYR A 1 111 ? -8.200  -2.707  -7.091  1.00 13.50 ? 111 TYR A CD1 1 
ATOM   787  C CD2 . TYR A 1 111 ? -8.679  -1.085  -5.415  1.00 14.81 ? 111 TYR A CD2 1 
ATOM   788  C CE1 . TYR A 1 111 ? -8.754  -1.866  -8.059  1.00 14.55 ? 111 TYR A CE1 1 
ATOM   789  C CE2 . TYR A 1 111 ? -9.224  -0.250  -6.372  1.00 13.56 ? 111 TYR A CE2 1 
ATOM   790  C CZ  . TYR A 1 111 ? -9.251  -0.641  -7.690  1.00 15.09 ? 111 TYR A CZ  1 
ATOM   791  O OH  . TYR A 1 111 ? -9.804  0.201   -8.635  1.00 16.74 ? 111 TYR A OH  1 
ATOM   792  N N   . LEU A 1 112 ? -5.632  -5.137  -6.101  1.00 12.77 ? 112 LEU A N   1 
ATOM   793  C CA  . LEU A 1 112 ? -5.232  -5.772  -7.354  1.00 12.22 ? 112 LEU A CA  1 
ATOM   794  C C   . LEU A 1 112 ? -6.406  -6.631  -7.808  1.00 13.72 ? 112 LEU A C   1 
ATOM   795  O O   . LEU A 1 112 ? -6.871  -7.495  -7.071  1.00 12.73 ? 112 LEU A O   1 
ATOM   796  C CB  . LEU A 1 112 ? -3.993  -6.639  -7.129  1.00 14.50 ? 112 LEU A CB  1 
ATOM   797  C CG  . LEU A 1 112 ? -3.548  -7.527  -8.291  1.00 14.45 ? 112 LEU A CG  1 
ATOM   798  C CD1 . LEU A 1 112 ? -3.295  -6.709  -9.549  1.00 17.23 ? 112 LEU A CD1 1 
ATOM   799  C CD2 . LEU A 1 112 ? -2.265  -8.243  -7.861  1.00 17.95 ? 112 LEU A CD2 1 
ATOM   800  N N   . VAL A 1 113 ? -6.889  -6.381  -9.019  1.00 14.73 ? 113 VAL A N   1 
ATOM   801  C CA  . VAL A 1 113 ? -8.046  -7.079  -9.558  1.00 13.02 ? 113 VAL A CA  1 
ATOM   802  C C   . VAL A 1 113 ? -7.612  -8.475  -9.996  1.00 15.28 ? 113 VAL A C   1 
ATOM   803  O O   . VAL A 1 113 ? -6.580  -8.638  -10.634 1.00 15.00 ? 113 VAL A O   1 
ATOM   804  C CB  . VAL A 1 113 ? -8.667  -6.289  -10.725 1.00 14.96 ? 113 VAL A CB  1 
ATOM   805  C CG1 . VAL A 1 113 ? -9.717  -7.097  -11.481 1.00 14.63 ? 113 VAL A CG1 1 
ATOM   806  C CG2 . VAL A 1 113 ? -9.259  -4.998  -10.208 1.00 17.14 ? 113 VAL A CG2 1 
ATOM   807  N N   . LYS A 1 114 ? -8.385  -9.470  -9.593  1.00 13.12 ? 114 LYS A N   1 
ATOM   808  C CA  . LYS A 1 114 ? -8.254  -10.843 -10.050 1.00 13.09 ? 114 LYS A CA  1 
ATOM   809  C C   . LYS A 1 114 ? -9.210  -11.073 -11.207 1.00 15.20 ? 114 LYS A C   1 
ATOM   810  O O   . LYS A 1 114 ? -10.322 -10.526 -11.193 1.00 18.21 ? 114 LYS A O   1 
ATOM   811  C CB  . LYS A 1 114 ? -8.697  -11.799 -8.951  1.00 15.97 ? 114 LYS A CB  1 
ATOM   812  C CG  . LYS A 1 114 ? -7.970  -11.755 -7.646  1.00 21.74 ? 114 LYS A CG  1 
ATOM   813  C CD  . LYS A 1 114 ? -8.567  -12.797 -6.687  1.00 17.28 ? 114 LYS A CD  1 
ATOM   814  C CE  . LYS A 1 114 ? -9.936  -12.424 -6.119  1.00 20.39 ? 114 LYS A CE  1 
ATOM   815  N NZ  . LYS A 1 114 ? -10.539 -13.550 -5.353  1.00 22.26 ? 114 LYS A NZ  1 
ATOM   816  N N   . PRO A 1 115 ? -8.887  -11.973 -12.138 1.00 14.39 ? 115 PRO A N   1 
ATOM   817  C CA  . PRO A 1 115 ? -7.589  -12.670 -12.225 1.00 15.19 ? 115 PRO A CA  1 
ATOM   818  C C   . PRO A 1 115 ? -6.450  -11.757 -12.640 1.00 14.14 ? 115 PRO A C   1 
ATOM   819  O O   . PRO A 1 115 ? -6.677  -10.756 -13.327 1.00 17.08 ? 115 PRO A O   1 
ATOM   820  C CB  . PRO A 1 115 ? -7.814  -13.704 -13.332 1.00 16.44 ? 115 PRO A CB  1 
ATOM   821  C CG  . PRO A 1 115 ? -8.979  -13.230 -14.100 1.00 21.11 ? 115 PRO A CG  1 
ATOM   822  C CD  . PRO A 1 115 ? -9.831  -12.412 -13.177 1.00 16.74 ? 115 PRO A CD  1 
ATOM   823  N N   . PHE A 1 116 ? -5.224  -12.094 -12.232 1.00 16.73 ? 116 PHE A N   1 
ATOM   824  C CA  . PHE A 1 116 ? -4.060  -11.219 -12.419 1.00 16.70 ? 116 PHE A CA  1 
ATOM   825  C C   . PHE A 1 116 ? -2.867  -12.034 -12.917 1.00 15.60 ? 116 PHE A C   1 
ATOM   826  O O   . PHE A 1 116 ? -2.810  -13.253 -12.738 1.00 15.31 ? 116 PHE A O   1 
ATOM   827  C CB  . PHE A 1 116 ? -3.668  -10.465 -11.137 1.00 17.37 ? 116 PHE A CB  1 
ATOM   828  C CG  . PHE A 1 116 ? -3.307  -11.366 -9.974  1.00 16.69 ? 116 PHE A CG  1 
ATOM   829  C CD1 . PHE A 1 116 ? -2.003  -11.796 -9.774  1.00 16.65 ? 116 PHE A CD1 1 
ATOM   830  C CD2 . PHE A 1 116 ? -4.272  -11.761 -9.064  1.00 18.45 ? 116 PHE A CD2 1 
ATOM   831  C CE1 . PHE A 1 116 ? -1.683  -12.618 -8.722  1.00 16.58 ? 116 PHE A CE1 1 
ATOM   832  C CE2 . PHE A 1 116 ? -3.948  -12.601 -8.000  1.00 17.65 ? 116 PHE A CE2 1 
ATOM   833  C CZ  . PHE A 1 116 ? -2.643  -13.010 -7.822  1.00 16.96 ? 116 PHE A CZ  1 
ATOM   834  N N   . SER A 1 117 ? -1.928  -11.330 -13.547 1.00 17.09 ? 117 SER A N   1 
ATOM   835  C CA  . SER A 1 117 ? -0.620  -11.872 -13.926 1.00 16.12 ? 117 SER A CA  1 
ATOM   836  C C   . SER A 1 117 ? 0.504   -11.042 -13.298 1.00 13.80 ? 117 SER A C   1 
ATOM   837  O O   . SER A 1 117 ? 0.258   -10.015 -12.655 1.00 14.79 ? 117 SER A O   1 
ATOM   838  C CB  . SER A 1 117 ? -0.467  -11.860 -15.445 1.00 17.58 ? 117 SER A CB  1 
ATOM   839  O OG  . SER A 1 117 ? -0.433  -10.515 -15.898 1.00 26.33 ? 117 SER A OG  1 
ATOM   840  N N   . ILE A 1 118 ? 1.753   -11.451 -13.505 1.00 14.25 ? 118 ILE A N   1 
ATOM   841  C CA  . ILE A 1 118 ? 2.862   -10.703 -12.951 1.00 14.26 ? 118 ILE A CA  1 
ATOM   842  C C   . ILE A 1 118 ? 2.854   -9.255  -13.439 1.00 14.66 ? 118 ILE A C   1 
ATOM   843  O O   . ILE A 1 118 ? 3.235   -8.345  -12.700 1.00 16.28 ? 118 ILE A O   1 
ATOM   844  C CB  A ILE A 1 118 ? 4.191   -11.350 -13.425 0.65 18.96 ? 118 ILE A CB  1 
ATOM   845  C CB  B ILE A 1 118 ? 4.228   -11.405 -13.128 0.35 15.50 ? 118 ILE A CB  1 
ATOM   846  C CG1 A ILE A 1 118 ? 4.722   -12.338 -12.399 0.65 22.80 ? 118 ILE A CG1 1 
ATOM   847  C CG1 B ILE A 1 118 ? 5.292   -10.719 -12.247 0.35 10.46 ? 118 ILE A CG1 1 
ATOM   848  C CG2 A ILE A 1 118 ? 5.238   -10.279 -13.713 0.65 20.76 ? 118 ILE A CG2 1 
ATOM   849  C CG2 B ILE A 1 118 ? 4.656   -11.399 -14.569 0.35 8.47  ? 118 ILE A CG2 1 
ATOM   850  C CD1 A ILE A 1 118 ? 5.981   -13.045 -12.867 0.65 26.47 ? 118 ILE A CD1 1 
ATOM   851  C CD1 B ILE A 1 118 ? 5.052   -10.815 -10.739 0.35 12.46 ? 118 ILE A CD1 1 
ATOM   852  N N   . SER A 1 119 ? 2.440   -9.029  -14.681 1.00 14.43 ? 119 SER A N   1 
ATOM   853  C CA  . SER A 1 119 ? 2.458   -7.685  -15.224 1.00 14.38 ? 119 SER A CA  1 
ATOM   854  C C   . SER A 1 119 ? 1.491   -6.765  -14.491 1.00 15.58 ? 119 SER A C   1 
ATOM   855  O O   . SER A 1 119 ? 1.663   -5.543  -14.541 1.00 14.39 ? 119 SER A O   1 
ATOM   856  C CB  . SER A 1 119 ? 2.160   -7.678  -16.721 1.00 16.63 ? 119 SER A CB  1 
ATOM   857  O OG  . SER A 1 119 ? 0.914   -8.269  -17.007 1.00 22.41 ? 119 SER A OG  1 
ATOM   858  N N   . ASP A 1 120 ? 0.475   -7.357  -13.861 1.00 14.39 ? 120 ASP A N   1 
ATOM   859  C CA  . ASP A 1 120 ? -0.533  -6.618  -13.072 1.00 16.53 ? 120 ASP A CA  1 
ATOM   860  C C   . ASP A 1 120 ? -0.047  -6.479  -11.618 1.00 15.14 ? 120 ASP A C   1 
ATOM   861  O O   . ASP A 1 120 ? -0.284  -5.479  -10.961 1.00 14.67 ? 120 ASP A O   1 
ATOM   862  C CB  . ASP A 1 120 ? -1.866  -7.425  -13.031 1.00 15.87 ? 120 ASP A CB  1 
ATOM   863  C CG  . ASP A 1 120 ? -2.458  -7.705  -14.401 1.00 19.48 ? 120 ASP A CG  1 
ATOM   864  O OD1 . ASP A 1 120 ? -2.605  -6.772  -15.227 1.00 20.50 ? 120 ASP A OD1 1 
ATOM   865  O OD2 . ASP A 1 120 ? -2.813  -8.857  -14.733 1.00 21.17 ? 120 ASP A OD2 1 
ATOM   866  N N   . LEU A 1 121 ? 0.597   -7.513  -11.102 1.00 13.52 ? 121 LEU A N   1 
ATOM   867  C CA  . LEU A 1 121 ? 1.005   -7.566  -9.697  1.00 13.54 ? 121 LEU A CA  1 
ATOM   868  C C   . LEU A 1 121 ? 2.109   -6.560  -9.406  1.00 13.63 ? 121 LEU A C   1 
ATOM   869  O O   . LEU A 1 121 ? 2.087   -5.897  -8.353  1.00 14.56 ? 121 LEU A O   1 
ATOM   870  C CB  . LEU A 1 121 ? 1.501   -8.980  -9.365  1.00 13.25 ? 121 LEU A CB  1 
ATOM   871  C CG  . LEU A 1 121 ? 2.112   -9.194  -7.982  1.00 16.04 ? 121 LEU A CG  1 
ATOM   872  C CD1 . LEU A 1 121 ? 1.076   -8.998  -6.934  1.00 17.32 ? 121 LEU A CD1 1 
ATOM   873  C CD2 . LEU A 1 121 ? 2.752   -10.578 -7.862  1.00 20.27 ? 121 LEU A CD2 1 
ATOM   874  N N   . ILE A 1 122 ? 3.067   -6.418  -10.321 1.00 14.36 ? 122 ILE A N   1 
ATOM   875  C CA  . ILE A 1 122 ? 4.218   -5.590  -10.021 1.00 15.32 ? 122 ILE A CA  1 
ATOM   876  C C   . ILE A 1 122 ? 3.823   -4.123  -9.805  1.00 15.46 ? 122 ILE A C   1 
ATOM   877  O O   . ILE A 1 122 ? 4.237   -3.528  -8.809  1.00 15.57 ? 122 ILE A O   1 
ATOM   878  C CB  . ILE A 1 122 ? 5.318   -5.760  -11.094 1.00 21.05 ? 122 ILE A CB  1 
ATOM   879  C CG1 . ILE A 1 122 ? 5.934   -7.154  -10.988 1.00 27.04 ? 122 ILE A CG1 1 
ATOM   880  C CG2 . ILE A 1 122 ? 6.422   -4.740  -10.889 1.00 19.72 ? 122 ILE A CG2 1 
ATOM   881  C CD1 . ILE A 1 122 ? 6.716   -7.373  -9.709  1.00 31.43 ? 122 ILE A CD1 1 
ATOM   882  N N   . PRO A 1 123 ? 3.018   -3.519  -10.686 1.00 13.51 ? 123 PRO A N   1 
ATOM   883  C CA  . PRO A 1 123 ? 2.504   -2.170  -10.379 1.00 14.27 ? 123 PRO A CA  1 
ATOM   884  C C   . PRO A 1 123 ? 1.657   -2.084  -9.118  1.00 12.55 ? 123 PRO A C   1 
ATOM   885  O O   . PRO A 1 123 ? 1.698   -1.056  -8.459  1.00 14.32 ? 123 PRO A O   1 
ATOM   886  C CB  . PRO A 1 123 ? 1.708   -1.782  -11.604 1.00 15.48 ? 123 PRO A CB  1 
ATOM   887  C CG  . PRO A 1 123 ? 2.213   -2.716  -12.686 1.00 19.15 ? 123 PRO A CG  1 
ATOM   888  C CD  . PRO A 1 123 ? 2.625   -3.981  -12.025 1.00 17.07 ? 123 PRO A CD  1 
ATOM   889  N N   . ALA A 1 124 ? 0.880   -3.105  -8.782  1.00 12.28 ? 124 ALA A N   1 
ATOM   890  C CA  . ALA A 1 124 ? 0.119   -3.056  -7.527  1.00 11.83 ? 124 ALA A CA  1 
ATOM   891  C C   . ALA A 1 124 ? 1.033   -3.047  -6.306  1.00 13.24 ? 124 ALA A C   1 
ATOM   892  O O   . ALA A 1 124 ? 0.788   -2.320  -5.345  1.00 13.20 ? 124 ALA A O   1 
ATOM   893  C CB  . ALA A 1 124 ? -0.864  -4.187  -7.445  1.00 13.26 ? 124 ALA A CB  1 
ATOM   894  N N   . ILE A 1 125 ? 2.117   -3.815  -6.367  1.00 13.44 ? 125 ILE A N   1 
ATOM   895  C CA  . ILE A 1 125 ? 3.089   -3.807  -5.279  1.00 14.48 ? 125 ILE A CA  1 
ATOM   896  C C   . ILE A 1 125 ? 3.730   -2.428  -5.186  1.00 13.67 ? 125 ILE A C   1 
ATOM   897  O O   . ILE A 1 125 ? 3.884   -1.877  -4.085  1.00 13.25 ? 125 ILE A O   1 
ATOM   898  C CB  . ILE A 1 125 ? 4.170   -4.902  -5.476  1.00 13.27 ? 125 ILE A CB  1 
ATOM   899  C CG1 . ILE A 1 125 ? 3.528   -6.273  -5.274  1.00 15.80 ? 125 ILE A CG1 1 
ATOM   900  C CG2 . ILE A 1 125 ? 5.331   -4.701  -4.460  1.00 16.38 ? 125 ILE A CG2 1 
ATOM   901  C CD1 . ILE A 1 125 ? 4.445   -7.458  -5.549  1.00 16.48 ? 125 ILE A CD1 1 
ATOM   902  N N   . GLU A 1 126 ? 4.085   -1.858  -6.327  1.00 13.50 ? 126 GLU A N   1 
ATOM   903  C CA  . GLU A 1 126 ? 4.713   -0.549  -6.334  1.00 12.95 ? 126 GLU A CA  1 
ATOM   904  C C   . GLU A 1 126 ? 3.802   0.512   -5.712  1.00 12.60 ? 126 GLU A C   1 
ATOM   905  O O   . GLU A 1 126 ? 4.260   1.391   -4.980  1.00 12.61 ? 126 GLU A O   1 
ATOM   906  C CB  . GLU A 1 126 ? 5.174   -0.176  -7.745  1.00 15.35 ? 126 GLU A CB  1 
ATOM   907  C CG  . GLU A 1 126 ? 6.401   -0.989  -8.159  1.00 22.58 ? 126 GLU A CG  1 
ATOM   908  C CD  . GLU A 1 126 ? 6.754   -0.917  -9.637  1.00 30.89 ? 126 GLU A CD  1 
ATOM   909  O OE1 . GLU A 1 126 ? 7.750   -1.574  -10.031 1.00 27.46 ? 126 GLU A OE1 1 
ATOM   910  O OE2 . GLU A 1 126 ? 6.056   -0.222  -10.404 1.00 34.90 ? 126 GLU A OE2 1 
ATOM   911  N N   . LEU A 1 127 ? 2.516   0.414   -6.019  1.00 11.29 ? 127 LEU A N   1 
ATOM   912  C CA  . LEU A 1 127 ? 1.522   1.332   -5.470  1.00 10.46 ? 127 LEU A CA  1 
ATOM   913  C C   . LEU A 1 127 ? 1.386   1.139   -3.965  1.00 12.62 ? 127 LEU A C   1 
ATOM   914  O O   . LEU A 1 127 ? 1.363   2.100   -3.211  1.00 12.26 ? 127 LEU A O   1 
ATOM   915  C CB  . LEU A 1 127 ? 0.179   1.142   -6.164  1.00 10.95 ? 127 LEU A CB  1 
ATOM   916  C CG  . LEU A 1 127 ? -0.971  2.094   -5.773  1.00 12.06 ? 127 LEU A CG  1 
ATOM   917  C CD1 . LEU A 1 127 ? -0.516  3.531   -5.910  1.00 13.78 ? 127 LEU A CD1 1 
ATOM   918  C CD2 . LEU A 1 127 ? -2.185  1.835   -6.654  1.00 14.25 ? 127 LEU A CD2 1 
ATOM   919  N N   . ALA A 1 128 ? 1.318   -0.110  -3.523  1.00 12.73 ? 128 ALA A N   1 
ATOM   920  C CA  . ALA A 1 128 ? 1.164   -0.364  -2.101  1.00 13.49 ? 128 ALA A CA  1 
ATOM   921  C C   . ALA A 1 128 ? 2.388   0.142   -1.321  1.00 12.13 ? 128 ALA A C   1 
ATOM   922  O O   . ALA A 1 128 ? 2.265   0.729   -0.257  1.00 13.69 ? 128 ALA A O   1 
ATOM   923  C CB  . ALA A 1 128 ? 0.964   -1.851  -1.867  1.00 14.02 ? 128 ALA A CB  1 
ATOM   924  N N   . VAL A 1 129 ? 3.575   -0.105  -1.857  1.00 12.59 ? 129 VAL A N   1 
ATOM   925  C CA  . VAL A 1 129 ? 4.818   0.363   -1.271  1.00 11.87 ? 129 VAL A CA  1 
ATOM   926  C C   . VAL A 1 129 ? 4.888   1.900   -1.188  1.00 12.47 ? 129 VAL A C   1 
ATOM   927  O O   . VAL A 1 129 ? 5.303   2.472   -0.184  1.00 13.05 ? 129 VAL A O   1 
ATOM   928  C CB  . VAL A 1 129 ? 6.036   -0.180  -2.052  1.00 13.19 ? 129 VAL A CB  1 
ATOM   929  C CG1 . VAL A 1 129 ? 7.272   0.502   -1.620  1.00 15.71 ? 129 VAL A CG1 1 
ATOM   930  C CG2 . VAL A 1 129 ? 6.136   -1.679  -1.839  1.00 16.79 ? 129 VAL A CG2 1 
ATOM   931  N N   . SER A 1 130 ? 4.470   2.572   -2.252  1.00 12.15 ? 130 SER A N   1 
ATOM   932  C CA  . SER A 1 130 ? 4.444   4.027   -2.255  1.00 10.76 ? 130 SER A CA  1 
ATOM   933  C C   . SER A 1 130 ? 3.537   4.594   -1.150  1.00 11.58 ? 130 SER A C   1 
ATOM   934  O O   . SER A 1 130 ? 3.907   5.531   -0.426  1.00 10.06 ? 130 SER A O   1 
ATOM   935  C CB  . SER A 1 130 ? 3.981   4.523   -3.618  1.00 11.38 ? 130 SER A CB  1 
ATOM   936  O OG  . SER A 1 130 ? 3.920   5.925   -3.644  1.00 11.28 ? 130 SER A OG  1 
ATOM   937  N N   . ARG A 1 131 ? 2.336   4.042   -1.062  1.00 10.93 ? 131 ARG A N   1 
ATOM   938  C CA  . ARG A 1 131 ? 1.371   4.506   -0.073  1.00 10.26 ? 131 ARG A CA  1 
ATOM   939  C C   . ARG A 1 131 ? 1.873   4.240   1.358   1.00 10.66 ? 131 ARG A C   1 
ATOM   940  O O   . ARG A 1 131 ? 1.705   5.063   2.259   1.00 11.80 ? 131 ARG A O   1 
ATOM   941  C CB  . ARG A 1 131 ? 0.026   3.828   -0.309  1.00 11.69 ? 131 ARG A CB  1 
ATOM   942  C CG  . ARG A 1 131 ? -0.678  4.365   -1.543  1.00 11.15 ? 131 ARG A CG  1 
ATOM   943  C CD  . ARG A 1 131 ? -1.955  3.662   -1.934  1.00 11.79 ? 131 ARG A CD  1 
ATOM   944  N NE  . ARG A 1 131 ? -2.606  4.256   -3.087  1.00 11.78 ? 131 ARG A NE  1 
ATOM   945  C CZ  . ARG A 1 131 ? -3.660  3.733   -3.705  1.00 14.45 ? 131 ARG A CZ  1 
ATOM   946  N NH1 . ARG A 1 131 ? -4.173  2.593   -3.264  1.00 15.11 ? 131 ARG A NH1 1 
ATOM   947  N NH2 . ARG A 1 131 ? -4.208  4.326   -4.747  1.00 14.01 ? 131 ARG A NH2 1 
ATOM   948  N N   . PHE A 1 132 ? 2.526   3.105   1.560   1.00 11.41 ? 132 PHE A N   1 
ATOM   949  C CA  . PHE A 1 132 ? 3.143   2.781   2.850   1.00 11.30 ? 132 PHE A CA  1 
ATOM   950  C C   . PHE A 1 132 ? 4.247   3.779   3.189   1.00 11.46 ? 132 PHE A C   1 
ATOM   951  O O   . PHE A 1 132 ? 4.327   4.299   4.296   1.00 13.65 ? 132 PHE A O   1 
ATOM   952  C CB  . PHE A 1 132 ? 3.748   1.354   2.832   1.00 14.32 ? 132 PHE A CB  1 
ATOM   953  C CG  . PHE A 1 132 ? 4.404   0.942   4.159   1.00 13.51 ? 132 PHE A CG  1 
ATOM   954  C CD1 . PHE A 1 132 ? 3.635   0.618   5.267   1.00 15.00 ? 132 PHE A CD1 1 
ATOM   955  C CD2 . PHE A 1 132 ? 5.787   0.834   4.268   1.00 16.78 ? 132 PHE A CD2 1 
ATOM   956  C CE1 . PHE A 1 132 ? 4.238   0.248   6.487   1.00 12.77 ? 132 PHE A CE1 1 
ATOM   957  C CE2 . PHE A 1 132 ? 6.396   0.438   5.465   1.00 18.39 ? 132 PHE A CE2 1 
ATOM   958  C CZ  . PHE A 1 132 ? 5.621   0.144   6.573   1.00 16.08 ? 132 PHE A CZ  1 
ATOM   959  N N   . ARG A 1 133 ? 5.102   4.051   2.212   1.00 12.15 ? 133 ARG A N   1 
ATOM   960  C CA  . ARG A 1 133 ? 6.193   4.977   2.436   1.00 11.36 ? 133 ARG A CA  1 
ATOM   961  C C   . ARG A 1 133 ? 5.661   6.376   2.764   1.00 11.16 ? 133 ARG A C   1 
ATOM   962  O O   . ARG A 1 133 ? 6.250   7.098   3.540   1.00 11.05 ? 133 ARG A O   1 
ATOM   963  C CB  A ARG A 1 133 ? 7.096   5.022   1.198   0.50 12.20 ? 133 ARG A CB  1 
ATOM   964  C CB  B ARG A 1 133 ? 7.123   5.017   1.225   0.50 11.11 ? 133 ARG A CB  1 
ATOM   965  C CG  A ARG A 1 133 ? 8.353   5.863   1.346   0.50 19.52 ? 133 ARG A CG  1 
ATOM   966  C CG  B ARG A 1 133 ? 7.820   3.692   0.952   0.50 13.48 ? 133 ARG A CG  1 
ATOM   967  C CD  A ARG A 1 133 ? 8.892   6.410   0.030   0.50 26.87 ? 133 ARG A CD  1 
ATOM   968  C CD  B ARG A 1 133 ? 9.330   3.786   0.905   0.50 23.31 ? 133 ARG A CD  1 
ATOM   969  N NE  A ARG A 1 133 ? 10.352  6.495   0.016   0.50 32.76 ? 133 ARG A NE  1 
ATOM   970  N NE  B ARG A 1 133 ? 9.954   2.499   0.590   0.50 27.28 ? 133 ARG A NE  1 
ATOM   971  C CZ  A ARG A 1 133 ? 11.152  5.472   -0.253  0.50 36.32 ? 133 ARG A CZ  1 
ATOM   972  C CZ  B ARG A 1 133 ? 10.230  2.072   -0.638  0.50 26.03 ? 133 ARG A CZ  1 
ATOM   973  N NH1 A ARG A 1 133 ? 10.641  4.281   -0.529  0.50 37.27 ? 133 ARG A NH1 1 
ATOM   974  N NH1 B ARG A 1 133 ? 9.930   2.816   -1.695  0.50 26.27 ? 133 ARG A NH1 1 
ATOM   975  N NH2 A ARG A 1 133 ? 12.469  5.640   -0.243  0.50 38.91 ? 133 ARG A NH2 1 
ATOM   976  N NH2 B ARG A 1 133 ? 10.804  0.887   -0.814  0.50 31.37 ? 133 ARG A NH2 1 
ATOM   977  N N   . GLU A 1 134 ? 4.547   6.759   2.138   1.00 8.56  ? 134 GLU A N   1 
ATOM   978  C CA  . GLU A 1 134 ? 3.910   8.024   2.442   1.00 8.31  ? 134 GLU A CA  1 
ATOM   979  C C   . GLU A 1 134 ? 3.410   8.069   3.896   1.00 8.22  ? 134 GLU A C   1 
ATOM   980  O O   . GLU A 1 134 ? 3.630   9.060   4.601   1.00 9.38  ? 134 GLU A O   1 
ATOM   981  C CB  . GLU A 1 134 ? 2.786   8.295   1.442   1.00 8.83  ? 134 GLU A CB  1 
ATOM   982  C CG  . GLU A 1 134 ? 1.905   9.466   1.775   1.00 9.40  ? 134 GLU A CG  1 
ATOM   983  C CD  . GLU A 1 134 ? 0.788   9.665   0.752   1.00 10.04 ? 134 GLU A CD  1 
ATOM   984  O OE1 . GLU A 1 134 ? 0.869   9.131   -0.353  1.00 13.11 ? 134 GLU A OE1 1 
ATOM   985  O OE2 . GLU A 1 134 ? -0.177  10.399  1.093   1.00 12.11 ? 134 GLU A OE2 1 
ATOM   986  N N   . ILE A 1 135 ? 2.771   6.981   4.339   1.00 10.24 ? 135 ILE A N   1 
ATOM   987  C CA  . ILE A 1 135 ? 2.312   6.909   5.725   1.00 13.34 ? 135 ILE A CA  1 
ATOM   988  C C   . ILE A 1 135 ? 3.499   7.009   6.668   1.00 12.75 ? 135 ILE A C   1 
ATOM   989  O O   . ILE A 1 135 ? 3.465   7.763   7.638   1.00 15.45 ? 135 ILE A O   1 
ATOM   990  C CB  . ILE A 1 135 ? 1.550   5.598   5.979   1.00 15.43 ? 135 ILE A CB  1 
ATOM   991  C CG1 . ILE A 1 135 ? 0.180   5.633   5.301   1.00 20.75 ? 135 ILE A CG1 1 
ATOM   992  C CG2 . ILE A 1 135 ? 1.377   5.368   7.466   1.00 19.33 ? 135 ILE A CG2 1 
ATOM   993  C CD1 . ILE A 1 135 ? -0.824  6.473   6.051   1.00 26.72 ? 135 ILE A CD1 1 
ATOM   994  N N   . THR A 1 136 ? 4.550   6.243   6.408   1.00 13.17 ? 136 THR A N   1 
ATOM   995  C CA  . THR A 1 136 ? 5.648   6.211   7.370   1.00 14.39 ? 136 THR A CA  1 
ATOM   996  C C   . THR A 1 136 ? 6.419   7.527   7.349   1.00 14.91 ? 136 THR A C   1 
ATOM   997  O O   . THR A 1 136 ? 6.873   7.999   8.390   1.00 15.96 ? 136 THR A O   1 
ATOM   998  C CB  . THR A 1 136 ? 6.569   4.982   7.141   1.00 17.13 ? 136 THR A CB  1 
ATOM   999  O OG1 . THR A 1 136 ? 7.238   5.084   5.888   1.00 23.89 ? 136 THR A OG1 1 
ATOM   1000 C CG2 . THR A 1 136 ? 5.758   3.714   7.012   1.00 18.07 ? 136 THR A CG2 1 
ATOM   1001 N N   . ALA A 1 137 ? 6.513   8.163   6.185   1.00 12.42 ? 137 ALA A N   1 
ATOM   1002 C CA  . ALA A 1 137 ? 7.143   9.471   6.093   1.00 12.66 ? 137 ALA A CA  1 
ATOM   1003 C C   . ALA A 1 137 ? 6.365   10.522  6.892   1.00 13.39 ? 137 ALA A C   1 
ATOM   1004 O O   . ALA A 1 137 ? 6.959   11.346  7.572   1.00 15.98 ? 137 ALA A O   1 
ATOM   1005 C CB  . ALA A 1 137 ? 7.288   9.897   4.663   1.00 13.68 ? 137 ALA A CB  1 
ATOM   1006 N N   . LEU A 1 138 ? 5.040   10.480  6.814   1.00 9.85  ? 138 LEU A N   1 
ATOM   1007 C CA  . LEU A 1 138 ? 4.205   11.431  7.537   1.00 11.53 ? 138 LEU A CA  1 
ATOM   1008 C C   . LEU A 1 138 ? 4.188   11.152  9.042   1.00 11.65 ? 138 LEU A C   1 
ATOM   1009 O O   . LEU A 1 138 ? 4.081   12.079  9.844   1.00 12.93 ? 138 LEU A O   1 
ATOM   1010 C CB  . LEU A 1 138 ? 2.774   11.368  7.013   1.00 12.95 ? 138 LEU A CB  1 
ATOM   1011 C CG  . LEU A 1 138 ? 2.516   11.915  5.608   1.00 12.55 ? 138 LEU A CG  1 
ATOM   1012 C CD1 . LEU A 1 138 ? 1.232   11.300  5.089   1.00 15.46 ? 138 LEU A CD1 1 
ATOM   1013 C CD2 . LEU A 1 138 ? 2.442   13.430  5.616   1.00 16.90 ? 138 LEU A CD2 1 
ATOM   1014 N N   . GLU A 1 139 ? 4.261   9.878   9.425   1.00 10.31 ? 139 GLU A N   1 
ATOM   1015 C CA  . GLU A 1 139 ? 4.366   9.530   10.844  1.00 11.88 ? 139 GLU A CA  1 
ATOM   1016 C C   . GLU A 1 139 ? 5.633   10.151  11.414  1.00 14.59 ? 139 GLU A C   1 
ATOM   1017 O O   . GLU A 1 139 ? 5.654   10.566  12.565  1.00 16.71 ? 139 GLU A O   1 
ATOM   1018 C CB  . GLU A 1 139 ? 4.395   8.021   11.077  1.00 9.70  ? 139 GLU A CB  1 
ATOM   1019 C CG  . GLU A 1 139 ? 3.131   7.261   10.703  1.00 20.85 ? 139 GLU A CG  1 
ATOM   1020 C CD  . GLU A 1 139 ? 1.974   7.506   11.660  1.00 23.89 ? 139 GLU A CD  1 
ATOM   1021 O OE1 . GLU A 1 139 ? 0.811   7.347   11.230  1.00 28.77 ? 139 GLU A OE1 1 
ATOM   1022 O OE2 . GLU A 1 139 ? 2.226   7.833   12.841  1.00 30.03 ? 139 GLU A OE2 1 
ATOM   1023 N N   . GLY A 1 140 ? 6.686   10.217  10.606  1.00 14.08 ? 140 GLY A N   1 
ATOM   1024 C CA  . GLY A 1 140 ? 7.990   10.604  11.120  1.00 17.36 ? 140 GLY A CA  1 
ATOM   1025 C C   . GLY A 1 140 ? 8.213   12.105  11.053  1.00 19.66 ? 140 GLY A C   1 
ATOM   1026 O O   . GLY A 1 140 ? 8.918   12.678  11.879  1.00 16.67 ? 140 GLY A O   1 
ATOM   1027 N N   . GLU A 1 141 ? 7.614   12.740  10.049  1.00 23.49 ? 141 GLU A N   1 
ATOM   1028 C CA  . GLU A 1 141 ? 7.902   14.128  9.718   1.00 23.49 ? 141 GLU A CA  1 
ATOM   1029 C C   . GLU A 1 141 ? 6.954   15.141  10.408  1.00 21.77 ? 141 GLU A C   1 
ATOM   1030 O O   . GLU A 1 141 ? 7.357   16.262  10.736  1.00 25.53 ? 141 GLU A O   1 
ATOM   1031 C CB  . GLU A 1 141 ? 7.830   14.306  8.204   1.00 29.00 ? 141 GLU A CB  1 
ATOM   1032 C CG  . GLU A 1 141 ? 8.428   15.603  7.707   1.00 33.14 ? 141 GLU A CG  1 
ATOM   1033 C CD  . GLU A 1 141 ? 8.633   15.594  6.206   1.00 30.46 ? 141 GLU A CD  1 
ATOM   1034 O OE1 . GLU A 1 141 ? 9.585   14.911  5.741   1.00 34.01 ? 141 GLU A OE1 1 
ATOM   1035 O OE2 . GLU A 1 141 ? 7.839   16.258  5.499   1.00 22.78 ? 141 GLU A OE2 1 
ATOM   1036 N N   . VAL A 1 142 ? 5.706   14.750  10.602  1.00 19.49 ? 142 VAL A N   1 
ATOM   1037 C CA  . VAL A 1 142 ? 4.687   15.658  11.122  1.00 18.97 ? 142 VAL A CA  1 
ATOM   1038 C C   . VAL A 1 142 ? 4.504   15.376  12.619  1.00 18.78 ? 142 VAL A C   1 
ATOM   1039 O O   . VAL A 1 142 ? 4.308   14.229  13.030  1.00 19.90 ? 142 VAL A O   1 
ATOM   1040 C CB  . VAL A 1 142 ? 3.345   15.440  10.410  1.00 20.10 ? 142 VAL A CB  1 
ATOM   1041 C CG1 . VAL A 1 142 ? 2.339   16.443  10.903  1.00 20.25 ? 142 VAL A CG1 1 
ATOM   1042 C CG2 . VAL A 1 142 ? 3.511   15.548  8.884   1.00 21.20 ? 142 VAL A CG2 1 
ATOM   1043 N N   . ALA A 1 143 ? 4.578   16.419  13.449  1.00 18.71 ? 143 ALA A N   1 
ATOM   1044 C CA  . ALA A 1 143 ? 4.660   16.229  14.900  1.00 19.44 ? 143 ALA A CA  1 
ATOM   1045 C C   . ALA A 1 143 ? 3.384   15.654  15.518  1.00 18.26 ? 143 ALA A C   1 
ATOM   1046 O O   . ALA A 1 143 ? 3.452   14.810  16.416  1.00 20.11 ? 143 ALA A O   1 
ATOM   1047 C CB  . ALA A 1 143 ? 4.993   17.561  15.557  1.00 19.09 ? 143 ALA A CB  1 
ATOM   1048 N N   . THR A 1 144 ? 2.222   16.137  15.089  1.00 17.97 ? 144 THR A N   1 
ATOM   1049 C CA  . THR A 1 144 ? 0.967   15.763  15.740  1.00 20.25 ? 144 THR A CA  1 
ATOM   1050 C C   . THR A 1 144 ? -0.019  15.115  14.801  1.00 21.45 ? 144 THR A C   1 
ATOM   1051 O O   . THR A 1 144 ? 0.012   15.353  13.594  1.00 21.83 ? 144 THR A O   1 
ATOM   1052 C CB  . THR A 1 144 ? 0.292   16.958  16.426  1.00 21.12 ? 144 THR A CB  1 
ATOM   1053 O OG1 . THR A 1 144 ? -0.241  17.868  15.449  1.00 24.57 ? 144 THR A OG1 1 
ATOM   1054 C CG2 . THR A 1 144 ? 1.289   17.766  17.222  1.00 21.18 ? 144 THR A CG2 1 
ATOM   1055 N N   . LEU A 1 145 ? -0.910  14.314  15.378  1.00 20.47 ? 145 LEU A N   1 
ATOM   1056 C CA  . LEU A 1 145 ? -1.894  13.567  14.620  1.00 20.82 ? 145 LEU A CA  1 
ATOM   1057 C C   . LEU A 1 145 ? -2.820  14.492  13.834  1.00 24.60 ? 145 LEU A C   1 
ATOM   1058 O O   . LEU A 1 145 ? -3.109  14.216  12.677  1.00 22.85 ? 145 LEU A O   1 
ATOM   1059 C CB  . LEU A 1 145 ? -2.691  12.649  15.546  1.00 23.49 ? 145 LEU A CB  1 
ATOM   1060 C CG  . LEU A 1 145 ? -3.780  11.818  14.882  1.00 26.86 ? 145 LEU A CG  1 
ATOM   1061 C CD1 . LEU A 1 145 ? -3.218  10.882  13.839  1.00 30.48 ? 145 LEU A CD1 1 
ATOM   1062 C CD2 . LEU A 1 145 ? -4.521  11.035  15.980  1.00 29.98 ? 145 LEU A CD2 1 
ATOM   1063 N N   . SER A 1 146 ? -3.271  15.589  14.433  1.00 23.21 ? 146 SER A N   1 
ATOM   1064 C CA  . SER A 1 146 ? -4.217  16.467  13.740  1.00 25.59 ? 146 SER A CA  1 
ATOM   1065 C C   . SER A 1 146 ? -3.555  17.132  12.538  1.00 26.12 ? 146 SER A C   1 
ATOM   1066 O O   . SER A 1 146 ? -4.141  17.197  11.449  1.00 25.21 ? 146 SER A O   1 
ATOM   1067 C CB  . SER A 1 146 ? -4.786  17.515  14.682  1.00 28.31 ? 146 SER A CB  1 
ATOM   1068 O OG  . SER A 1 146 ? -3.767  18.321  15.226  1.00 34.71 ? 146 SER A OG  1 
ATOM   1069 N N   . GLU A 1 147 ? -2.320  17.574  12.712  1.00 22.80 ? 147 GLU A N   1 
ATOM   1070 C CA  . GLU A 1 147 ? -1.545  18.104  11.586  1.00 21.11 ? 147 GLU A CA  1 
ATOM   1071 C C   . GLU A 1 147 ? -1.374  17.015  10.532  1.00 22.03 ? 147 GLU A C   1 
ATOM   1072 O O   . GLU A 1 147 ? -1.425  17.276  9.333   1.00 20.68 ? 147 GLU A O   1 
ATOM   1073 C CB  . GLU A 1 147 ? -0.132  18.504  12.011  1.00 20.61 ? 147 GLU A CB  1 
ATOM   1074 C CG  . GLU A 1 147 ? 0.027   19.815  12.747  1.00 25.40 ? 147 GLU A CG  1 
ATOM   1075 C CD  . GLU A 1 147 ? 1.438   19.928  13.305  1.00 26.94 ? 147 GLU A CD  1 
ATOM   1076 O OE1 . GLU A 1 147 ? 1.725   19.232  14.299  1.00 31.93 ? 147 GLU A OE1 1 
ATOM   1077 O OE2 . GLU A 1 147 ? 2.286   20.646  12.730  1.00 30.38 ? 147 GLU A OE2 1 
ATOM   1078 N N   . ARG A 1 148 ? -1.132  15.800  10.985  1.00 20.69 ? 148 ARG A N   1 
ATOM   1079 C CA  . ARG A 1 148 ? -0.776  14.706  10.089  1.00 21.47 ? 148 ARG A CA  1 
ATOM   1080 C C   . ARG A 1 148 ? -1.957  14.366  9.189   1.00 21.96 ? 148 ARG A C   1 
ATOM   1081 O O   . ARG A 1 148 ? -1.782  14.143  7.989   1.00 21.11 ? 148 ARG A O   1 
ATOM   1082 C CB  . ARG A 1 148 ? -0.352  13.479  10.898  1.00 22.89 ? 148 ARG A CB  1 
ATOM   1083 C CG  . ARG A 1 148 ? 0.382   12.405  10.107  1.00 25.07 ? 148 ARG A CG  1 
ATOM   1084 C CD  . ARG A 1 148 ? 0.948   11.271  10.973  1.00 26.45 ? 148 ARG A CD  1 
ATOM   1085 N NE  . ARG A 1 148 ? 1.781   11.842  12.011  1.00 24.50 ? 148 ARG A NE  1 
ATOM   1086 C CZ  . ARG A 1 148 ? 1.553   11.770  13.312  1.00 24.07 ? 148 ARG A CZ  1 
ATOM   1087 N NH1 . ARG A 1 148 ? 0.533   11.072  13.802  1.00 25.94 ? 148 ARG A NH1 1 
ATOM   1088 N NH2 . ARG A 1 148 ? 2.363   12.416  14.129  1.00 23.27 ? 148 ARG A NH2 1 
ATOM   1089 N N   . LEU A 1 149 ? -3.160  14.337  9.745   1.00 20.96 ? 149 LEU A N   1 
ATOM   1090 C CA  . LEU A 1 149 ? -4.343  14.022  8.957   1.00 21.23 ? 149 LEU A CA  1 
ATOM   1091 C C   . LEU A 1 149 ? -4.499  15.029  7.819   1.00 22.49 ? 149 LEU A C   1 
ATOM   1092 O O   . LEU A 1 149 ? -4.737  14.652  6.665   1.00 23.03 ? 149 LEU A O   1 
ATOM   1093 C CB  . LEU A 1 149 ? -5.606  13.988  9.830   1.00 23.11 ? 149 LEU A CB  1 
ATOM   1094 C CG  . LEU A 1 149 ? -5.688  12.945  10.950  1.00 33.63 ? 149 LEU A CG  1 
ATOM   1095 C CD1 . LEU A 1 149 ? -6.898  13.229  11.838  1.00 39.25 ? 149 LEU A CD1 1 
ATOM   1096 C CD2 . LEU A 1 149 ? -5.730  11.527  10.397  1.00 32.21 ? 149 LEU A CD2 1 
ATOM   1097 N N   . GLU A 1 150 ? -4.305  16.309  8.123   1.00 12.68 ? 150 GLU A N   1 
ATOM   1098 C CA  . GLU A 1 150 ? -4.508  17.343  7.116   1.00 13.54 ? 150 GLU A CA  1 
ATOM   1099 C C   . GLU A 1 150 ? -3.335  17.417  6.166   1.00 13.64 ? 150 GLU A C   1 
ATOM   1100 O O   . GLU A 1 150 ? -3.492  17.769  4.999   1.00 13.37 ? 150 GLU A O   1 
ATOM   1101 C CB  . GLU A 1 150 ? -4.761  18.697  7.777   1.00 12.05 ? 150 GLU A CB  1 
ATOM   1102 C CG  . GLU A 1 150 ? -6.125  18.843  8.416   1.00 11.63 ? 150 GLU A CG  1 
ATOM   1103 C CD  . GLU A 1 150 ? -7.268  18.702  7.427   1.00 14.87 ? 150 GLU A CD  1 
ATOM   1104 O OE1 . GLU A 1 150 ? -7.116  19.084  6.254   1.00 16.17 ? 150 GLU A OE1 1 
ATOM   1105 O OE2 . GLU A 1 150 ? -8.332  18.171  7.814   1.00 19.31 ? 150 GLU A OE2 1 
ATOM   1106 N N   . THR A 1 151 ? -2.154  17.037  6.639   1.00 12.57 ? 151 THR A N   1 
ATOM   1107 C CA  . THR A 1 151 ? -0.992  16.993  5.785   1.00 12.02 ? 151 THR A CA  1 
ATOM   1108 C C   . THR A 1 151 ? -1.148  15.852  4.765   1.00 14.40 ? 151 THR A C   1 
ATOM   1109 O O   . THR A 1 151 ? -0.897  16.019  3.579   1.00 13.94 ? 151 THR A O   1 
ATOM   1110 C CB  . THR A 1 151 ? 0.302   16.811  6.605   1.00 13.15 ? 151 THR A CB  1 
ATOM   1111 O OG1 . THR A 1 151 ? 0.471   17.922  7.495   1.00 13.87 ? 151 THR A OG1 1 
ATOM   1112 C CG2 . THR A 1 151 ? 1.528   16.852  5.718   1.00 17.99 ? 151 THR A CG2 1 
ATOM   1113 N N   . ARG A 1 152 ? -1.624  14.703  5.218   1.00 14.53 ? 152 ARG A N   1 
ATOM   1114 C CA  . ARG A 1 152 ? -1.977  13.645  4.285   1.00 15.17 ? 152 ARG A CA  1 
ATOM   1115 C C   . ARG A 1 152 ? -2.964  14.105  3.207   1.00 12.26 ? 152 ARG A C   1 
ATOM   1116 O O   . ARG A 1 152 ? -2.747  13.840  2.028   1.00 13.97 ? 152 ARG A O   1 
ATOM   1117 C CB  . ARG A 1 152 ? -2.507  12.420  4.997   1.00 16.25 ? 152 ARG A CB  1 
ATOM   1118 C CG  . ARG A 1 152 ? -2.572  11.201  4.085   1.00 20.13 ? 152 ARG A CG  1 
ATOM   1119 C CD  . ARG A 1 152 ? -3.019  9.928   4.773   1.00 30.27 ? 152 ARG A CD  1 
ATOM   1120 N NE  . ARG A 1 152 ? -2.846  8.766   3.900   1.00 36.08 ? 152 ARG A NE  1 
ATOM   1121 C CZ  . ARG A 1 152 ? -3.617  8.504   2.847   1.00 47.53 ? 152 ARG A CZ  1 
ATOM   1122 N NH1 . ARG A 1 152 ? -4.619  9.315   2.525   1.00 47.00 ? 152 ARG A NH1 1 
ATOM   1123 N NH2 . ARG A 1 152 ? -3.388  7.425   2.109   1.00 48.96 ? 152 ARG A NH2 1 
ATOM   1124 N N   . LYS A 1 153 ? -4.035  14.788  3.607   1.00 13.20 ? 153 LYS A N   1 
ATOM   1125 C CA  . LYS A 1 153 ? -5.015  15.234  2.616   1.00 13.78 ? 153 LYS A CA  1 
ATOM   1126 C C   . LYS A 1 153 ? -4.352  16.180  1.604   1.00 13.87 ? 153 LYS A C   1 
ATOM   1127 O O   . LYS A 1 153 ? -4.631  16.117  0.398   1.00 13.97 ? 153 LYS A O   1 
ATOM   1128 C CB  . LYS A 1 153 ? -6.194  15.942  3.267   1.00 13.97 ? 153 LYS A CB  1 
ATOM   1129 C CG  . LYS A 1 153 ? -7.157  15.067  4.041   1.00 15.96 ? 153 LYS A CG  1 
ATOM   1130 C CD  . LYS A 1 153 ? -8.214  15.943  4.720   1.00 18.77 ? 153 LYS A CD  1 
ATOM   1131 C CE  . LYS A 1 153 ? -8.957  15.228  5.808   1.00 28.16 ? 153 LYS A CE  1 
ATOM   1132 N NZ  . LYS A 1 153 ? -9.989  16.140  6.372   1.00 29.23 ? 153 LYS A NZ  1 
ATOM   1133 N N   . LEU A 1 154 ? -3.471  17.051  2.085   1.00 13.26 ? 154 LEU A N   1 
ATOM   1134 C CA  . LEU A 1 154 ? -2.776  17.989  1.209   1.00 14.00 ? 154 LEU A CA  1 
ATOM   1135 C C   . LEU A 1 154 ? -1.852  17.266  0.233   1.00 13.78 ? 154 LEU A C   1 
ATOM   1136 O O   . LEU A 1 154 ? -1.819  17.554  -0.968  1.00 14.10 ? 154 LEU A O   1 
ATOM   1137 C CB  . LEU A 1 154 ? -1.990  19.010  2.043   1.00 15.88 ? 154 LEU A CB  1 
ATOM   1138 C CG  . LEU A 1 154 ? -1.182  20.020  1.234   1.00 16.53 ? 154 LEU A CG  1 
ATOM   1139 C CD1 . LEU A 1 154 ? -2.063  20.873  0.337   1.00 18.17 ? 154 LEU A CD1 1 
ATOM   1140 C CD2 . LEU A 1 154 ? -0.349  20.910  2.140   1.00 17.81 ? 154 LEU A CD2 1 
ATOM   1141 N N   . VAL A 1 155 ? -1.087  16.313  0.752   1.00 14.93 ? 155 VAL A N   1 
ATOM   1142 C CA  . VAL A 1 155 ? -0.196  15.509  -0.077  1.00 13.56 ? 155 VAL A CA  1 
ATOM   1143 C C   . VAL A 1 155 ? -1.001  14.765  -1.156  1.00 13.39 ? 155 VAL A C   1 
ATOM   1144 O O   . VAL A 1 155 ? -0.570  14.681  -2.294  1.00 14.70 ? 155 VAL A O   1 
ATOM   1145 C CB  . VAL A 1 155 ? 0.658   14.550  0.795   1.00 14.11 ? 155 VAL A CB  1 
ATOM   1146 C CG1 . VAL A 1 155 ? 1.413   13.545  -0.052  1.00 15.80 ? 155 VAL A CG1 1 
ATOM   1147 C CG2 . VAL A 1 155 ? 1.657   15.359  1.616   1.00 18.27 ? 155 VAL A CG2 1 
ATOM   1148 N N   . GLU A 1 156 ? -2.147  14.223  -0.775  1.00 13.73 ? 156 GLU A N   1 
ATOM   1149 C CA  . GLU A 1 156 ? -2.995  13.498  -1.715  1.00 14.55 ? 156 GLU A CA  1 
ATOM   1150 C C   . GLU A 1 156 ? -3.511  14.417  -2.814  1.00 13.74 ? 156 GLU A C   1 
ATOM   1151 O O   . GLU A 1 156 ? -3.539  14.026  -3.980  1.00 14.49 ? 156 GLU A O   1 
ATOM   1152 C CB  . GLU A 1 156 ? -4.150  12.774  -1.012  1.00 15.00 ? 156 GLU A CB  1 
ATOM   1153 C CG  . GLU A 1 156 ? -3.681  11.577  -0.200  1.00 14.47 ? 156 GLU A CG  1 
ATOM   1154 C CD  . GLU A 1 156 ? -3.140  10.469  -1.078  1.00 18.42 ? 156 GLU A CD  1 
ATOM   1155 O OE1 . GLU A 1 156 ? -3.880  10.007  -1.970  1.00 23.93 ? 156 GLU A OE1 1 
ATOM   1156 O OE2 . GLU A 1 156 ? -1.978  10.068  -0.905  1.00 17.64 ? 156 GLU A OE2 1 
ATOM   1157 N N   . ARG A 1 157 ? -3.888  15.640  -2.457  1.00 12.94 ? 157 ARG A N   1 
ATOM   1158 C CA  . ARG A 1 157 ? -4.284  16.605  -3.472  1.00 13.80 ? 157 ARG A CA  1 
ATOM   1159 C C   . ARG A 1 157 ? -3.124  16.950  -4.393  1.00 14.12 ? 157 ARG A C   1 
ATOM   1160 O O   . ARG A 1 157 ? -3.301  17.047  -5.614  1.00 14.69 ? 157 ARG A O   1 
ATOM   1161 C CB  . ARG A 1 157 ? -4.856  17.855  -2.836  1.00 13.84 ? 157 ARG A CB  1 
ATOM   1162 C CG  . ARG A 1 157 ? -6.223  17.648  -2.221  1.00 15.78 ? 157 ARG A CG  1 
ATOM   1163 C CD  . ARG A 1 157 ? -6.615  18.713  -1.225  1.00 15.70 ? 157 ARG A CD  1 
ATOM   1164 N NE  . ARG A 1 157 ? -6.749  20.040  -1.820  1.00 16.90 ? 157 ARG A NE  1 
ATOM   1165 C CZ  . ARG A 1 157 ? -6.634  21.179  -1.137  1.00 16.94 ? 157 ARG A CZ  1 
ATOM   1166 N NH1 . ARG A 1 157 ? -6.328  21.188  0.163   1.00 17.86 ? 157 ARG A NH1 1 
ATOM   1167 N NH2 . ARG A 1 157 ? -6.812  22.332  -1.759  1.00 22.43 ? 157 ARG A NH2 1 
ATOM   1168 N N   . ALA A 1 158 ? -1.937  17.130  -3.832  1.00 13.53 ? 158 ALA A N   1 
ATOM   1169 C CA  . ALA A 1 158 ? -0.780  17.477  -4.650  1.00 13.84 ? 158 ALA A CA  1 
ATOM   1170 C C   . ALA A 1 158 ? -0.392  16.322  -5.582  1.00 14.73 ? 158 ALA A C   1 
ATOM   1171 O O   . ALA A 1 158 ? -0.126  16.531  -6.763  1.00 14.34 ? 158 ALA A O   1 
ATOM   1172 C CB  . ALA A 1 158 ? 0.388   17.872  -3.757  1.00 15.03 ? 158 ALA A CB  1 
ATOM   1173 N N   . LYS A 1 159 ? -0.389  15.097  -5.064  1.00 13.84 ? 159 LYS A N   1 
ATOM   1174 C CA  . LYS A 1 159 ? -0.210  13.916  -5.914  1.00 14.54 ? 159 LYS A CA  1 
ATOM   1175 C C   . LYS A 1 159 ? -1.175  13.917  -7.082  1.00 14.40 ? 159 LYS A C   1 
ATOM   1176 O O   . LYS A 1 159 ? -0.778  13.717  -8.213  1.00 13.79 ? 159 LYS A O   1 
ATOM   1177 C CB  . LYS A 1 159 ? -0.409  12.629  -5.116  1.00 13.91 ? 159 LYS A CB  1 
ATOM   1178 C CG  . LYS A 1 159 ? 0.751   12.272  -4.155  1.00 15.35 ? 159 LYS A CG  1 
ATOM   1179 C CD  . LYS A 1 159 ? 0.369   11.170  -3.166  1.00 14.19 ? 159 LYS A CD  1 
ATOM   1180 C CE  . LYS A 1 159 ? -0.068  9.858   -3.851  1.00 14.40 ? 159 LYS A CE  1 
ATOM   1181 N NZ  . LYS A 1 159 ? -0.482  8.792   -2.892  1.00 14.26 ? 159 LYS A NZ  1 
ATOM   1182 N N   . GLY A 1 160 ? -2.452  14.128  -6.802  1.00 13.31 ? 160 GLY A N   1 
ATOM   1183 C CA  . GLY A 1 160 ? -3.452  14.086  -7.843  1.00 14.29 ? 160 GLY A CA  1 
ATOM   1184 C C   . GLY A 1 160 ? -3.174  15.085  -8.938  1.00 13.51 ? 160 GLY A C   1 
ATOM   1185 O O   . GLY A 1 160 ? -3.378  14.802  -10.134 1.00 13.34 ? 160 GLY A O   1 
ATOM   1186 N N   . LEU A 1 161 ? -2.725  16.276  -8.553  1.00 12.08 ? 161 LEU A N   1 
ATOM   1187 C CA  . LEU A 1 161 ? -2.417  17.319  -9.525  1.00 12.57 ? 161 LEU A CA  1 
ATOM   1188 C C   . LEU A 1 161 ? -1.192  16.954  -10.366 1.00 15.01 ? 161 LEU A C   1 
ATOM   1189 O O   . LEU A 1 161 ? -1.188  17.156  -11.570 1.00 14.03 ? 161 LEU A O   1 
ATOM   1190 C CB  . LEU A 1 161 ? -2.196  18.639  -8.793  1.00 14.24 ? 161 LEU A CB  1 
ATOM   1191 C CG  . LEU A 1 161 ? -3.479  19.307  -8.291  1.00 14.97 ? 161 LEU A CG  1 
ATOM   1192 C CD1 . LEU A 1 161 ? -3.116  20.407  -7.294  1.00 16.65 ? 161 LEU A CD1 1 
ATOM   1193 C CD2 . LEU A 1 161 ? -4.346  19.862  -9.447  1.00 18.19 ? 161 LEU A CD2 1 
ATOM   1194 N N   . LEU A 1 162 ? -0.157  16.409  -9.735  1.00 14.27 ? 162 LEU A N   1 
ATOM   1195 C CA  . LEU A 1 162 ? 1.001   15.957  -10.475 1.00 13.15 ? 162 LEU A CA  1 
ATOM   1196 C C   . LEU A 1 162 ? 0.624   14.843  -11.443 1.00 15.23 ? 162 LEU A C   1 
ATOM   1197 O O   . LEU A 1 162 ? 1.118   14.784  -12.555 1.00 15.15 ? 162 LEU A O   1 
ATOM   1198 C CB  . LEU A 1 162 ? 2.087   15.472  -9.515  1.00 14.36 ? 162 LEU A CB  1 
ATOM   1199 C CG  . LEU A 1 162 ? 2.722   16.560  -8.646  1.00 15.66 ? 162 LEU A CG  1 
ATOM   1200 C CD1 . LEU A 1 162 ? 3.552   15.980  -7.523  1.00 17.34 ? 162 LEU A CD1 1 
ATOM   1201 C CD2 . LEU A 1 162 ? 3.574   17.504  -9.495  1.00 18.64 ? 162 LEU A CD2 1 
ATOM   1202 N N   . GLN A 1 163 ? -0.262  13.955  -11.008 1.00 15.14 ? 163 GLN A N   1 
ATOM   1203 C CA  . GLN A 1 163 ? -0.723  12.885  -11.878 1.00 14.67 ? 163 GLN A CA  1 
ATOM   1204 C C   . GLN A 1 163 ? -1.469  13.425  -13.105 1.00 14.43 ? 163 GLN A C   1 
ATOM   1205 O O   . GLN A 1 163 ? -1.174  13.061  -14.244 1.00 15.44 ? 163 GLN A O   1 
ATOM   1206 C CB  . GLN A 1 163 ? -1.599  11.921  -11.084 1.00 15.13 ? 163 GLN A CB  1 
ATOM   1207 C CG  . GLN A 1 163 ? -0.854  11.094  -10.043 1.00 15.87 ? 163 GLN A CG  1 
ATOM   1208 C CD  . GLN A 1 163 ? -1.790  10.257  -9.217  1.00 16.70 ? 163 GLN A CD  1 
ATOM   1209 O OE1 . GLN A 1 163 ? -2.484  9.363   -9.763  1.00 21.31 ? 163 GLN A OE1 1 
ATOM   1210 N NE2 . GLN A 1 163 ? -1.805  10.488  -7.917  1.00 15.36 ? 163 GLN A NE2 1 
ATOM   1211 N N   . THR A 1 164 ? -2.459  14.284  -12.882 1.00 13.22 ? 164 THR A N   1 
ATOM   1212 C CA  . THR A 1 164 ? -3.243  14.781  -13.998 1.00 15.11 ? 164 THR A CA  1 
ATOM   1213 C C   . THR A 1 164 ? -2.510  15.805  -14.849 1.00 16.27 ? 164 THR A C   1 
ATOM   1214 O O   . THR A 1 164 ? -2.586  15.765  -16.060 1.00 16.00 ? 164 THR A O   1 
ATOM   1215 C CB  A THR A 1 164 ? -4.563  15.343  -13.552 0.50 16.59 ? 164 THR A CB  1 
ATOM   1216 C CB  B THR A 1 164 ? -4.637  15.318  -13.551 0.50 17.22 ? 164 THR A CB  1 
ATOM   1217 O OG1 A THR A 1 164 ? -5.233  14.413  -12.693 0.50 27.02 ? 164 THR A OG1 1 
ATOM   1218 O OG1 B THR A 1 164 ? -4.515  16.327  -12.533 0.50 12.35 ? 164 THR A OG1 1 
ATOM   1219 C CG2 A THR A 1 164 ? -5.460  15.492  -14.749 0.50 9.85  ? 164 THR A CG2 1 
ATOM   1220 C CG2 B THR A 1 164 ? -5.458  14.225  -12.892 0.50 23.29 ? 164 THR A CG2 1 
ATOM   1221 N N   . LYS A 1 165 ? -1.801  16.729  -14.226 1.00 12.93 ? 165 LYS A N   1 
ATOM   1222 C CA  . LYS A 1 165 ? -1.246  17.836  -14.970 1.00 13.29 ? 165 LYS A CA  1 
ATOM   1223 C C   . LYS A 1 165 ? 0.088   17.517  -15.611 1.00 12.17 ? 165 LYS A C   1 
ATOM   1224 O O   . LYS A 1 165 ? 0.450   18.125  -16.623 1.00 12.68 ? 165 LYS A O   1 
ATOM   1225 C CB  . LYS A 1 165 ? -1.066  19.066  -14.073 1.00 13.92 ? 165 LYS A CB  1 
ATOM   1226 C CG  . LYS A 1 165 ? -2.318  19.538  -13.372 1.00 21.36 ? 165 LYS A CG  1 
ATOM   1227 C CD  . LYS A 1 165 ? -3.253  20.233  -14.322 1.00 24.41 ? 165 LYS A CD  1 
ATOM   1228 C CE  . LYS A 1 165 ? -4.409  20.916  -13.593 1.00 25.66 ? 165 LYS A CE  1 
ATOM   1229 N NZ  . LYS A 1 165 ? -4.138  22.367  -13.340 1.00 34.87 ? 165 LYS A NZ  1 
ATOM   1230 N N   . HIS A 1 166 ? 0.825   16.584  -15.010 1.00 12.75 ? 166 HIS A N   1 
ATOM   1231 C CA  . HIS A 1 166 ? 2.123   16.210  -15.548 1.00 14.62 ? 166 HIS A CA  1 
ATOM   1232 C C   . HIS A 1 166 ? 2.227   14.759  -15.996 1.00 14.76 ? 166 HIS A C   1 
ATOM   1233 O O   . HIS A 1 166 ? 3.301   14.336  -16.414 1.00 15.95 ? 166 HIS A O   1 
ATOM   1234 C CB  . HIS A 1 166 ? 3.220   16.512  -14.521 1.00 12.84 ? 166 HIS A CB  1 
ATOM   1235 C CG  . HIS A 1 166 ? 3.413   17.973  -14.297 1.00 14.60 ? 166 HIS A CG  1 
ATOM   1236 N ND1 . HIS A 1 166 ? 4.101   18.495  -13.221 1.00 24.08 ? 166 HIS A ND1 1 
ATOM   1237 C CD2 . HIS A 1 166 ? 3.012   19.038  -15.032 1.00 17.93 ? 166 HIS A CD2 1 
ATOM   1238 C CE1 . HIS A 1 166 ? 4.097   19.816  -13.295 1.00 19.88 ? 166 HIS A CE1 1 
ATOM   1239 N NE2 . HIS A 1 166 ? 3.450   20.171  -14.385 1.00 22.77 ? 166 HIS A NE2 1 
ATOM   1240 N N   . GLY A 1 167 ? 1.147   13.991  -15.901 1.00 15.08 ? 167 GLY A N   1 
ATOM   1241 C CA  . GLY A 1 167 ? 1.121   12.669  -16.504 1.00 16.43 ? 167 GLY A CA  1 
ATOM   1242 C C   . GLY A 1 167 ? 1.866   11.627  -15.692 1.00 17.12 ? 167 GLY A C   1 
ATOM   1243 O O   . GLY A 1 167 ? 2.335   10.624  -16.226 1.00 19.68 ? 167 GLY A O   1 
ATOM   1244 N N   . MET A 1 168 ? 2.002   11.870  -14.400 1.00 17.01 ? 168 MET A N   1 
ATOM   1245 C CA  . MET A 1 168 ? 2.753   10.958  -13.544 1.00 15.91 ? 168 MET A CA  1 
ATOM   1246 C C   . MET A 1 168 ? 1.854   9.851   -13.040 1.00 14.49 ? 168 MET A C   1 
ATOM   1247 O O   . MET A 1 168 ? 0.663   10.057  -12.801 1.00 15.42 ? 168 MET A O   1 
ATOM   1248 C CB  A MET A 1 168 ? 3.352   11.719  -12.365 0.65 16.70 ? 168 MET A CB  1 
ATOM   1249 C CB  B MET A 1 168 ? 3.340   11.713  -12.340 0.35 16.30 ? 168 MET A CB  1 
ATOM   1250 C CG  A MET A 1 168 ? 4.113   12.946  -12.807 0.65 19.31 ? 168 MET A CG  1 
ATOM   1251 C CG  B MET A 1 168 ? 4.692   12.373  -12.599 0.35 19.31 ? 168 MET A CG  1 
ATOM   1252 S SD  A MET A 1 168 ? 4.901   13.735  -11.442 0.65 22.09 ? 168 MET A SD  1 
ATOM   1253 S SD  B MET A 1 168 ? 5.346   13.219  -11.132 0.35 16.90 ? 168 MET A SD  1 
ATOM   1254 C CE  A MET A 1 168 ? 6.131   14.700  -12.244 0.65 30.55 ? 168 MET A CE  1 
ATOM   1255 C CE  B MET A 1 168 ? 6.927   12.583  -11.058 0.35 16.99 ? 168 MET A CE  1 
ATOM   1256 N N   . THR A 1 169 ? 2.448   8.696   -12.774 1.00 13.72 ? 169 THR A N   1 
ATOM   1257 C CA  . THR A 1 169 ? 1.751   7.691   -11.975 1.00 12.71 ? 169 THR A CA  1 
ATOM   1258 C C   . THR A 1 169 ? 1.696   8.140   -10.532 1.00 13.24 ? 169 THR A C   1 
ATOM   1259 O O   . THR A 1 169 ? 2.399   9.046   -10.131 1.00 13.38 ? 169 THR A O   1 
ATOM   1260 C CB  . THR A 1 169 ? 2.458   6.336   -12.007 1.00 14.16 ? 169 THR A CB  1 
ATOM   1261 O OG1 . THR A 1 169 ? 3.741   6.457   -11.373 1.00 12.54 ? 169 THR A OG1 1 
ATOM   1262 C CG2 . THR A 1 169 ? 2.727   5.846   -13.413 1.00 14.94 ? 169 THR A CG2 1 
ATOM   1263 N N   . GLU A 1 170 ? 0.845   7.484   -9.756  1.00 12.98 ? 170 GLU A N   1 
ATOM   1264 C CA  . GLU A 1 170 ? 0.706   7.832   -8.372  1.00 12.78 ? 170 GLU A CA  1 
ATOM   1265 C C   . GLU A 1 170 ? 2.014   7.629   -7.611  1.00 13.20 ? 170 GLU A C   1 
ATOM   1266 O O   . GLU A 1 170 ? 2.400   8.522   -6.855  1.00 14.44 ? 170 GLU A O   1 
ATOM   1267 C CB  . GLU A 1 170 ? -0.452  7.074   -7.710  1.00 14.50 ? 170 GLU A CB  1 
ATOM   1268 C CG  . GLU A 1 170 ? -0.672  7.493   -6.268  1.00 15.75 ? 170 GLU A CG  1 
ATOM   1269 C CD  . GLU A 1 170 ? -1.864  6.828   -5.571  1.00 12.53 ? 170 GLU A CD  1 
ATOM   1270 O OE1 . GLU A 1 170 ? -2.763  6.274   -6.238  1.00 14.84 ? 170 GLU A OE1 1 
ATOM   1271 O OE2 . GLU A 1 170 ? -1.894  6.883   -4.319  1.00 14.27 ? 170 GLU A OE2 1 
ATOM   1272 N N   . PRO A 1 171 ? 2.705   6.499   -7.771  1.00 12.61 ? 171 PRO A N   1 
ATOM   1273 C CA  . PRO A 1 171 ? 4.007   6.355   -7.092  1.00 13.63 ? 171 PRO A CA  1 
ATOM   1274 C C   . PRO A 1 171 ? 5.017   7.402   -7.525  1.00 13.08 ? 171 PRO A C   1 
ATOM   1275 O O   . PRO A 1 171 ? 5.777   7.911   -6.702  1.00 13.06 ? 171 PRO A O   1 
ATOM   1276 C CB  . PRO A 1 171 ? 4.449   4.934   -7.449  1.00 12.71 ? 171 PRO A CB  1 
ATOM   1277 C CG  . PRO A 1 171 ? 3.137   4.216   -7.720  1.00 14.52 ? 171 PRO A CG  1 
ATOM   1278 C CD  . PRO A 1 171 ? 2.313   5.246   -8.455  1.00 12.02 ? 171 PRO A CD  1 
ATOM   1279 N N   . ASP A 1 172 ? 5.077   7.718   -8.805  1.00 12.29 ? 172 ASP A N   1 
ATOM   1280 C CA  . ASP A 1 172 ? 6.034   8.740   -9.242  1.00 12.90 ? 172 ASP A CA  1 
ATOM   1281 C C   . ASP A 1 172 ? 5.673   10.132  -8.701  1.00 13.68 ? 172 ASP A C   1 
ATOM   1282 O O   . ASP A 1 172 ? 6.570   10.936  -8.410  1.00 13.93 ? 172 ASP A O   1 
ATOM   1283 C CB  . ASP A 1 172 ? 6.130   8.791   -10.762 1.00 12.70 ? 172 ASP A CB  1 
ATOM   1284 C CG  . ASP A 1 172 ? 6.938   7.656   -11.336 1.00 14.11 ? 172 ASP A CG  1 
ATOM   1285 O OD1 . ASP A 1 172 ? 7.648   6.946   -10.581 1.00 19.77 ? 172 ASP A OD1 1 
ATOM   1286 O OD2 . ASP A 1 172 ? 6.952   7.427   -12.556 1.00 14.96 ? 172 ASP A OD2 1 
ATOM   1287 N N   . ALA A 1 173 ? 4.387   10.421  -8.552  1.00 13.35 ? 173 ALA A N   1 
ATOM   1288 C CA  . ALA A 1 173 ? 3.956   11.692  -7.978  1.00 12.66 ? 173 ALA A CA  1 
ATOM   1289 C C   . ALA A 1 173 ? 4.386   11.827  -6.521  1.00 13.30 ? 173 ALA A C   1 
ATOM   1290 O O   . ALA A 1 173 ? 4.905   12.861  -6.099  1.00 14.06 ? 173 ALA A O   1 
ATOM   1291 C CB  . ALA A 1 173 ? 2.452   11.834  -8.118  1.00 13.68 ? 173 ALA A CB  1 
ATOM   1292 N N   . PHE A 1 174 ? 4.163   10.793  -5.733  1.00 12.57 ? 174 PHE A N   1 
ATOM   1293 C CA  . PHE A 1 174 ? 4.602   10.856  -4.354  1.00 13.92 ? 174 PHE A CA  1 
ATOM   1294 C C   . PHE A 1 174 ? 6.118   10.958  -4.258  1.00 14.81 ? 174 PHE A C   1 
ATOM   1295 O O   . PHE A 1 174 ? 6.652   11.717  -3.446  1.00 14.97 ? 174 PHE A O   1 
ATOM   1296 C CB  . PHE A 1 174 ? 4.095   9.703   -3.473  1.00 12.91 ? 174 PHE A CB  1 
ATOM   1297 C CG  . PHE A 1 174 ? 4.582   9.819   -2.056  1.00 13.86 ? 174 PHE A CG  1 
ATOM   1298 C CD1 . PHE A 1 174 ? 4.210   10.909  -1.263  1.00 14.92 ? 174 PHE A CD1 1 
ATOM   1299 C CD2 . PHE A 1 174 ? 5.513   8.930   -1.568  1.00 16.61 ? 174 PHE A CD2 1 
ATOM   1300 C CE1 . PHE A 1 174 ? 4.734   11.064  0.024   1.00 15.21 ? 174 PHE A CE1 1 
ATOM   1301 C CE2 . PHE A 1 174 ? 6.012   9.066   -0.283  1.00 15.55 ? 174 PHE A CE2 1 
ATOM   1302 C CZ  . PHE A 1 174 ? 5.623   10.154  0.506   1.00 18.07 ? 174 PHE A CZ  1 
ATOM   1303 N N   . LYS A 1 175 ? 6.825   10.173  -5.058  1.00 13.36 ? 175 LYS A N   1 
ATOM   1304 C CA  . LYS A 1 175 ? 8.271   10.201  -5.038  1.00 13.80 ? 175 LYS A CA  1 
ATOM   1305 C C   . LYS A 1 175 ? 8.796   11.604  -5.383  1.00 14.27 ? 175 LYS A C   1 
ATOM   1306 O O   . LYS A 1 175 ? 9.769   12.052  -4.791  1.00 14.75 ? 175 LYS A O   1 
ATOM   1307 C CB  . LYS A 1 175 ? 8.840   9.169   -6.006  1.00 14.94 ? 175 LYS A CB  1 
ATOM   1308 C CG  . LYS A 1 175 ? 10.360  9.125   -6.010  1.00 18.05 ? 175 LYS A CG  1 
ATOM   1309 C CD  . LYS A 1 175 ? 10.910  8.628   -4.686  1.00 25.24 ? 175 LYS A CD  1 
ATOM   1310 C CE  . LYS A 1 175 ? 10.998  7.107   -4.657  1.00 36.19 ? 175 LYS A CE  1 
ATOM   1311 N NZ  . LYS A 1 175 ? 10.572  6.497   -5.955  1.00 39.29 ? 175 LYS A NZ  1 
ATOM   1312 N N   . TRP A 1 176 ? 8.162   12.275  -6.347  1.00 13.01 ? 176 TRP A N   1 
ATOM   1313 C CA  . TRP A 1 176 ? 8.513   13.642  -6.686  1.00 13.12 ? 176 TRP A CA  1 
ATOM   1314 C C   . TRP A 1 176 ? 8.439   14.526  -5.450  1.00 13.58 ? 176 TRP A C   1 
ATOM   1315 O O   . TRP A 1 176 ? 9.351   15.284  -5.153  1.00 13.69 ? 176 TRP A O   1 
ATOM   1316 C CB  . TRP A 1 176 ? 7.614   14.169  -7.814  1.00 13.28 ? 176 TRP A CB  1 
ATOM   1317 C CG  . TRP A 1 176 ? 8.055   15.481  -8.376  1.00 12.75 ? 176 TRP A CG  1 
ATOM   1318 C CD1 . TRP A 1 176 ? 8.808   15.681  -9.484  1.00 14.75 ? 176 TRP A CD1 1 
ATOM   1319 C CD2 . TRP A 1 176 ? 7.813   16.773  -7.811  1.00 12.61 ? 176 TRP A CD2 1 
ATOM   1320 N NE1 . TRP A 1 176 ? 9.023   17.027  -9.682  1.00 15.33 ? 176 TRP A NE1 1 
ATOM   1321 C CE2 . TRP A 1 176 ? 8.428   17.716  -8.659  1.00 15.97 ? 176 TRP A CE2 1 
ATOM   1322 C CE3 . TRP A 1 176 ? 7.088   17.233  -6.715  1.00 14.74 ? 176 TRP A CE3 1 
ATOM   1323 C CZ2 . TRP A 1 176 ? 8.380   19.084  -8.407  1.00 15.79 ? 176 TRP A CZ2 1 
ATOM   1324 C CZ3 . TRP A 1 176 ? 7.050   18.589  -6.474  1.00 16.49 ? 176 TRP A CZ3 1 
ATOM   1325 C CH2 . TRP A 1 176 ? 7.679   19.484  -7.305  1.00 15.64 ? 176 TRP A CH2 1 
ATOM   1326 N N   . ILE A 1 177 ? 7.314   14.474  -4.743  1.00 14.60 ? 177 ILE A N   1 
ATOM   1327 C CA  . ILE A 1 177 ? 7.132   15.297  -3.557  1.00 13.81 ? 177 ILE A CA  1 
ATOM   1328 C C   . ILE A 1 177 ? 8.224   15.009  -2.514  1.00 12.54 ? 177 ILE A C   1 
ATOM   1329 O O   . ILE A 1 177 ? 8.847   15.927  -1.976  1.00 14.02 ? 177 ILE A O   1 
ATOM   1330 C CB  . ILE A 1 177 ? 5.736   15.051  -2.962  1.00 15.53 ? 177 ILE A CB  1 
ATOM   1331 C CG1 . ILE A 1 177 ? 4.680   15.580  -3.922  1.00 15.49 ? 177 ILE A CG1 1 
ATOM   1332 C CG2 . ILE A 1 177 ? 5.587   15.741  -1.597  1.00 16.54 ? 177 ILE A CG2 1 
ATOM   1333 C CD1 . ILE A 1 177 ? 3.245   15.171  -3.566  1.00 15.76 ? 177 ILE A CD1 1 
ATOM   1334 N N   . GLN A 1 178 ? 8.479   13.736  -2.248  1.00 13.61 ? 178 GLN A N   1 
ATOM   1335 C CA  . GLN A 1 178 ? 9.498   13.335  -1.293  1.00 14.52 ? 178 GLN A CA  1 
ATOM   1336 C C   . GLN A 1 178 ? 10.887  13.801  -1.673  1.00 12.69 ? 178 GLN A C   1 
ATOM   1337 O O   . GLN A 1 178 ? 11.629  14.324  -0.842  1.00 13.73 ? 178 GLN A O   1 
ATOM   1338 C CB  . GLN A 1 178 ? 9.489   11.825  -1.107  1.00 15.74 ? 178 GLN A CB  1 
ATOM   1339 C CG  . GLN A 1 178 ? 10.150  11.335  0.110   1.00 22.38 ? 178 GLN A CG  1 
ATOM   1340 C CD  . GLN A 1 178 ? 9.722   9.917   0.420   1.00 25.83 ? 178 GLN A CD  1 
ATOM   1341 O OE1 . GLN A 1 178 ? 9.504   9.122   -0.494  1.00 26.32 ? 178 GLN A OE1 1 
ATOM   1342 N NE2 . GLN A 1 178 ? 9.553   9.612   1.701   1.00 23.11 ? 178 GLN A NE2 1 
ATOM   1343 N N   . ARG A 1 179 ? 11.256  13.603  -2.930  1.00 12.69 ? 179 ARG A N   1 
ATOM   1344 C CA  . ARG A 1 179 ? 12.590  13.947  -3.377  1.00 11.77 ? 179 ARG A CA  1 
ATOM   1345 C C   . ARG A 1 179 ? 12.770  15.467  -3.418  1.00 11.73 ? 179 ARG A C   1 
ATOM   1346 O O   . ARG A 1 179 ? 13.831  15.974  -3.081  1.00 11.66 ? 179 ARG A O   1 
ATOM   1347 C CB  . ARG A 1 179 ? 12.849  13.350  -4.748  1.00 11.73 ? 179 ARG A CB  1 
ATOM   1348 C CG  . ARG A 1 179 ? 13.053  11.845  -4.720  1.00 15.30 ? 179 ARG A CG  1 
ATOM   1349 C CD  . ARG A 1 179 ? 13.345  11.230  -6.047  1.00 20.55 ? 179 ARG A CD  1 
ATOM   1350 N NE  . ARG A 1 179 ? 14.694  11.533  -6.500  1.00 19.33 ? 179 ARG A NE  1 
ATOM   1351 C CZ  . ARG A 1 179 ? 14.985  12.318  -7.526  1.00 26.23 ? 179 ARG A CZ  1 
ATOM   1352 N NH1 . ARG A 1 179 ? 14.022  12.927  -8.208  1.00 27.69 ? 179 ARG A NH1 1 
ATOM   1353 N NH2 . ARG A 1 179 ? 16.255  12.510  -7.856  1.00 25.01 ? 179 ARG A NH2 1 
ATOM   1354 N N   . ALA A 1 180 ? 11.717  16.188  -3.815  1.00 12.26 ? 180 ALA A N   1 
ATOM   1355 C CA  . ALA A 1 180 ? 11.744  17.641  -3.784  1.00 13.45 ? 180 ALA A CA  1 
ATOM   1356 C C   . ALA A 1 180 ? 11.966  18.161  -2.361  1.00 13.24 ? 180 ALA A C   1 
ATOM   1357 O O   . ALA A 1 180 ? 12.768  19.061  -2.121  1.00 13.01 ? 180 ALA A O   1 
ATOM   1358 C CB  . ALA A 1 180 ? 10.440  18.222  -4.374  1.00 14.66 ? 180 ALA A CB  1 
ATOM   1359 N N   . ALA A 1 181 ? 11.207  17.626  -1.417  1.00 12.97 ? 181 ALA A N   1 
ATOM   1360 C CA  . ALA A 1 181 ? 11.319  18.071  -0.041  1.00 12.67 ? 181 ALA A CA  1 
ATOM   1361 C C   . ALA A 1 181 ? 12.726  17.794  0.507   1.00 13.35 ? 181 ALA A C   1 
ATOM   1362 O O   . ALA A 1 181 ? 13.329  18.619  1.193   1.00 12.33 ? 181 ALA A O   1 
ATOM   1363 C CB  . ALA A 1 181 ? 10.237  17.403  0.817   1.00 14.72 ? 181 ALA A CB  1 
ATOM   1364 N N   . MET A 1 182 ? 13.273  16.643  0.168   1.00 12.08 ? 182 MET A N   1 
ATOM   1365 C CA  . MET A 1 182 ? 14.595  16.303  0.650   1.00 11.75 ? 182 MET A CA  1 
ATOM   1366 C C   . MET A 1 182 ? 15.645  17.213  0.023   1.00 12.76 ? 182 MET A C   1 
ATOM   1367 O O   . MET A 1 182 ? 16.514  17.747  0.696   1.00 14.68 ? 182 MET A O   1 
ATOM   1368 C CB  A MET A 1 182 ? 14.917  14.847  0.320   0.50 14.99 ? 182 MET A CB  1 
ATOM   1369 C CB  B MET A 1 182 ? 14.852  14.811  0.428   0.50 15.18 ? 182 MET A CB  1 
ATOM   1370 C CG  A MET A 1 182 ? 16.257  14.402  0.856   0.50 17.97 ? 182 MET A CG  1 
ATOM   1371 C CG  B MET A 1 182 ? 13.876  13.970  1.264   0.50 15.95 ? 182 MET A CG  1 
ATOM   1372 S SD  A MET A 1 182 ? 16.571  12.637  0.603   0.50 29.98 ? 182 MET A SD  1 
ATOM   1373 S SD  B MET A 1 182 ? 14.053  12.162  1.223   0.50 28.63 ? 182 MET A SD  1 
ATOM   1374 C CE  A MET A 1 182 ? 15.427  11.933  1.773   0.50 26.32 ? 182 MET A CE  1 
ATOM   1375 C CE  B MET A 1 182 ? 13.473  11.751  2.892   0.50 28.18 ? 182 MET A CE  1 
ATOM   1376 N N   . ASP A 1 183 ? 15.536  17.434  -1.279  1.00 12.52 ? 183 ASP A N   1 
ATOM   1377 C CA  . ASP A 1 183 ? 16.550  18.219  -1.960  1.00 13.87 ? 183 ASP A CA  1 
ATOM   1378 C C   . ASP A 1 183 ? 16.528  19.700  -1.563  1.00 13.89 ? 183 ASP A C   1 
ATOM   1379 O O   . ASP A 1 183 ? 17.567  20.338  -1.475  1.00 15.77 ? 183 ASP A O   1 
ATOM   1380 C CB  . ASP A 1 183 ? 16.395  18.081  -3.466  1.00 13.92 ? 183 ASP A CB  1 
ATOM   1381 C CG  . ASP A 1 183 ? 17.590  18.586  -4.202  1.00 12.37 ? 183 ASP A CG  1 
ATOM   1382 O OD1 . ASP A 1 183 ? 18.609  17.861  -4.221  1.00 18.16 ? 183 ASP A OD1 1 
ATOM   1383 O OD2 . ASP A 1 183 ? 17.604  19.701  -4.780  1.00 13.88 ? 183 ASP A OD2 1 
ATOM   1384 N N   . ARG A 1 184 ? 15.332  20.215  -1.318  1.00 11.72 ? 184 ARG A N   1 
ATOM   1385 C CA  . ARG A 1 184 ? 15.105  21.598  -0.915  1.00 15.05 ? 184 ARG A CA  1 
ATOM   1386 C C   . ARG A 1 184 ? 15.309  21.786  0.597   1.00 14.87 ? 184 ARG A C   1 
ATOM   1387 O O   . ARG A 1 184 ? 15.230  22.903  1.116   1.00 14.27 ? 184 ARG A O   1 
ATOM   1388 C CB  A ARG A 1 184 ? 13.674  22.024  -1.287  0.50 16.33 ? 184 ARG A CB  1 
ATOM   1389 C CB  B ARG A 1 184 ? 13.707  22.036  -1.359  0.50 15.84 ? 184 ARG A CB  1 
ATOM   1390 C CG  A ARG A 1 184 ? 13.487  22.511  -2.731  0.50 21.92 ? 184 ARG A CG  1 
ATOM   1391 C CG  B ARG A 1 184 ? 13.531  21.972  -2.879  0.50 19.43 ? 184 ARG A CG  1 
ATOM   1392 C CD  A ARG A 1 184 ? 12.218  22.001  -3.428  0.50 27.28 ? 184 ARG A CD  1 
ATOM   1393 C CD  B ARG A 1 184 ? 12.098  22.009  -3.390  0.50 25.31 ? 184 ARG A CD  1 
ATOM   1394 N NE  A ARG A 1 184 ? 11.030  22.791  -3.105  0.50 26.76 ? 184 ARG A NE  1 
ATOM   1395 N NE  B ARG A 1 184 ? 12.026  21.543  -4.777  0.50 23.45 ? 184 ARG A NE  1 
ATOM   1396 C CZ  A ARG A 1 184 ? 9.915   22.826  -3.838  0.50 24.40 ? 184 ARG A CZ  1 
ATOM   1397 C CZ  B ARG A 1 184 ? 11.231  22.060  -5.708  0.50 26.44 ? 184 ARG A CZ  1 
ATOM   1398 N NH1 A ARG A 1 184 ? 9.818   22.122  -4.960  0.50 21.29 ? 184 ARG A NH1 1 
ATOM   1399 N NH1 B ARG A 1 184 ? 10.419  23.069  -5.413  0.50 31.27 ? 184 ARG A NH1 1 
ATOM   1400 N NH2 A ARG A 1 184 ? 8.888   23.579  -3.449  0.50 18.31 ? 184 ARG A NH2 1 
ATOM   1401 N NH2 B ARG A 1 184 ? 11.244  21.569  -6.941  0.50 18.33 ? 184 ARG A NH2 1 
ATOM   1402 N N   . ARG A 1 185 ? 15.558  20.685  1.304   1.00 11.83 ? 185 ARG A N   1 
ATOM   1403 C CA  . ARG A 1 185 ? 15.725  20.698  2.756   1.00 11.89 ? 185 ARG A CA  1 
ATOM   1404 C C   . ARG A 1 185 ? 14.551  21.364  3.434   1.00 9.87  ? 185 ARG A C   1 
ATOM   1405 O O   . ARG A 1 185 ? 14.695  22.271  4.249   1.00 11.89 ? 185 ARG A O   1 
ATOM   1406 C CB  A ARG A 1 185 ? 17.029  21.369  3.164   0.65 12.98 ? 185 ARG A CB  1 
ATOM   1407 C CB  B ARG A 1 185 ? 17.025  21.409  3.150   0.35 12.45 ? 185 ARG A CB  1 
ATOM   1408 C CG  A ARG A 1 185 ? 18.243  20.569  2.775   0.65 14.13 ? 185 ARG A CG  1 
ATOM   1409 C CG  B ARG A 1 185 ? 18.296  20.610  2.893   0.35 12.95 ? 185 ARG A CG  1 
ATOM   1410 C CD  A ARG A 1 185 ? 18.686  20.816  1.358   0.65 17.20 ? 185 ARG A CD  1 
ATOM   1411 C CD  B ARG A 1 185 ? 19.570  21.362  3.263   0.35 15.68 ? 185 ARG A CD  1 
ATOM   1412 N NE  A ARG A 1 185 ? 20.041  20.324  1.156   0.65 19.93 ? 185 ARG A NE  1 
ATOM   1413 N NE  B ARG A 1 185 ? 20.769  20.641  2.858   0.35 12.67 ? 185 ARG A NE  1 
ATOM   1414 C CZ  A ARG A 1 185 ? 20.334  19.171  0.568   0.65 21.11 ? 185 ARG A CZ  1 
ATOM   1415 C CZ  B ARG A 1 185 ? 21.417  19.764  3.617   0.35 11.34 ? 185 ARG A CZ  1 
ATOM   1416 N NH1 A ARG A 1 185 ? 19.373  18.378  0.121   0.65 20.90 ? 185 ARG A NH1 1 
ATOM   1417 N NH1 B ARG A 1 185 ? 20.981  19.485  4.836   0.35 9.72  ? 185 ARG A NH1 1 
ATOM   1418 N NH2 A ARG A 1 185 ? 21.596  18.802  0.437   0.65 14.14 ? 185 ARG A NH2 1 
ATOM   1419 N NH2 B ARG A 1 185 ? 22.504  19.157  3.151   0.35 12.12 ? 185 ARG A NH2 1 
ATOM   1420 N N   . THR A 1 186 ? 13.377  20.882  3.077   1.00 10.32 ? 186 THR A N   1 
ATOM   1421 C CA  . THR A 1 186 ? 12.155  21.383  3.650   1.00 12.84 ? 186 THR A CA  1 
ATOM   1422 C C   . THR A 1 186 ? 11.248  20.198  3.951   1.00 15.66 ? 186 THR A C   1 
ATOM   1423 O O   . THR A 1 186 ? 11.737  19.094  4.128   1.00 16.27 ? 186 THR A O   1 
ATOM   1424 C CB  . THR A 1 186 ? 11.527  22.425  2.706   1.00 13.87 ? 186 THR A CB  1 
ATOM   1425 O OG1 . THR A 1 186 ? 10.451  23.096  3.386   1.00 19.98 ? 186 THR A OG1 1 
ATOM   1426 C CG2 . THR A 1 186 ? 10.944  21.802  1.472   1.00 16.20 ? 186 THR A CG2 1 
ATOM   1427 N N   . THR A 1 187 ? 9.942   20.412  3.995   1.00 15.74 ? 187 THR A N   1 
ATOM   1428 C CA  . THR A 1 187 ? 8.989   19.372  4.366   1.00 15.05 ? 187 THR A CA  1 
ATOM   1429 C C   . THR A 1 187 ? 8.089   19.027  3.210   1.00 14.67 ? 187 THR A C   1 
ATOM   1430 O O   . THR A 1 187 ? 7.871   19.839  2.306   1.00 16.16 ? 187 THR A O   1 
ATOM   1431 C CB  . THR A 1 187 ? 8.110   19.850  5.520   1.00 15.57 ? 187 THR A CB  1 
ATOM   1432 O OG1 . THR A 1 187 ? 7.465   21.092  5.172   1.00 17.18 ? 187 THR A OG1 1 
ATOM   1433 C CG2 . THR A 1 187 ? 8.944   20.182  6.721   1.00 13.99 ? 187 THR A CG2 1 
ATOM   1434 N N   . MET A 1 188 ? 7.545   17.823  3.254   1.00 14.68 ? 188 MET A N   1 
ATOM   1435 C CA  . MET A 1 188 ? 6.532   17.413  2.285   1.00 16.14 ? 188 MET A CA  1 
ATOM   1436 C C   . MET A 1 188 ? 5.350   18.384  2.323   1.00 13.44 ? 188 MET A C   1 
ATOM   1437 O O   . MET A 1 188 ? 4.802   18.727  1.282   1.00 15.53 ? 188 MET A O   1 
ATOM   1438 C CB  . MET A 1 188 ? 6.065   15.998  2.566   1.00 16.83 ? 188 MET A CB  1 
ATOM   1439 C CG  . MET A 1 188 ? 7.120   14.990  2.299   1.00 20.02 ? 188 MET A CG  1 
ATOM   1440 S SD  . MET A 1 188 ? 6.471   13.330  2.449   1.00 25.38 ? 188 MET A SD  1 
ATOM   1441 C CE  . MET A 1 188 ? 6.231   13.245  4.168   1.00 33.59 ? 188 MET A CE  1 
ATOM   1442 N N   . LYS A 1 189 ? 4.972   18.821  3.515   1.00 14.80 ? 189 LYS A N   1 
ATOM   1443 C CA  . LYS A 1 189 ? 3.902   19.797  3.659   1.00 16.36 ? 189 LYS A CA  1 
ATOM   1444 C C   . LYS A 1 189 ? 4.160   21.024  2.792   1.00 17.02 ? 189 LYS A C   1 
ATOM   1445 O O   . LYS A 1 189 ? 3.304   21.440  2.041   1.00 14.71 ? 189 LYS A O   1 
ATOM   1446 C CB  . LYS A 1 189 ? 3.719   20.231  5.113   1.00 16.20 ? 189 LYS A CB  1 
ATOM   1447 C CG  . LYS A 1 189 ? 2.493   21.121  5.287   1.00 19.48 ? 189 LYS A CG  1 
ATOM   1448 C CD  . LYS A 1 189 ? 2.526   21.975  6.562   1.00 19.39 ? 189 LYS A CD  1 
ATOM   1449 C CE  . LYS A 1 189 ? 3.326   23.249  6.310   1.00 23.61 ? 189 LYS A CE  1 
ATOM   1450 N NZ  . LYS A 1 189 ? 3.450   24.166  7.482   1.00 23.21 ? 189 LYS A NZ  1 
ATOM   1451 N N   . ARG A 1 190 ? 5.349   21.603  2.883   1.00 14.81 ? 190 ARG A N   1 
ATOM   1452 C CA  . ARG A 1 190 ? 5.640   22.823  2.155   1.00 15.37 ? 190 ARG A CA  1 
ATOM   1453 C C   . ARG A 1 190 ? 5.697   22.585  0.649   1.00 14.30 ? 190 ARG A C   1 
ATOM   1454 O O   . ARG A 1 190 ? 5.225   23.415  -0.137  1.00 15.90 ? 190 ARG A O   1 
ATOM   1455 C CB  . ARG A 1 190 ? 6.912   23.488  2.679   1.00 17.07 ? 190 ARG A CB  1 
ATOM   1456 C CG  . ARG A 1 190 ? 6.659   24.251  3.964   1.00 17.06 ? 190 ARG A CG  1 
ATOM   1457 C CD  . ARG A 1 190 ? 7.903   24.735  4.658   1.00 23.03 ? 190 ARG A CD  1 
ATOM   1458 N NE  . ARG A 1 190 ? 8.550   25.803  3.920   1.00 22.16 ? 190 ARG A NE  1 
ATOM   1459 C CZ  . ARG A 1 190 ? 8.672   27.054  4.360   1.00 26.24 ? 190 ARG A CZ  1 
ATOM   1460 N NH1 . ARG A 1 190 ? 8.166   27.415  5.532   1.00 29.10 ? 190 ARG A NH1 1 
ATOM   1461 N NH2 . ARG A 1 190 ? 9.289   27.954  3.611   1.00 28.71 ? 190 ARG A NH2 1 
ATOM   1462 N N   . VAL A 1 191 ? 6.289   21.471  0.244   1.00 14.97 ? 191 VAL A N   1 
ATOM   1463 C CA  . VAL A 1 191 ? 6.312   21.128  -1.166  1.00 14.53 ? 191 VAL A CA  1 
ATOM   1464 C C   . VAL A 1 191 ? 4.885   20.953  -1.697  1.00 15.57 ? 191 VAL A C   1 
ATOM   1465 O O   . VAL A 1 191 ? 4.557   21.468  -2.768  1.00 15.40 ? 191 VAL A O   1 
ATOM   1466 C CB  . VAL A 1 191 ? 7.153   19.876  -1.421  1.00 13.74 ? 191 VAL A CB  1 
ATOM   1467 C CG1 . VAL A 1 191 ? 6.991   19.381  -2.841  1.00 15.05 ? 191 VAL A CG1 1 
ATOM   1468 C CG2 . VAL A 1 191 ? 8.620   20.185  -1.141  1.00 17.03 ? 191 VAL A CG2 1 
ATOM   1469 N N   . ALA A 1 192 ? 4.050   20.238  -0.957  1.00 15.32 ? 192 ALA A N   1 
ATOM   1470 C CA  . ALA A 1 192 ? 2.671   20.006  -1.385  1.00 14.79 ? 192 ALA A CA  1 
ATOM   1471 C C   . ALA A 1 192 ? 1.896   21.298  -1.460  1.00 16.27 ? 192 ALA A C   1 
ATOM   1472 O O   . ALA A 1 192 ? 1.113   21.498  -2.378  1.00 15.18 ? 192 ALA A O   1 
ATOM   1473 C CB  . ALA A 1 192 ? 1.981   19.056  -0.471  1.00 16.01 ? 192 ALA A CB  1 
ATOM   1474 N N   . GLU A 1 193 ? 2.108   22.182  -0.483  1.00 13.45 ? 193 GLU A N   1 
ATOM   1475 C CA  . GLU A 1 193 ? 1.416   23.465  -0.481  1.00 13.81 ? 193 GLU A CA  1 
ATOM   1476 C C   . GLU A 1 193 ? 1.740   24.227  -1.769  1.00 15.36 ? 193 GLU A C   1 
ATOM   1477 O O   . GLU A 1 193 ? 0.856   24.796  -2.408  1.00 15.39 ? 193 GLU A O   1 
ATOM   1478 C CB  . GLU A 1 193 ? 1.787   24.309  0.748   1.00 14.83 ? 193 GLU A CB  1 
ATOM   1479 C CG  . GLU A 1 193 ? 1.021   25.621  0.839   1.00 18.75 ? 193 GLU A CG  1 
ATOM   1480 C CD  . GLU A 1 193 ? 1.394   26.463  2.051   1.00 21.83 ? 193 GLU A CD  1 
ATOM   1481 O OE1 . GLU A 1 193 ? 1.819   25.898  3.081   1.00 22.84 ? 193 GLU A OE1 1 
ATOM   1482 O OE2 . GLU A 1 193 ? 1.251   27.708  1.971   1.00 20.71 ? 193 GLU A OE2 1 
ATOM   1483 N N   . VAL A 1 194 ? 3.015   24.220  -2.158  1.00 15.78 ? 194 VAL A N   1 
ATOM   1484 C CA  . VAL A 1 194 ? 3.433   24.915  -3.370  1.00 16.54 ? 194 VAL A CA  1 
ATOM   1485 C C   . VAL A 1 194 ? 2.902   24.256  -4.643  1.00 15.35 ? 194 VAL A C   1 
ATOM   1486 O O   . VAL A 1 194 ? 2.480   24.956  -5.565  1.00 16.41 ? 194 VAL A O   1 
ATOM   1487 C CB  . VAL A 1 194 ? 4.956   25.094  -3.433  1.00 16.53 ? 194 VAL A CB  1 
ATOM   1488 C CG1 . VAL A 1 194 ? 5.346   25.644  -4.787  1.00 20.36 ? 194 VAL A CG1 1 
ATOM   1489 C CG2 . VAL A 1 194 ? 5.410   26.073  -2.339  1.00 19.11 ? 194 VAL A CG2 1 
ATOM   1490 N N   . VAL A 1 195 ? 2.826   22.929  -4.657  1.00 16.60 ? 195 VAL A N   1 
ATOM   1491 C CA  . VAL A 1 195 ? 2.168   22.256  -5.777  1.00 14.91 ? 195 VAL A CA  1 
ATOM   1492 C C   . VAL A 1 195 ? 0.723   22.743  -5.906  1.00 15.89 ? 195 VAL A C   1 
ATOM   1493 O O   . VAL A 1 195 ? 0.265   23.059  -6.986  1.00 15.35 ? 195 VAL A O   1 
ATOM   1494 C CB  . VAL A 1 195 ? 2.204   20.728  -5.661  1.00 14.42 ? 195 VAL A CB  1 
ATOM   1495 C CG1 . VAL A 1 195 ? 1.333   20.081  -6.763  1.00 16.88 ? 195 VAL A CG1 1 
ATOM   1496 C CG2 . VAL A 1 195 ? 3.643   20.203  -5.794  1.00 17.53 ? 195 VAL A CG2 1 
ATOM   1497 N N   . LEU A 1 196 ? -0.008  22.794  -4.806  1.00 15.02 ? 196 LEU A N   1 
ATOM   1498 C CA  . LEU A 1 196 ? -1.391  23.296  -4.849  1.00 14.77 ? 196 LEU A CA  1 
ATOM   1499 C C   . LEU A 1 196 ? -1.476  24.723  -5.403  1.00 14.19 ? 196 LEU A C   1 
ATOM   1500 O O   . LEU A 1 196 ? -2.339  25.041  -6.232  1.00 16.02 ? 196 LEU A O   1 
ATOM   1501 C CB  . LEU A 1 196 ? -2.009  23.249  -3.454  1.00 17.98 ? 196 LEU A CB  1 
ATOM   1502 C CG  . LEU A 1 196 ? -2.921  22.066  -3.136  1.00 22.20 ? 196 LEU A CG  1 
ATOM   1503 C CD1 . LEU A 1 196 ? -4.209  22.118  -3.969  1.00 25.19 ? 196 LEU A CD1 1 
ATOM   1504 C CD2 . LEU A 1 196 ? -2.183  20.756  -3.325  1.00 23.31 ? 196 LEU A CD2 1 
ATOM   1505 N N   . GLU A 1 197 ? -0.576  25.582  -4.929  1.00 15.52 ? 197 GLU A N   1 
ATOM   1506 C CA  . GLU A 1 197 ? -0.546  26.978  -5.336  1.00 16.88 ? 197 GLU A CA  1 
ATOM   1507 C C   . GLU A 1 197 ? -0.314  27.056  -6.845  1.00 15.26 ? 197 GLU A C   1 
ATOM   1508 O O   . GLU A 1 197 ? -0.902  27.873  -7.535  1.00 18.90 ? 197 GLU A O   1 
ATOM   1509 C CB  . GLU A 1 197 ? 0.569   27.729  -4.592  1.00 19.86 ? 197 GLU A CB  1 
ATOM   1510 C CG  . GLU A 1 197 ? 0.349   27.866  -3.095  1.00 24.10 ? 197 GLU A CG  1 
ATOM   1511 C CD  . GLU A 1 197 ? 1.135   28.226  -2.024  0.00 36.56 ? 197 GLU A CD  1 
ATOM   1512 O OE1 . GLU A 1 197 ? 0.812   28.557  -0.851  0.00 31.73 ? 197 GLU A OE1 1 
ATOM   1513 O OE2 . GLU A 1 197 ? 2.323   28.165  -2.408  0.00 34.72 ? 197 GLU A OE2 1 
ATOM   1514 N N   . THR A 1 198 ? 0.547   26.188  -7.353  1.00 15.98 ? 198 THR A N   1 
ATOM   1515 C CA  . THR A 1 198 ? 0.960   26.279  -8.741  1.00 17.18 ? 198 THR A CA  1 
ATOM   1516 C C   . THR A 1 198 ? -0.031  25.621  -9.702  1.00 19.46 ? 198 THR A C   1 
ATOM   1517 O O   . THR A 1 198 ? -0.292  26.148  -10.773 1.00 20.94 ? 198 THR A O   1 
ATOM   1518 C CB  . THR A 1 198 ? 2.339   25.659  -8.896  1.00 18.88 ? 198 THR A CB  1 
ATOM   1519 O OG1 . THR A 1 198 ? 3.301   26.418  -8.155  1.00 25.01 ? 198 THR A OG1 1 
ATOM   1520 C CG2 . THR A 1 198 ? 2.816   25.726  -10.328 1.00 21.68 ? 198 THR A CG2 1 
ATOM   1521 N N   . LEU A 1 199 ? -0.572  24.468  -9.320  1.00 17.56 ? 199 LEU A N   1 
ATOM   1522 C CA  . LEU A 1 199 ? -1.337  23.635  -10.243 1.00 17.50 ? 199 LEU A CA  1 
ATOM   1523 C C   . LEU A 1 199 ? -2.831  23.620  -9.933  1.00 19.42 ? 199 LEU A C   1 
ATOM   1524 O O   . LEU A 1 199 ? -3.632  23.216  -10.774 1.00 21.18 ? 199 LEU A O   1 
ATOM   1525 C CB  . LEU A 1 199 ? -0.811  22.200  -10.201 1.00 19.10 ? 199 LEU A CB  1 
ATOM   1526 C CG  . LEU A 1 199 ? 0.603   21.985  -10.745 1.00 17.88 ? 199 LEU A CG  1 
ATOM   1527 C CD1 . LEU A 1 199 ? 0.996   20.530  -10.732 1.00 20.08 ? 199 LEU A CD1 1 
ATOM   1528 C CD2 . LEU A 1 199 ? 0.714   22.574  -12.148 1.00 18.92 ? 199 LEU A CD2 1 
ATOM   1529 N N   . GLY A 1 200 ? -3.200  24.031  -8.724  1.00 17.75 ? 200 GLY A N   1 
ATOM   1530 C CA  . GLY A 1 200 ? -4.545  23.816  -8.205  1.00 20.24 ? 200 GLY A CA  1 
ATOM   1531 C C   . GLY A 1 200 ? -5.552  24.838  -8.706  1.00 21.21 ? 200 GLY A C   1 
ATOM   1532 O O   . GLY A 1 200 ? -5.177  25.929  -9.144  1.00 24.44 ? 200 GLY A O   1 
HETATM 1533 N N1  . AZI B 2 .   ? 10.888  15.940  3.687   1.00 38.36 ? 401 AZI A N1  1 
HETATM 1534 N N2  . AZI B 2 .   ? 11.984  16.328  3.709   1.00 37.43 ? 401 AZI A N2  1 
HETATM 1535 N N3  . AZI B 2 .   ? 13.080  16.718  3.744   1.00 34.76 ? 401 AZI A N3  1 
HETATM 1536 O O   . HOH C 3 .   ? 6.225   5.159   -13.933 1.00 21.48 ? 402 HOH A O   1 
HETATM 1537 O O   . HOH C 3 .   ? 1.896   7.318   -2.373  1.00 18.00 ? 403 HOH A O   1 
HETATM 1538 O O   . HOH C 3 .   ? 5.026   8.728   -14.076 1.00 22.11 ? 404 HOH A O   1 
HETATM 1539 O O   . HOH C 3 .   ? 1.910   21.462  10.182  1.00 23.42 ? 405 HOH A O   1 
HETATM 1540 O O   . HOH C 3 .   ? -1.874  8.713   -12.698 1.00 22.28 ? 406 HOH A O   1 
HETATM 1541 O O   . HOH C 3 .   ? 6.421   6.621   -4.265  1.00 20.59 ? 407 HOH A O   1 
HETATM 1542 O O   . HOH C 3 .   ? 2.213   1.477   -9.654  1.00 21.49 ? 408 HOH A O   1 
HETATM 1543 O O   . HOH C 3 .   ? 9.637   6.960   -13.262 1.00 24.31 ? 409 HOH A O   1 
HETATM 1544 O O   . HOH C 3 .   ? 4.977   19.071  12.251  1.00 25.23 ? 410 HOH A O   1 
HETATM 1545 O O   . HOH C 3 .   ? 2.582   19.346  8.710   1.00 23.34 ? 411 HOH A O   1 
HETATM 1546 O O   . HOH C 3 .   ? -5.884  16.792  -6.686  1.00 24.63 ? 412 HOH A O   1 
HETATM 1547 O O   . HOH C 3 .   ? 0.349   -0.474  1.284   1.00 20.93 ? 413 HOH A O   1 
HETATM 1548 O O   . HOH C 3 .   ? -4.659  -18.356 -10.275 1.00 25.50 ? 414 HOH A O   1 
HETATM 1549 O O   . HOH C 3 .   ? 5.545   17.481  6.018   1.00 24.93 ? 415 HOH A O   1 
HETATM 1550 O O   . HOH C 3 .   ? -2.158  -3.502  -11.357 1.00 28.30 ? 416 HOH A O   1 
HETATM 1551 O O   . HOH C 3 .   ? -5.808  0.687   -4.903  1.00 27.65 ? 417 HOH A O   1 
HETATM 1552 O O   . HOH C 3 .   ? -5.333  19.720  4.424   1.00 22.52 ? 418 HOH A O   1 
HETATM 1553 O O   . HOH C 3 .   ? -0.876  5.277   -10.793 1.00 23.03 ? 419 HOH A O   1 
HETATM 1554 O O   . HOH C 3 .   ? 16.170  14.256  -3.208  1.00 27.10 ? 420 HOH A O   1 
HETATM 1555 O O   . HOH C 3 .   ? 16.159  21.908  -5.232  1.00 28.45 ? 421 HOH A O   1 
HETATM 1556 O O   . HOH C 3 .   ? 6.491   22.206  -4.844  1.00 25.55 ? 422 HOH A O   1 
HETATM 1557 O O   . HOH C 3 .   ? -6.165  19.005  2.022   1.00 27.65 ? 423 HOH A O   1 
HETATM 1558 O O   . HOH C 3 .   ? -2.056  -1.491  -9.487  1.00 26.76 ? 424 HOH A O   1 
HETATM 1559 O O   . HOH C 3 .   ? 20.290  17.608  -6.393  1.00 26.12 ? 425 HOH A O   1 
HETATM 1560 O O   . HOH C 3 .   ? 8.434   -2.979  3.777   1.00 24.10 ? 426 HOH A O   1 
HETATM 1561 O O   . HOH C 3 .   ? 5.150   4.092   -11.524 1.00 21.80 ? 427 HOH A O   1 
HETATM 1562 O O   . HOH C 3 .   ? -5.481  -7.248  -12.691 1.00 29.57 ? 428 HOH A O   1 
HETATM 1563 O O   . HOH C 3 .   ? -2.891  5.022   -8.779  1.00 25.49 ? 429 HOH A O   1 
HETATM 1564 O O   . HOH C 3 .   ? 0.030   24.078  4.514   1.00 26.52 ? 430 HOH A O   1 
HETATM 1565 O O   . HOH C 3 .   ? 3.929   -4.228  -15.728 1.00 26.53 ? 431 HOH A O   1 
HETATM 1566 O O   . HOH C 3 .   ? 5.332   19.315  8.139   1.00 27.62 ? 432 HOH A O   1 
HETATM 1567 O O   . HOH C 3 .   ? -8.888  18.726  1.947   1.00 28.64 ? 433 HOH A O   1 
HETATM 1568 O O   . HOH C 3 .   ? -9.121  19.815  4.580   1.00 28.71 ? 434 HOH A O   1 
HETATM 1569 O O   . HOH C 3 .   ? 9.070   10.741  -9.531  1.00 29.00 ? 435 HOH A O   1 
HETATM 1570 O O   . HOH C 3 .   ? 8.063   -3.021  6.523   1.00 24.38 ? 436 HOH A O   1 
HETATM 1571 O O   . HOH C 3 .   ? 11.071  11.321  13.223  1.00 28.53 ? 437 HOH A O   1 
HETATM 1572 O O   . HOH C 3 .   ? -8.255  -22.628 -6.334  1.00 24.16 ? 438 HOH A O   1 
HETATM 1573 O O   . HOH C 3 .   ? -0.558  6.972   1.979   1.00 27.38 ? 439 HOH A O   1 
HETATM 1574 O O   . HOH C 3 .   ? -8.488  -24.409 -2.416  1.00 28.76 ? 440 HOH A O   1 
HETATM 1575 O O   . HOH C 3 .   ? -3.975  2.583   -9.484  1.00 29.35 ? 441 HOH A O   1 
HETATM 1576 O O   . HOH C 3 .   ? 3.461   1.773   -11.855 1.00 28.54 ? 442 HOH A O   1 
HETATM 1577 O O   . HOH C 3 .   ? -5.543  -4.182  -10.690 1.00 31.43 ? 443 HOH A O   1 
HETATM 1578 O O   . HOH C 3 .   ? 2.164   -18.014 -11.585 1.00 26.65 ? 444 HOH A O   1 
HETATM 1579 O O   . HOH C 3 .   ? 0.138   -0.620  5.320   1.00 32.36 ? 445 HOH A O   1 
HETATM 1580 O O   . HOH C 3 .   ? -6.003  12.115  6.210   1.00 35.00 ? 446 HOH A O   1 
HETATM 1581 O O   . HOH C 3 .   ? 11.029  13.985  1.960   1.00 29.85 ? 447 HOH A O   1 
HETATM 1582 O O   . HOH C 3 .   ? 7.000   2.174   -5.022  1.00 30.90 ? 448 HOH A O   1 
HETATM 1583 O O   . HOH C 3 .   ? -4.331  10.455  -6.798  1.00 27.91 ? 449 HOH A O   1 
HETATM 1584 O O   . HOH C 3 .   ? -8.577  -20.204 -7.964  1.00 29.59 ? 450 HOH A O   1 
HETATM 1585 O O   . HOH C 3 .   ? -1.421  -2.191  -13.705 1.00 38.06 ? 451 HOH A O   1 
HETATM 1586 O O   . HOH C 3 .   ? -7.534  14.201  -2.740  1.00 37.46 ? 452 HOH A O   1 
HETATM 1587 O O   . HOH C 3 .   ? -4.545  8.065   -7.874  1.00 28.04 ? 453 HOH A O   1 
HETATM 1588 O O   . HOH C 3 .   ? 6.636   1.253   10.065  1.00 31.73 ? 454 HOH A O   1 
HETATM 1589 O O   . HOH C 3 .   ? -18.406 -3.090  -11.097 1.00 27.75 ? 455 HOH A O   1 
HETATM 1590 O O   . HOH C 3 .   ? -17.111 -2.468  -6.106  1.00 30.62 ? 456 HOH A O   1 
HETATM 1591 O O   . HOH C 3 .   ? 1.930   -13.903 16.341  1.00 32.61 ? 457 HOH A O   1 
HETATM 1592 O O   . HOH C 3 .   ? -12.642 -9.420  -11.691 1.00 28.12 ? 458 HOH A O   1 
HETATM 1593 O O   . HOH C 3 .   ? -1.905  1.068   -10.683 1.00 25.91 ? 459 HOH A O   1 
HETATM 1594 O O   . HOH C 3 .   ? 6.721   -19.613 12.541  1.00 30.64 ? 460 HOH A O   1 
HETATM 1595 O O   . HOH C 3 .   ? -0.206  -17.479 -13.042 1.00 28.47 ? 461 HOH A O   1 
HETATM 1596 O O   . HOH C 3 .   ? 8.882   11.064  -12.593 1.00 34.33 ? 462 HOH A O   1 
HETATM 1597 O O   . HOH C 3 .   ? 1.604   1.871   -13.741 1.00 31.94 ? 463 HOH A O   1 
HETATM 1598 O O   . HOH C 3 .   ? -6.123  16.660  -9.333  1.00 33.58 ? 464 HOH A O   1 
HETATM 1599 O O   . HOH C 3 .   ? 16.332  24.574  3.958   1.00 28.16 ? 465 HOH A O   1 
HETATM 1600 O O   . HOH C 3 .   ? -9.164  16.197  0.751   1.00 31.00 ? 466 HOH A O   1 
HETATM 1601 O O   . HOH C 3 .   ? -0.516  -10.568 -18.606 1.00 32.63 ? 467 HOH A O   1 
HETATM 1602 O O   . HOH C 3 .   ? -4.643  9.984   7.325   1.00 36.07 ? 468 HOH A O   1 
HETATM 1603 O O   . HOH C 3 .   ? 3.073   -20.097 6.826   1.00 40.00 ? 469 HOH A O   1 
HETATM 1604 O O   . HOH C 3 .   ? -12.336 -12.719 -3.472  1.00 31.21 ? 470 HOH A O   1 
HETATM 1605 O O   . HOH C 3 .   ? -15.925 -8.487  -11.119 1.00 28.99 ? 471 HOH A O   1 
HETATM 1606 O O   . HOH C 3 .   ? 22.756  19.181  -6.472  1.00 36.56 ? 472 HOH A O   1 
HETATM 1607 O O   . HOH C 3 .   ? -5.377  12.863  -10.876 1.00 26.73 ? 473 HOH A O   1 
HETATM 1608 O O   . HOH C 3 .   ? -7.217  12.308  1.157   1.00 32.97 ? 474 HOH A O   1 
HETATM 1609 O O   . HOH C 3 .   ? 8.316   -0.739  2.076   1.00 34.00 ? 475 HOH A O   1 
HETATM 1610 O O   . HOH C 3 .   ? 10.242  -18.448 -0.793  1.00 32.06 ? 476 HOH A O   1 
HETATM 1611 O O   . HOH C 3 .   ? -0.953  8.798   12.608  1.00 34.54 ? 477 HOH A O   1 
HETATM 1612 O O   . HOH C 3 .   ? 6.674   -3.890  -7.892  1.00 32.77 ? 478 HOH A O   1 
HETATM 1613 O O   . HOH C 3 .   ? -4.403  11.432  -4.405  1.00 31.36 ? 479 HOH A O   1 
HETATM 1614 O O   . HOH C 3 .   ? 6.150   22.263  7.283   1.00 33.58 ? 480 HOH A O   1 
HETATM 1615 O O   . HOH C 3 .   ? 2.107   -18.454 14.692  1.00 32.02 ? 481 HOH A O   1 
HETATM 1616 O O   . HOH C 3 .   ? -5.697  -14.859 -11.107 1.00 33.31 ? 482 HOH A O   1 
HETATM 1617 O O   . HOH C 3 .   ? -4.681  -1.425  -8.594  1.00 32.69 ? 483 HOH A O   1 
HETATM 1618 O O   . HOH C 3 .   ? -2.206  -19.144 16.714  1.00 34.17 ? 484 HOH A O   1 
HETATM 1619 O O   . HOH C 3 .   ? -9.881  20.557  0.277   1.00 37.20 ? 485 HOH A O   1 
HETATM 1620 O O   . HOH C 3 .   ? 3.618   -22.143 -6.156  1.00 34.82 ? 486 HOH A O   1 
HETATM 1621 O O   . HOH C 3 .   ? -9.343  -16.012 -0.028  1.00 40.30 ? 487 HOH A O   1 
HETATM 1622 O O   . HOH C 3 .   ? -11.500 -8.620  -13.934 1.00 39.72 ? 488 HOH A O   1 
HETATM 1623 O O   . HOH C 3 .   ? 2.802   -23.800 -8.676  1.00 37.49 ? 489 HOH A O   1 
HETATM 1624 O O   . HOH C 3 .   ? -7.482  14.718  -10.734 1.00 31.41 ? 490 HOH A O   1 
HETATM 1625 O O   . HOH C 3 .   ? -1.554  6.000   -13.243 1.00 31.93 ? 491 HOH A O   1 
HETATM 1626 O O   . HOH C 3 .   ? 0.983   -2.287  8.127   1.00 29.98 ? 492 HOH A O   1 
HETATM 1627 O O   . HOH C 3 .   ? -10.578 -16.261 -3.673  1.00 34.26 ? 493 HOH A O   1 
HETATM 1628 O O   . HOH C 3 .   ? 4.827   -19.220 8.928   1.00 35.79 ? 494 HOH A O   1 
HETATM 1629 O O   . HOH C 3 .   ? 0.923   3.575   -15.747 1.00 33.58 ? 495 HOH A O   1 
HETATM 1630 O O   . HOH C 3 .   ? -2.233  -15.959 -11.989 1.00 31.84 ? 496 HOH A O   1 
HETATM 1631 O O   . HOH C 3 .   ? 7.873   4.348   -4.012  1.00 30.95 ? 497 HOH A O   1 
HETATM 1632 O O   . HOH C 3 .   ? -0.946  20.329  -17.698 1.00 32.12 ? 498 HOH A O   1 
HETATM 1633 O O   . HOH C 3 .   ? 8.234   -20.434 -1.426  1.00 39.75 ? 499 HOH A O   1 
HETATM 1634 O O   . HOH C 3 .   ? -18.529 -5.002  -13.317 1.00 28.09 ? 500 HOH A O   1 
HETATM 1635 O O   . HOH C 3 .   ? 5.152   26.372  6.298   1.00 34.49 ? 501 HOH A O   1 
HETATM 1636 O O   . HOH C 3 .   ? 7.790   6.263   10.577  1.00 32.23 ? 502 HOH A O   1 
HETATM 1637 O O   . HOH C 3 .   ? 12.588  -18.086 -2.212  1.00 41.22 ? 503 HOH A O   1 
HETATM 1638 O O   . HOH C 3 .   ? 2.120   -16.637 16.769  1.00 34.61 ? 504 HOH A O   1 
HETATM 1639 O O   . HOH C 3 .   ? 18.068  23.070  -1.285  1.00 37.32 ? 505 HOH A O   1 
HETATM 1640 O O   . HOH C 3 .   ? 11.242  -9.860  10.917  1.00 37.55 ? 506 HOH A O   1 
HETATM 1641 O O   . HOH C 3 .   ? 9.502   -21.071 -8.216  1.00 48.05 ? 507 HOH A O   1 
HETATM 1642 O O   . HOH C 3 .   ? 13.657  -8.666  -14.026 1.00 36.05 ? 508 HOH A O   1 
HETATM 1643 O O   . HOH C 3 .   ? -8.668  -9.266  -14.414 1.00 35.56 ? 509 HOH A O   1 
HETATM 1644 O O   . HOH C 3 .   ? 3.011   -3.698  -18.152 1.00 35.59 ? 510 HOH A O   1 
HETATM 1645 O O   . HOH C 3 .   ? 12.411  -10.948 -14.494 1.00 34.51 ? 511 HOH A O   1 
HETATM 1646 O O   . HOH C 3 .   ? -1.618  19.850  16.718  1.00 42.10 ? 512 HOH A O   1 
HETATM 1647 O O   . HOH C 3 .   ? 7.801   27.102  -6.949  1.00 32.17 ? 513 HOH A O   1 
HETATM 1648 O O   . HOH C 3 .   ? -14.745 -6.555  -15.243 1.00 38.00 ? 514 HOH A O   1 
HETATM 1649 O O   . HOH C 3 .   ? 0.147   2.662   -10.833 1.00 36.97 ? 515 HOH A O   1 
HETATM 1650 O O   . HOH C 3 .   ? 4.226   23.107  9.876   1.00 31.90 ? 516 HOH A O   1 
HETATM 1651 O O   . HOH C 3 .   ? 9.866   12.059  3.261   1.00 40.77 ? 517 HOH A O   1 
HETATM 1652 O O   . HOH C 3 .   ? 18.072  24.837  1.755   1.00 43.42 ? 518 HOH A O   1 
HETATM 1653 O O   . HOH C 3 .   ? -1.672  30.581  -4.435  1.00 49.99 ? 519 HOH A O   1 
HETATM 1654 O O   . HOH C 3 .   ? 8.593   7.572   -2.461  1.00 34.15 ? 520 HOH A O   1 
HETATM 1655 O O   . HOH C 3 .   ? 6.818   29.007  -5.052  1.00 39.22 ? 521 HOH A O   1 
HETATM 1656 O O   . HOH C 3 .   ? -8.072  20.035  -4.280  1.00 43.51 ? 522 HOH A O   1 
HETATM 1657 O O   . HOH C 3 .   ? 9.301   7.215   3.329   1.00 36.21 ? 523 HOH A O   1 
HETATM 1658 O O   . HOH C 3 .   ? 1.327   -22.093 -2.355  1.00 40.59 ? 524 HOH A O   1 
HETATM 1659 O O   . HOH C 3 .   ? -1.630  -23.207 -2.537  1.00 45.56 ? 525 HOH A O   1 
HETATM 1660 O O   . HOH C 3 .   ? 9.918   7.785   -9.243  1.00 35.46 ? 526 HOH A O   1 
HETATM 1661 O O   . HOH C 3 .   ? 5.688   12.738  -16.742 1.00 39.43 ? 527 HOH A O   1 
HETATM 1662 O O   . HOH C 3 .   ? 11.111  -3.384  3.037   1.00 36.75 ? 528 HOH A O   1 
HETATM 1663 O O   . HOH C 3 .   ? -14.836 -9.190  2.182   1.00 39.25 ? 529 HOH A O   1 
HETATM 1664 O O   . HOH C 3 .   ? -19.029 2.444   -3.771  1.00 38.52 ? 530 HOH A O   1 
HETATM 1665 O O   . HOH C 3 .   ? 10.470  -14.426 8.581   1.00 41.66 ? 531 HOH A O   1 
HETATM 1666 O O   . HOH C 3 .   ? -5.768  1.287   -7.774  1.00 32.88 ? 532 HOH A O   1 
HETATM 1667 O O   . HOH C 3 .   ? 1.219   8.803   8.711   1.00 41.18 ? 533 HOH A O   1 
HETATM 1668 O O   . HOH C 3 .   ? -11.286 -23.398 -2.390  1.00 37.69 ? 534 HOH A O   1 
HETATM 1669 O O   . HOH C 3 .   ? 11.213  12.634  -8.901  1.00 36.72 ? 535 HOH A O   1 
HETATM 1670 O O   . HOH C 3 .   ? 18.587  15.447  -3.368  1.00 40.42 ? 536 HOH A O   1 
HETATM 1671 O O   . HOH C 3 .   ? 12.844  -15.544 -5.465  1.00 39.75 ? 537 HOH A O   1 
HETATM 1672 O O   . HOH C 3 .   ? -7.773  0.235   -10.821 1.00 38.24 ? 538 HOH A O   1 
HETATM 1673 O O   . HOH C 3 .   ? -7.263  15.239  -5.080  1.00 39.88 ? 539 HOH A O   1 
HETATM 1674 O O   . HOH C 3 .   ? -18.413 -3.413  -3.508  1.00 43.01 ? 540 HOH A O   1 
HETATM 1675 O O   . HOH C 3 .   ? -4.282  26.828  -5.784  1.00 42.72 ? 541 HOH A O   1 
HETATM 1676 O O   . HOH C 3 .   ? 2.043   -21.616 -10.578 1.00 39.33 ? 542 HOH A O   1 
HETATM 1677 O O   . HOH C 3 .   ? -7.162  17.353  11.822  1.00 36.92 ? 543 HOH A O   1 
HETATM 1678 O O   . HOH C 3 .   ? -2.244  -21.679 3.324   1.00 47.07 ? 544 HOH A O   1 
HETATM 1679 O O   . HOH C 3 .   ? -2.532  10.665  8.772   1.00 34.44 ? 545 HOH A O   1 
HETATM 1680 O O   . HOH C 3 .   ? 0.372   1.141   7.293   1.00 36.57 ? 546 HOH A O   1 
HETATM 1681 O O   . HOH C 3 .   ? 9.563   25.743  -5.517  1.00 43.41 ? 547 HOH A O   1 
HETATM 1682 O O   . HOH C 3 .   ? 8.721   2.636   5.776   1.00 45.87 ? 548 HOH A O   1 
HETATM 1683 O O   . HOH C 3 .   ? 5.068   -0.514  -12.509 1.00 33.85 ? 549 HOH A O   1 
HETATM 1684 O O   . HOH C 3 .   ? 8.062   24.660  -0.686  1.00 41.82 ? 550 HOH A O   1 
HETATM 1685 O O   . HOH C 3 .   ? -2.095  11.025  -15.984 1.00 39.52 ? 551 HOH A O   1 
HETATM 1686 O O   . HOH C 3 .   ? 6.690   10.995  -14.476 1.00 35.11 ? 552 HOH A O   1 
HETATM 1687 O O   . HOH C 3 .   ? 4.604   21.506  13.368  1.00 40.53 ? 553 HOH A O   1 
HETATM 1688 O O   . HOH C 3 .   ? 5.993   4.514   10.903  1.00 38.75 ? 554 HOH A O   1 
HETATM 1689 O O   . HOH C 3 .   ? -15.027 -2.249  3.282   1.00 35.05 ? 555 HOH A O   1 
HETATM 1690 O O   . HOH C 3 .   ? -10.861 14.430  2.137   1.00 49.33 ? 556 HOH A O   1 
HETATM 1691 O O   . HOH C 3 .   ? -14.841 -14.395 6.767   1.00 39.86 ? 557 HOH A O   1 
HETATM 1692 O O   . HOH C 3 .   ? -6.854  -24.625 -0.040  1.00 42.29 ? 558 HOH A O   1 
HETATM 1693 O O   . HOH C 3 .   ? -15.348 -17.704 7.670   1.00 40.26 ? 559 HOH A O   1 
HETATM 1694 O O   . HOH C 3 .   ? 11.819  -6.338  -6.333  1.00 42.95 ? 560 HOH A O   1 
HETATM 1695 O O   . HOH C 3 .   ? 15.731  11.995  -1.916  1.00 45.24 ? 561 HOH A O   1 
HETATM 1696 O O   . HOH C 3 .   ? 12.782  -8.689  -6.361  1.00 50.76 ? 562 HOH A O   1 
HETATM 1697 O O   . HOH C 3 .   ? 6.897   19.577  10.152  1.00 33.93 ? 563 HOH A O   1 
HETATM 1698 O O   . HOH C 3 .   ? 4.356   -22.166 -2.772  1.00 43.84 ? 564 HOH A O   1 
HETATM 1699 O O   . HOH C 3 .   ? 8.173   5.915   -8.280  1.00 38.96 ? 565 HOH A O   1 
HETATM 1700 O O   . HOH C 3 .   ? 9.905   12.522  5.964   1.00 32.34 ? 566 HOH A O   1 
HETATM 1701 O O   . HOH C 3 .   ? 6.128   -20.980 0.877   1.00 46.72 ? 567 HOH A O   1 
HETATM 1702 O O   . HOH C 3 .   ? -1.071  0.700   -12.958 1.00 45.19 ? 568 HOH A O   1 
HETATM 1703 O O   . HOH C 3 .   ? 5.899   25.705  -8.273  1.00 33.92 ? 569 HOH A O   1 
HETATM 1704 O O   . HOH C 3 .   ? 11.719  -3.932  5.720   1.00 39.32 ? 570 HOH A O   1 
HETATM 1705 O O   . HOH C 3 .   ? 1.374   -20.904 8.904   1.00 38.71 ? 571 HOH A O   1 
HETATM 1706 O O   . HOH C 3 .   ? -1.064  -6.457  -17.362 1.00 37.57 ? 572 HOH A O   1 
HETATM 1707 O O   . HOH C 3 .   ? -6.216  -8.970  16.320  1.00 42.27 ? 573 HOH A O   1 
HETATM 1708 O O   . HOH C 3 .   ? -3.603  -16.056 -9.573  1.00 37.21 ? 574 HOH A O   1 
HETATM 1709 O O   . HOH C 3 .   ? 8.504   28.180  -1.551  1.00 47.94 ? 575 HOH A O   1 
HETATM 1710 O O   . HOH C 3 .   ? 9.728   25.128  1.351   1.00 37.18 ? 576 HOH A O   1 
HETATM 1711 O O   . HOH C 3 .   ? -10.393 16.916  -1.866  1.00 42.38 ? 577 HOH A O   1 
HETATM 1712 O O   . HOH C 3 .   ? 10.074  13.349  -13.004 1.00 42.69 ? 578 HOH A O   1 
HETATM 1713 O O   . HOH C 3 .   ? 12.328  -7.872  -4.036  1.00 51.13 ? 579 HOH A O   1 
HETATM 1714 O O   . HOH C 3 .   ? 11.274  26.714  -2.588  1.00 56.07 ? 580 HOH A O   1 
HETATM 1715 O O   . HOH C 3 .   ? 12.727  4.749   -3.296  1.00 43.17 ? 581 HOH A O   1 
HETATM 1716 O O   . HOH C 3 .   ? 6.680   17.199  -12.433 1.00 47.86 ? 582 HOH A O   1 
HETATM 1717 O O   . HOH C 3 .   ? -16.545 -11.247 -10.807 1.00 42.52 ? 583 HOH A O   1 
HETATM 1718 O O   . HOH C 3 .   ? -18.978 -9.194  -13.760 1.00 44.69 ? 584 HOH A O   1 
HETATM 1719 O O   . HOH C 3 .   ? 10.890  15.132  11.586  1.00 39.09 ? 585 HOH A O   1 
HETATM 1720 O O   . HOH C 3 .   ? -3.083  -10.653 -17.324 1.00 45.63 ? 586 HOH A O   1 
HETATM 1721 O O   . HOH C 3 .   ? -7.627  23.348  -4.421  1.00 44.90 ? 587 HOH A O   1 
HETATM 1722 O O   . HOH C 3 .   ? -9.382  12.364  2.804   1.00 44.95 ? 588 HOH A O   1 
HETATM 1723 O O   . HOH C 3 .   ? -16.255 -7.941  -13.557 1.00 45.28 ? 589 HOH A O   1 
HETATM 1724 O O   . HOH C 3 .   ? 14.534  25.361  0.059   1.00 38.88 ? 590 HOH A O   1 
HETATM 1725 O O   . HOH C 3 .   ? 0.213   -4.000  -17.611 1.00 41.86 ? 591 HOH A O   1 
HETATM 1726 O O   . HOH C 3 .   ? 12.696  12.784  11.674  1.00 42.64 ? 592 HOH A O   1 
HETATM 1727 O O   . HOH C 3 .   ? -7.879  18.382  -10.609 1.00 43.69 ? 593 HOH A O   1 
HETATM 1728 O O   . HOH C 3 .   ? -0.200  30.759  -6.966  1.00 50.16 ? 594 HOH A O   1 
HETATM 1729 O O   . HOH C 3 .   ? -20.639 -1.853  -5.470  1.00 52.85 ? 595 HOH A O   1 
HETATM 1730 O O   . HOH C 3 .   ? -4.427  7.782   -3.439  1.00 31.75 ? 596 HOH A O   1 
HETATM 1731 O O   . HOH C 3 .   ? -6.694  10.205  -1.030  1.00 35.77 ? 597 HOH A O   1 
HETATM 1732 O O   . HOH C 3 .   ? -2.342  7.063   -0.180  1.00 31.39 ? 598 HOH A O   1 
HETATM 1733 O O   . HOH C 3 .   ? 5.149   -15.146 -13.754 1.00 34.35 ? 599 HOH A O   1 
HETATM 1734 O O   . HOH C 3 .   ? 7.869   2.890   -7.997  1.00 31.01 ? 600 HOH A O   1 
HETATM 1735 O O   . HOH C 3 .   ? -0.455  -18.159 13.601  1.00 32.32 ? 601 HOH A O   1 
HETATM 1736 O O   . HOH C 3 .   ? -7.065  14.804  -0.123  1.00 21.71 ? 602 HOH A O   1 
# 
loop_
_pdbx_poly_seq_scheme.asym_id 
_pdbx_poly_seq_scheme.entity_id 
_pdbx_poly_seq_scheme.seq_id 
_pdbx_poly_seq_scheme.mon_id 
_pdbx_poly_seq_scheme.ndb_seq_num 
_pdbx_poly_seq_scheme.pdb_seq_num 
_pdbx_poly_seq_scheme.auth_seq_num 
_pdbx_poly_seq_scheme.pdb_mon_id 
_pdbx_poly_seq_scheme.auth_mon_id 
_pdbx_poly_seq_scheme.pdb_strand_id 
_pdbx_poly_seq_scheme.pdb_ins_code 
_pdbx_poly_seq_scheme.hetero 
A 1 1   MET 1   1   ?   ?   ?   A . n 
A 1 2   THR 2   2   ?   ?   ?   A . n 
A 1 3   GLY 3   3   ?   ?   ?   A . n 
A 1 4   PRO 4   4   ?   ?   ?   A . n 
A 1 5   THR 5   5   ?   ?   ?   A . n 
A 1 6   THR 6   6   ?   ?   ?   A . n 
A 1 7   ASP 7   7   ?   ?   ?   A . n 
A 1 8   ALA 8   8   ?   ?   ?   A . n 
A 1 9   ASP 9   9   ?   ?   ?   A . n 
A 1 10  ALA 10  10  ?   ?   ?   A . n 
A 1 11  ALA 11  11  11  ALA ALA A . n 
A 1 12  VAL 12  12  12  VAL VAL A . n 
A 1 13  PRO 13  13  13  PRO PRO A . n 
A 1 14  ARG 14  14  14  ARG ARG A . n 
A 1 15  ARG 15  15  15  ARG ARG A . n 
A 1 16  VAL 16  16  16  VAL VAL A . n 
A 1 17  LEU 17  17  17  LEU LEU A . n 
A 1 18  ILE 18  18  18  ILE ILE A . n 
A 1 19  ALA 19  19  19  ALA ALA A . n 
A 1 20  GLU 20  20  20  GLU GLU A . n 
A 1 21  ASP 21  21  21  ASP ASP A . n 
A 1 22  GLU 22  22  22  GLU GLU A . n 
A 1 23  ALA 23  23  23  ALA ALA A . n 
A 1 24  LEU 24  24  24  LEU LEU A . n 
A 1 25  ILE 25  25  25  ILE ILE A . n 
A 1 26  ARG 26  26  26  ARG ARG A . n 
A 1 27  MET 27  27  27  MET MET A . n 
A 1 28  ASP 28  28  28  ASP ASP A . n 
A 1 29  LEU 29  29  29  LEU LEU A . n 
A 1 30  ALA 30  30  30  ALA ALA A . n 
A 1 31  GLU 31  31  31  GLU GLU A . n 
A 1 32  MET 32  32  32  MET MET A . n 
A 1 33  LEU 33  33  33  LEU LEU A . n 
A 1 34  ARG 34  34  34  ARG ARG A . n 
A 1 35  GLU 35  35  35  GLU GLU A . n 
A 1 36  GLU 36  36  36  GLU GLU A . n 
A 1 37  GLY 37  37  37  GLY GLY A . n 
A 1 38  TYR 38  38  38  TYR TYR A . n 
A 1 39  GLU 39  39  39  GLU GLU A . n 
A 1 40  ILE 40  40  40  ILE ILE A . n 
A 1 41  VAL 41  41  41  VAL VAL A . n 
A 1 42  GLY 42  42  42  GLY GLY A . n 
A 1 43  GLU 43  43  43  GLU GLU A . n 
A 1 44  ALA 44  44  44  ALA ALA A . n 
A 1 45  GLY 45  45  45  GLY GLY A . n 
A 1 46  ASP 46  46  46  ASP ASP A . n 
A 1 47  GLY 47  47  47  GLY GLY A . n 
A 1 48  GLN 48  48  48  GLN GLN A . n 
A 1 49  GLU 49  49  49  GLU GLU A . n 
A 1 50  ALA 50  50  50  ALA ALA A . n 
A 1 51  VAL 51  51  51  VAL VAL A . n 
A 1 52  GLU 52  52  52  GLU GLU A . n 
A 1 53  LEU 53  53  53  LEU LEU A . n 
A 1 54  ALA 54  54  54  ALA ALA A . n 
A 1 55  GLU 55  55  55  GLU GLU A . n 
A 1 56  LEU 56  56  56  LEU LEU A . n 
A 1 57  HIS 57  57  57  HIS HIS A . n 
A 1 58  LYS 58  58  58  LYS LYS A . n 
A 1 59  PRO 59  59  59  PRO PRO A . n 
A 1 60  ASP 60  60  60  ASP ASP A . n 
A 1 61  LEU 61  61  61  LEU LEU A . n 
A 1 62  VAL 62  62  62  VAL VAL A . n 
A 1 63  ILE 63  63  63  ILE ILE A . n 
A 1 64  MET 64  64  64  MET MET A . n 
A 1 65  ASP 65  65  65  ASP ASP A . n 
A 1 66  VAL 66  66  66  VAL VAL A . n 
A 1 67  LYS 67  67  67  LYS LYS A . n 
A 1 68  MET 68  68  68  MET MET A . n 
A 1 69  PRO 69  69  69  PRO PRO A . n 
A 1 70  ARG 70  70  70  ARG ARG A . n 
A 1 71  ARG 71  71  71  ARG ARG A . n 
A 1 72  ASP 72  72  72  ASP ASP A . n 
A 1 73  GLY 73  73  73  GLY GLY A . n 
A 1 74  ILE 74  74  74  ILE ILE A . n 
A 1 75  ASP 75  75  75  ASP ASP A . n 
A 1 76  ALA 76  76  76  ALA ALA A . n 
A 1 77  ALA 77  77  77  ALA ALA A . n 
A 1 78  SER 78  78  78  SER SER A . n 
A 1 79  GLU 79  79  79  GLU GLU A . n 
A 1 80  ILE 80  80  80  ILE ILE A . n 
A 1 81  ALA 81  81  81  ALA ALA A . n 
A 1 82  SER 82  82  82  SER SER A . n 
A 1 83  LYS 83  83  83  LYS LYS A . n 
A 1 84  ARG 84  84  84  ARG ARG A . n 
A 1 85  ILE 85  85  85  ILE ILE A . n 
A 1 86  ALA 86  86  86  ALA ALA A . n 
A 1 87  PRO 87  87  87  PRO PRO A . n 
A 1 88  ILE 88  88  88  ILE ILE A . n 
A 1 89  VAL 89  89  89  VAL VAL A . n 
A 1 90  VAL 90  90  90  VAL VAL A . n 
A 1 91  LEU 91  91  91  LEU LEU A . n 
A 1 92  THR 92  92  92  THR THR A . n 
A 1 93  ALA 93  93  93  ALA ALA A . n 
A 1 94  PHE 94  94  94  PHE PHE A . n 
A 1 95  SER 95  95  95  SER SER A . n 
A 1 96  GLN 96  96  96  GLN GLN A . n 
A 1 97  ARG 97  97  97  ARG ARG A . n 
A 1 98  ASP 98  98  98  ASP ASP A . n 
A 1 99  LEU 99  99  99  LEU LEU A . n 
A 1 100 VAL 100 100 100 VAL VAL A . n 
A 1 101 GLU 101 101 101 GLU GLU A . n 
A 1 102 ARG 102 102 102 ARG ARG A . n 
A 1 103 ALA 103 103 103 ALA ALA A . n 
A 1 104 ARG 104 104 104 ARG ARG A . n 
A 1 105 ASP 105 105 105 ASP ASP A . n 
A 1 106 ALA 106 106 106 ALA ALA A . n 
A 1 107 GLY 107 107 107 GLY GLY A . n 
A 1 108 ALA 108 108 108 ALA ALA A . n 
A 1 109 MET 109 109 109 MET MET A . n 
A 1 110 ALA 110 110 110 ALA ALA A . n 
A 1 111 TYR 111 111 111 TYR TYR A . n 
A 1 112 LEU 112 112 112 LEU LEU A . n 
A 1 113 VAL 113 113 113 VAL VAL A . n 
A 1 114 LYS 114 114 114 LYS LYS A . n 
A 1 115 PRO 115 115 115 PRO PRO A . n 
A 1 116 PHE 116 116 116 PHE PHE A . n 
A 1 117 SER 117 117 117 SER SER A . n 
A 1 118 ILE 118 118 118 ILE ILE A . n 
A 1 119 SER 119 119 119 SER SER A . n 
A 1 120 ASP 120 120 120 ASP ASP A . n 
A 1 121 LEU 121 121 121 LEU LEU A . n 
A 1 122 ILE 122 122 122 ILE ILE A . n 
A 1 123 PRO 123 123 123 PRO PRO A . n 
A 1 124 ALA 124 124 124 ALA ALA A . n 
A 1 125 ILE 125 125 125 ILE ILE A . n 
A 1 126 GLU 126 126 126 GLU GLU A . n 
A 1 127 LEU 127 127 127 LEU LEU A . n 
A 1 128 ALA 128 128 128 ALA ALA A . n 
A 1 129 VAL 129 129 129 VAL VAL A . n 
A 1 130 SER 130 130 130 SER SER A . n 
A 1 131 ARG 131 131 131 ARG ARG A . n 
A 1 132 PHE 132 132 132 PHE PHE A . n 
A 1 133 ARG 133 133 133 ARG ARG A . n 
A 1 134 GLU 134 134 134 GLU GLU A . n 
A 1 135 ILE 135 135 135 ILE ILE A . n 
A 1 136 THR 136 136 136 THR THR A . n 
A 1 137 ALA 137 137 137 ALA ALA A . n 
A 1 138 LEU 138 138 138 LEU LEU A . n 
A 1 139 GLU 139 139 139 GLU GLU A . n 
A 1 140 GLY 140 140 140 GLY GLY A . n 
A 1 141 GLU 141 141 141 GLU GLU A . n 
A 1 142 VAL 142 142 142 VAL VAL A . n 
A 1 143 ALA 143 143 143 ALA ALA A . n 
A 1 144 THR 144 144 144 THR THR A . n 
A 1 145 LEU 145 145 145 LEU LEU A . n 
A 1 146 SER 146 146 146 SER SER A . n 
A 1 147 GLU 147 147 147 GLU GLU A . n 
A 1 148 ARG 148 148 148 ARG ARG A . n 
A 1 149 LEU 149 149 149 LEU LEU A . n 
A 1 150 GLU 150 150 150 GLU GLU A . n 
A 1 151 THR 151 151 151 THR THR A . n 
A 1 152 ARG 152 152 152 ARG ARG A . n 
A 1 153 LYS 153 153 153 LYS LYS A . n 
A 1 154 LEU 154 154 154 LEU LEU A . n 
A 1 155 VAL 155 155 155 VAL VAL A . n 
A 1 156 GLU 156 156 156 GLU GLU A . n 
A 1 157 ARG 157 157 157 ARG ARG A . n 
A 1 158 ALA 158 158 158 ALA ALA A . n 
A 1 159 LYS 159 159 159 LYS LYS A . n 
A 1 160 GLY 160 160 160 GLY GLY A . n 
A 1 161 LEU 161 161 161 LEU LEU A . n 
A 1 162 LEU 162 162 162 LEU LEU A . n 
A 1 163 GLN 163 163 163 GLN GLN A . n 
A 1 164 THR 164 164 164 THR THR A . n 
A 1 165 LYS 165 165 165 LYS LYS A . n 
A 1 166 HIS 166 166 166 HIS HIS A . n 
A 1 167 GLY 167 167 167 GLY GLY A . n 
A 1 168 MET 168 168 168 MET MET A . n 
A 1 169 THR 169 169 169 THR THR A . n 
A 1 170 GLU 170 170 170 GLU GLU A . n 
A 1 171 PRO 171 171 171 PRO PRO A . n 
A 1 172 ASP 172 172 172 ASP ASP A . n 
A 1 173 ALA 173 173 173 ALA ALA A . n 
A 1 174 PHE 174 174 174 PHE PHE A . n 
A 1 175 LYS 175 175 175 LYS LYS A . n 
A 1 176 TRP 176 176 176 TRP TRP A . n 
A 1 177 ILE 177 177 177 ILE ILE A . n 
A 1 178 GLN 178 178 178 GLN GLN A . n 
A 1 179 ARG 179 179 179 ARG ARG A . n 
A 1 180 ALA 180 180 180 ALA ALA A . n 
A 1 181 ALA 181 181 181 ALA ALA A . n 
A 1 182 MET 182 182 182 MET MET A . n 
A 1 183 ASP 183 183 183 ASP ASP A . n 
A 1 184 ARG 184 184 184 ARG ARG A . n 
A 1 185 ARG 185 185 185 ARG ARG A . n 
A 1 186 THR 186 186 186 THR THR A . n 
A 1 187 THR 187 187 187 THR THR A . n 
A 1 188 MET 188 188 188 MET MET A . n 
A 1 189 LYS 189 189 189 LYS LYS A . n 
A 1 190 ARG 190 190 190 ARG ARG A . n 
A 1 191 VAL 191 191 191 VAL VAL A . n 
A 1 192 ALA 192 192 192 ALA ALA A . n 
A 1 193 GLU 193 193 193 GLU GLU A . n 
A 1 194 VAL 194 194 194 VAL VAL A . n 
A 1 195 VAL 195 195 195 VAL VAL A . n 
A 1 196 LEU 196 196 196 LEU LEU A . n 
A 1 197 GLU 197 197 197 GLU GLU A . n 
A 1 198 THR 198 198 198 THR THR A . n 
A 1 199 LEU 199 199 199 LEU LEU A . n 
A 1 200 GLY 200 200 200 GLY GLY A . n 
A 1 201 THR 201 201 ?   ?   ?   A . n 
A 1 202 PRO 202 202 ?   ?   ?   A . n 
A 1 203 LYS 203 203 ?   ?   ?   A . n 
A 1 204 ASP 204 204 ?   ?   ?   A . n 
A 1 205 THR 205 205 ?   ?   ?   A . n 
# 
_pdbx_SG_project.id                    1 
_pdbx_SG_project.project_name          'PSI, Protein Structure Initiative' 
_pdbx_SG_project.full_name_of_center   'TB Structural Genomics Consortium' 
_pdbx_SG_project.initial_of_center     TBSGC 
# 
loop_
_pdbx_nonpoly_scheme.asym_id 
_pdbx_nonpoly_scheme.entity_id 
_pdbx_nonpoly_scheme.mon_id 
_pdbx_nonpoly_scheme.ndb_seq_num 
_pdbx_nonpoly_scheme.pdb_seq_num 
_pdbx_nonpoly_scheme.auth_seq_num 
_pdbx_nonpoly_scheme.pdb_mon_id 
_pdbx_nonpoly_scheme.auth_mon_id 
_pdbx_nonpoly_scheme.pdb_strand_id 
_pdbx_nonpoly_scheme.pdb_ins_code 
B 2 AZI 1   401 1   AZI AZI A . 
C 3 HOH 1   402 1   HOH HOH A . 
C 3 HOH 2   403 2   HOH HOH A . 
C 3 HOH 3   404 4   HOH HOH A . 
C 3 HOH 4   405 5   HOH HOH A . 
C 3 HOH 5   406 6   HOH HOH A . 
C 3 HOH 6   407 7   HOH HOH A . 
C 3 HOH 7   408 8   HOH HOH A . 
C 3 HOH 8   409 9   HOH HOH A . 
C 3 HOH 9   410 10  HOH HOH A . 
C 3 HOH 10  411 11  HOH HOH A . 
C 3 HOH 11  412 12  HOH HOH A . 
C 3 HOH 12  413 13  HOH HOH A . 
C 3 HOH 13  414 14  HOH HOH A . 
C 3 HOH 14  415 15  HOH HOH A . 
C 3 HOH 15  416 16  HOH HOH A . 
C 3 HOH 16  417 17  HOH HOH A . 
C 3 HOH 17  418 18  HOH HOH A . 
C 3 HOH 18  419 19  HOH HOH A . 
C 3 HOH 19  420 20  HOH HOH A . 
C 3 HOH 20  421 21  HOH HOH A . 
C 3 HOH 21  422 22  HOH HOH A . 
C 3 HOH 22  423 23  HOH HOH A . 
C 3 HOH 23  424 24  HOH HOH A . 
C 3 HOH 24  425 25  HOH HOH A . 
C 3 HOH 25  426 26  HOH HOH A . 
C 3 HOH 26  427 27  HOH HOH A . 
C 3 HOH 27  428 28  HOH HOH A . 
C 3 HOH 28  429 29  HOH HOH A . 
C 3 HOH 29  430 30  HOH HOH A . 
C 3 HOH 30  431 31  HOH HOH A . 
C 3 HOH 31  432 32  HOH HOH A . 
C 3 HOH 32  433 33  HOH HOH A . 
C 3 HOH 33  434 34  HOH HOH A . 
C 3 HOH 34  435 36  HOH HOH A . 
C 3 HOH 35  436 37  HOH HOH A . 
C 3 HOH 36  437 38  HOH HOH A . 
C 3 HOH 37  438 39  HOH HOH A . 
C 3 HOH 38  439 40  HOH HOH A . 
C 3 HOH 39  440 41  HOH HOH A . 
C 3 HOH 40  441 42  HOH HOH A . 
C 3 HOH 41  442 43  HOH HOH A . 
C 3 HOH 42  443 44  HOH HOH A . 
C 3 HOH 43  444 45  HOH HOH A . 
C 3 HOH 44  445 46  HOH HOH A . 
C 3 HOH 45  446 47  HOH HOH A . 
C 3 HOH 46  447 48  HOH HOH A . 
C 3 HOH 47  448 49  HOH HOH A . 
C 3 HOH 48  449 50  HOH HOH A . 
C 3 HOH 49  450 53  HOH HOH A . 
C 3 HOH 50  451 54  HOH HOH A . 
C 3 HOH 51  452 55  HOH HOH A . 
C 3 HOH 52  453 56  HOH HOH A . 
C 3 HOH 53  454 57  HOH HOH A . 
C 3 HOH 54  455 58  HOH HOH A . 
C 3 HOH 55  456 59  HOH HOH A . 
C 3 HOH 56  457 61  HOH HOH A . 
C 3 HOH 57  458 62  HOH HOH A . 
C 3 HOH 58  459 63  HOH HOH A . 
C 3 HOH 59  460 64  HOH HOH A . 
C 3 HOH 60  461 65  HOH HOH A . 
C 3 HOH 61  462 66  HOH HOH A . 
C 3 HOH 62  463 67  HOH HOH A . 
C 3 HOH 63  464 68  HOH HOH A . 
C 3 HOH 64  465 69  HOH HOH A . 
C 3 HOH 65  466 72  HOH HOH A . 
C 3 HOH 66  467 73  HOH HOH A . 
C 3 HOH 67  468 74  HOH HOH A . 
C 3 HOH 68  469 75  HOH HOH A . 
C 3 HOH 69  470 76  HOH HOH A . 
C 3 HOH 70  471 77  HOH HOH A . 
C 3 HOH 71  472 78  HOH HOH A . 
C 3 HOH 72  473 79  HOH HOH A . 
C 3 HOH 73  474 80  HOH HOH A . 
C 3 HOH 74  475 81  HOH HOH A . 
C 3 HOH 75  476 83  HOH HOH A . 
C 3 HOH 76  477 84  HOH HOH A . 
C 3 HOH 77  478 85  HOH HOH A . 
C 3 HOH 78  479 86  HOH HOH A . 
C 3 HOH 79  480 87  HOH HOH A . 
C 3 HOH 80  481 88  HOH HOH A . 
C 3 HOH 81  482 89  HOH HOH A . 
C 3 HOH 82  483 90  HOH HOH A . 
C 3 HOH 83  484 92  HOH HOH A . 
C 3 HOH 84  485 93  HOH HOH A . 
C 3 HOH 85  486 94  HOH HOH A . 
C 3 HOH 86  487 95  HOH HOH A . 
C 3 HOH 87  488 96  HOH HOH A . 
C 3 HOH 88  489 98  HOH HOH A . 
C 3 HOH 89  490 99  HOH HOH A . 
C 3 HOH 90  491 100 HOH HOH A . 
C 3 HOH 91  492 101 HOH HOH A . 
C 3 HOH 92  493 102 HOH HOH A . 
C 3 HOH 93  494 103 HOH HOH A . 
C 3 HOH 94  495 104 HOH HOH A . 
C 3 HOH 95  496 106 HOH HOH A . 
C 3 HOH 96  497 107 HOH HOH A . 
C 3 HOH 97  498 108 HOH HOH A . 
C 3 HOH 98  499 109 HOH HOH A . 
C 3 HOH 99  500 110 HOH HOH A . 
C 3 HOH 100 501 111 HOH HOH A . 
C 3 HOH 101 502 112 HOH HOH A . 
C 3 HOH 102 503 115 HOH HOH A . 
C 3 HOH 103 504 117 HOH HOH A . 
C 3 HOH 104 505 118 HOH HOH A . 
C 3 HOH 105 506 120 HOH HOH A . 
C 3 HOH 106 507 121 HOH HOH A . 
C 3 HOH 107 508 122 HOH HOH A . 
C 3 HOH 108 509 124 HOH HOH A . 
C 3 HOH 109 510 126 HOH HOH A . 
C 3 HOH 110 511 127 HOH HOH A . 
C 3 HOH 111 512 128 HOH HOH A . 
C 3 HOH 112 513 129 HOH HOH A . 
C 3 HOH 113 514 130 HOH HOH A . 
C 3 HOH 114 515 132 HOH HOH A . 
C 3 HOH 115 516 133 HOH HOH A . 
C 3 HOH 116 517 134 HOH HOH A . 
C 3 HOH 117 518 139 HOH HOH A . 
C 3 HOH 118 519 141 HOH HOH A . 
C 3 HOH 119 520 142 HOH HOH A . 
C 3 HOH 120 521 143 HOH HOH A . 
C 3 HOH 121 522 144 HOH HOH A . 
C 3 HOH 122 523 145 HOH HOH A . 
C 3 HOH 123 524 146 HOH HOH A . 
C 3 HOH 124 525 148 HOH HOH A . 
C 3 HOH 125 526 149 HOH HOH A . 
C 3 HOH 126 527 150 HOH HOH A . 
C 3 HOH 127 528 151 HOH HOH A . 
C 3 HOH 128 529 153 HOH HOH A . 
C 3 HOH 129 530 154 HOH HOH A . 
C 3 HOH 130 531 156 HOH HOH A . 
C 3 HOH 131 532 157 HOH HOH A . 
C 3 HOH 132 533 158 HOH HOH A . 
C 3 HOH 133 534 159 HOH HOH A . 
C 3 HOH 134 535 160 HOH HOH A . 
C 3 HOH 135 536 164 HOH HOH A . 
C 3 HOH 136 537 167 HOH HOH A . 
C 3 HOH 137 538 169 HOH HOH A . 
C 3 HOH 138 539 171 HOH HOH A . 
C 3 HOH 139 540 174 HOH HOH A . 
C 3 HOH 140 541 176 HOH HOH A . 
C 3 HOH 141 542 177 HOH HOH A . 
C 3 HOH 142 543 178 HOH HOH A . 
C 3 HOH 143 544 181 HOH HOH A . 
C 3 HOH 144 545 182 HOH HOH A . 
C 3 HOH 145 546 183 HOH HOH A . 
C 3 HOH 146 547 184 HOH HOH A . 
C 3 HOH 147 548 186 HOH HOH A . 
C 3 HOH 148 549 191 HOH HOH A . 
C 3 HOH 149 550 193 HOH HOH A . 
C 3 HOH 150 551 194 HOH HOH A . 
C 3 HOH 151 552 195 HOH HOH A . 
C 3 HOH 152 553 198 HOH HOH A . 
C 3 HOH 153 554 199 HOH HOH A . 
C 3 HOH 154 555 200 HOH HOH A . 
C 3 HOH 155 556 202 HOH HOH A . 
C 3 HOH 156 557 203 HOH HOH A . 
C 3 HOH 157 558 204 HOH HOH A . 
C 3 HOH 158 559 205 HOH HOH A . 
C 3 HOH 159 560 207 HOH HOH A . 
C 3 HOH 160 561 208 HOH HOH A . 
C 3 HOH 161 562 210 HOH HOH A . 
C 3 HOH 162 563 212 HOH HOH A . 
C 3 HOH 163 564 213 HOH HOH A . 
C 3 HOH 164 565 215 HOH HOH A . 
C 3 HOH 165 566 217 HOH HOH A . 
C 3 HOH 166 567 218 HOH HOH A . 
C 3 HOH 167 568 219 HOH HOH A . 
C 3 HOH 168 569 223 HOH HOH A . 
C 3 HOH 169 570 224 HOH HOH A . 
C 3 HOH 170 571 226 HOH HOH A . 
C 3 HOH 171 572 229 HOH HOH A . 
C 3 HOH 172 573 230 HOH HOH A . 
C 3 HOH 173 574 232 HOH HOH A . 
C 3 HOH 174 575 237 HOH HOH A . 
C 3 HOH 175 576 238 HOH HOH A . 
C 3 HOH 176 577 241 HOH HOH A . 
C 3 HOH 177 578 247 HOH HOH A . 
C 3 HOH 178 579 248 HOH HOH A . 
C 3 HOH 179 580 250 HOH HOH A . 
C 3 HOH 180 581 254 HOH HOH A . 
C 3 HOH 181 582 256 HOH HOH A . 
C 3 HOH 182 583 257 HOH HOH A . 
C 3 HOH 183 584 260 HOH HOH A . 
C 3 HOH 184 585 263 HOH HOH A . 
C 3 HOH 185 586 266 HOH HOH A . 
C 3 HOH 186 587 268 HOH HOH A . 
C 3 HOH 187 588 271 HOH HOH A . 
C 3 HOH 188 589 277 HOH HOH A . 
C 3 HOH 189 590 280 HOH HOH A . 
C 3 HOH 190 591 281 HOH HOH A . 
C 3 HOH 191 592 287 HOH HOH A . 
C 3 HOH 192 593 288 HOH HOH A . 
C 3 HOH 193 594 292 HOH HOH A . 
C 3 HOH 194 595 304 HOH HOH A . 
C 3 HOH 195 596 306 HOH HOH A . 
C 3 HOH 196 597 308 HOH HOH A . 
C 3 HOH 197 598 309 HOH HOH A . 
C 3 HOH 198 599 310 HOH HOH A . 
C 3 HOH 199 600 311 HOH HOH A . 
C 3 HOH 200 601 313 HOH HOH A . 
C 3 HOH 201 602 314 HOH HOH A . 
# 
_pdbx_struct_assembly.id                   1 
_pdbx_struct_assembly.details              author_defined_assembly 
_pdbx_struct_assembly.method_details       ? 
_pdbx_struct_assembly.oligomeric_details   monomeric 
_pdbx_struct_assembly.oligomeric_count     1 
# 
_pdbx_struct_assembly_gen.assembly_id       1 
_pdbx_struct_assembly_gen.oper_expression   1 
_pdbx_struct_assembly_gen.asym_id_list      A,B,C 
# 
_pdbx_struct_oper_list.id                   1 
_pdbx_struct_oper_list.type                 'identity operation' 
_pdbx_struct_oper_list.name                 1_555 
_pdbx_struct_oper_list.symmetry_operation   x,y,z 
_pdbx_struct_oper_list.matrix[1][1]         1.0000000000 
_pdbx_struct_oper_list.matrix[1][2]         0.0000000000 
_pdbx_struct_oper_list.matrix[1][3]         0.0000000000 
_pdbx_struct_oper_list.vector[1]            0.0000000000 
_pdbx_struct_oper_list.matrix[2][1]         0.0000000000 
_pdbx_struct_oper_list.matrix[2][2]         1.0000000000 
_pdbx_struct_oper_list.matrix[2][3]         0.0000000000 
_pdbx_struct_oper_list.vector[2]            0.0000000000 
_pdbx_struct_oper_list.matrix[3][1]         0.0000000000 
_pdbx_struct_oper_list.matrix[3][2]         0.0000000000 
_pdbx_struct_oper_list.matrix[3][3]         1.0000000000 
_pdbx_struct_oper_list.vector[3]            0.0000000000 
# 
loop_
_pdbx_audit_revision_history.ordinal 
_pdbx_audit_revision_history.data_content_type 
_pdbx_audit_revision_history.major_revision 
_pdbx_audit_revision_history.minor_revision 
_pdbx_audit_revision_history.revision_date 
1 'Structure model' 1 0 2004-09-21 
2 'Structure model' 1 1 2008-04-29 
3 'Structure model' 1 2 2011-07-13 
4 'Structure model' 1 3 2023-08-23 
# 
_pdbx_audit_revision_details.ordinal             1 
_pdbx_audit_revision_details.revision_ordinal    1 
_pdbx_audit_revision_details.data_content_type   'Structure model' 
_pdbx_audit_revision_details.provider            repository 
_pdbx_audit_revision_details.type                'Initial release' 
_pdbx_audit_revision_details.description         ? 
_pdbx_audit_revision_details.details             ? 
# 
loop_
_pdbx_audit_revision_group.ordinal 
_pdbx_audit_revision_group.revision_ordinal 
_pdbx_audit_revision_group.data_content_type 
_pdbx_audit_revision_group.group 
1 2 'Structure model' 'Version format compliance' 
2 3 'Structure model' 'Source and taxonomy'       
3 3 'Structure model' 'Version format compliance' 
4 4 'Structure model' 'Data collection'           
5 4 'Structure model' 'Database references'       
6 4 'Structure model' 'Derived calculations'      
7 4 'Structure model' 'Refinement description'    
# 
loop_
_pdbx_audit_revision_category.ordinal 
_pdbx_audit_revision_category.revision_ordinal 
_pdbx_audit_revision_category.data_content_type 
_pdbx_audit_revision_category.category 
1 4 'Structure model' chem_comp_atom                
2 4 'Structure model' chem_comp_bond                
3 4 'Structure model' database_2                    
4 4 'Structure model' diffrn_source                 
5 4 'Structure model' pdbx_initial_refinement_model 
6 4 'Structure model' struct_site                   
# 
loop_
_pdbx_audit_revision_item.ordinal 
_pdbx_audit_revision_item.revision_ordinal 
_pdbx_audit_revision_item.data_content_type 
_pdbx_audit_revision_item.item 
1 4 'Structure model' '_database_2.pdbx_DOI'                 
2 4 'Structure model' '_database_2.pdbx_database_accession'  
3 4 'Structure model' '_diffrn_source.pdbx_synchrotron_site' 
4 4 'Structure model' '_struct_site.pdbx_auth_asym_id'       
5 4 'Structure model' '_struct_site.pdbx_auth_comp_id'       
6 4 'Structure model' '_struct_site.pdbx_auth_seq_id'        
# 
loop_
_software.name 
_software.classification 
_software.version 
_software.citation_id 
_software.pdbx_ordinal 
REFMAC refinement       5.1.24    ? 1 
DENZO  'data reduction' .         ? 2 
CCP4   'data scaling'   '(SCALA)' ? 3 
MOLREP phasing          .         ? 4 
# 
_pdbx_validate_close_contact.id               1 
_pdbx_validate_close_contact.PDB_model_num    1 
_pdbx_validate_close_contact.auth_atom_id_1   OE2 
_pdbx_validate_close_contact.auth_asym_id_1   A 
_pdbx_validate_close_contact.auth_comp_id_1   GLU 
_pdbx_validate_close_contact.auth_seq_id_1    31 
_pdbx_validate_close_contact.PDB_ins_code_1   ? 
_pdbx_validate_close_contact.label_alt_id_1   ? 
_pdbx_validate_close_contact.auth_atom_id_2   OE2 
_pdbx_validate_close_contact.auth_asym_id_2   A 
_pdbx_validate_close_contact.auth_comp_id_2   GLU 
_pdbx_validate_close_contact.auth_seq_id_2    35 
_pdbx_validate_close_contact.PDB_ins_code_2   ? 
_pdbx_validate_close_contact.label_alt_id_2   ? 
_pdbx_validate_close_contact.dist             2.18 
# 
loop_
_pdbx_validate_rmsd_bond.id 
_pdbx_validate_rmsd_bond.PDB_model_num 
_pdbx_validate_rmsd_bond.auth_atom_id_1 
_pdbx_validate_rmsd_bond.auth_asym_id_1 
_pdbx_validate_rmsd_bond.auth_comp_id_1 
_pdbx_validate_rmsd_bond.auth_seq_id_1 
_pdbx_validate_rmsd_bond.PDB_ins_code_1 
_pdbx_validate_rmsd_bond.label_alt_id_1 
_pdbx_validate_rmsd_bond.auth_atom_id_2 
_pdbx_validate_rmsd_bond.auth_asym_id_2 
_pdbx_validate_rmsd_bond.auth_comp_id_2 
_pdbx_validate_rmsd_bond.auth_seq_id_2 
_pdbx_validate_rmsd_bond.PDB_ins_code_2 
_pdbx_validate_rmsd_bond.label_alt_id_2 
_pdbx_validate_rmsd_bond.bond_value 
_pdbx_validate_rmsd_bond.bond_target_value 
_pdbx_validate_rmsd_bond.bond_deviation 
_pdbx_validate_rmsd_bond.bond_standard_deviation 
_pdbx_validate_rmsd_bond.linker_flag 
1 1 CA A ASP 105 ? ? CB A ASP 105 ? ? 1.670 1.535 0.135  0.022 N 
2 1 CG A GLU 197 ? ? CD A GLU 197 ? ? 1.377 1.515 -0.138 0.015 N 
# 
loop_
_pdbx_validate_rmsd_angle.id 
_pdbx_validate_rmsd_angle.PDB_model_num 
_pdbx_validate_rmsd_angle.auth_atom_id_1 
_pdbx_validate_rmsd_angle.auth_asym_id_1 
_pdbx_validate_rmsd_angle.auth_comp_id_1 
_pdbx_validate_rmsd_angle.auth_seq_id_1 
_pdbx_validate_rmsd_angle.PDB_ins_code_1 
_pdbx_validate_rmsd_angle.label_alt_id_1 
_pdbx_validate_rmsd_angle.auth_atom_id_2 
_pdbx_validate_rmsd_angle.auth_asym_id_2 
_pdbx_validate_rmsd_angle.auth_comp_id_2 
_pdbx_validate_rmsd_angle.auth_seq_id_2 
_pdbx_validate_rmsd_angle.PDB_ins_code_2 
_pdbx_validate_rmsd_angle.label_alt_id_2 
_pdbx_validate_rmsd_angle.auth_atom_id_3 
_pdbx_validate_rmsd_angle.auth_asym_id_3 
_pdbx_validate_rmsd_angle.auth_comp_id_3 
_pdbx_validate_rmsd_angle.auth_seq_id_3 
_pdbx_validate_rmsd_angle.PDB_ins_code_3 
_pdbx_validate_rmsd_angle.label_alt_id_3 
_pdbx_validate_rmsd_angle.angle_value 
_pdbx_validate_rmsd_angle.angle_target_value 
_pdbx_validate_rmsd_angle.angle_deviation 
_pdbx_validate_rmsd_angle.angle_standard_deviation 
_pdbx_validate_rmsd_angle.linker_flag 
1 1 N  A ASP 105 ? ? CA A ASP 105 ? ? CB A ASP 105 ? ? 95.93  110.60 -14.67 1.80 N 
2 1 CB A GLU 197 ? ? CG A GLU 197 ? ? CD A GLU 197 ? ? 135.02 114.20 20.82  2.70 N 
# 
loop_
_pdbx_validate_torsion.id 
_pdbx_validate_torsion.PDB_model_num 
_pdbx_validate_torsion.auth_comp_id 
_pdbx_validate_torsion.auth_asym_id 
_pdbx_validate_torsion.auth_seq_id 
_pdbx_validate_torsion.PDB_ins_code 
_pdbx_validate_torsion.label_alt_id 
_pdbx_validate_torsion.phi 
_pdbx_validate_torsion.psi 
1 1 ARG A 70  ? ? 83.67   -61.03  
2 1 THR A 186 ? ? -137.56 -154.85 
# 
loop_
_pdbx_unobs_or_zero_occ_atoms.id 
_pdbx_unobs_or_zero_occ_atoms.PDB_model_num 
_pdbx_unobs_or_zero_occ_atoms.polymer_flag 
_pdbx_unobs_or_zero_occ_atoms.occupancy_flag 
_pdbx_unobs_or_zero_occ_atoms.auth_asym_id 
_pdbx_unobs_or_zero_occ_atoms.auth_comp_id 
_pdbx_unobs_or_zero_occ_atoms.auth_seq_id 
_pdbx_unobs_or_zero_occ_atoms.PDB_ins_code 
_pdbx_unobs_or_zero_occ_atoms.auth_atom_id 
_pdbx_unobs_or_zero_occ_atoms.label_alt_id 
_pdbx_unobs_or_zero_occ_atoms.label_asym_id 
_pdbx_unobs_or_zero_occ_atoms.label_comp_id 
_pdbx_unobs_or_zero_occ_atoms.label_seq_id 
_pdbx_unobs_or_zero_occ_atoms.label_atom_id 
1  1 Y 0 A ARG 14  ? CG  ? A ARG 14  CG  
2  1 Y 0 A ARG 14  ? CD  ? A ARG 14  CD  
3  1 Y 0 A ARG 14  ? NE  ? A ARG 14  NE  
4  1 Y 0 A ARG 14  ? CZ  ? A ARG 14  CZ  
5  1 Y 0 A ARG 14  ? NH1 ? A ARG 14  NH1 
6  1 Y 0 A ARG 14  ? NH2 ? A ARG 14  NH2 
7  1 Y 0 A ASP 105 ? CB  ? A ASP 105 CB  
8  1 Y 0 A ASP 105 ? CG  ? A ASP 105 CG  
9  1 Y 0 A ASP 105 ? OD1 ? A ASP 105 OD1 
10 1 Y 0 A ASP 105 ? OD2 ? A ASP 105 OD2 
11 1 Y 0 A GLU 197 ? CD  ? A GLU 197 CD  
12 1 Y 0 A GLU 197 ? OE1 ? A GLU 197 OE1 
13 1 Y 0 A GLU 197 ? OE2 ? A GLU 197 OE2 
# 
loop_
_pdbx_unobs_or_zero_occ_residues.id 
_pdbx_unobs_or_zero_occ_residues.PDB_model_num 
_pdbx_unobs_or_zero_occ_residues.polymer_flag 
_pdbx_unobs_or_zero_occ_residues.occupancy_flag 
_pdbx_unobs_or_zero_occ_residues.auth_asym_id 
_pdbx_unobs_or_zero_occ_residues.auth_comp_id 
_pdbx_unobs_or_zero_occ_residues.auth_seq_id 
_pdbx_unobs_or_zero_occ_residues.PDB_ins_code 
_pdbx_unobs_or_zero_occ_residues.label_asym_id 
_pdbx_unobs_or_zero_occ_residues.label_comp_id 
_pdbx_unobs_or_zero_occ_residues.label_seq_id 
1  1 Y 1 A MET 1   ? A MET 1   
2  1 Y 1 A THR 2   ? A THR 2   
3  1 Y 1 A GLY 3   ? A GLY 3   
4  1 Y 1 A PRO 4   ? A PRO 4   
5  1 Y 1 A THR 5   ? A THR 5   
6  1 Y 1 A THR 6   ? A THR 6   
7  1 Y 1 A ASP 7   ? A ASP 7   
8  1 Y 1 A ALA 8   ? A ALA 8   
9  1 Y 1 A ASP 9   ? A ASP 9   
10 1 Y 1 A ALA 10  ? A ALA 10  
11 1 Y 1 A THR 201 ? A THR 201 
12 1 Y 1 A PRO 202 ? A PRO 202 
13 1 Y 1 A LYS 203 ? A LYS 203 
14 1 Y 1 A ASP 204 ? A ASP 204 
15 1 Y 1 A THR 205 ? A THR 205 
# 
loop_
_chem_comp_atom.comp_id 
_chem_comp_atom.atom_id 
_chem_comp_atom.type_symbol 
_chem_comp_atom.pdbx_aromatic_flag 
_chem_comp_atom.pdbx_stereo_config 
_chem_comp_atom.pdbx_ordinal 
ALA N    N N N 1   
ALA CA   C N S 2   
ALA C    C N N 3   
ALA O    O N N 4   
ALA CB   C N N 5   
ALA OXT  O N N 6   
ALA H    H N N 7   
ALA H2   H N N 8   
ALA HA   H N N 9   
ALA HB1  H N N 10  
ALA HB2  H N N 11  
ALA HB3  H N N 12  
ALA HXT  H N N 13  
ARG N    N N N 14  
ARG CA   C N S 15  
ARG C    C N N 16  
ARG O    O N N 17  
ARG CB   C N N 18  
ARG CG   C N N 19  
ARG CD   C N N 20  
ARG NE   N N N 21  
ARG CZ   C N N 22  
ARG NH1  N N N 23  
ARG NH2  N N N 24  
ARG OXT  O N N 25  
ARG H    H N N 26  
ARG H2   H N N 27  
ARG HA   H N N 28  
ARG HB2  H N N 29  
ARG HB3  H N N 30  
ARG HG2  H N N 31  
ARG HG3  H N N 32  
ARG HD2  H N N 33  
ARG HD3  H N N 34  
ARG HE   H N N 35  
ARG HH11 H N N 36  
ARG HH12 H N N 37  
ARG HH21 H N N 38  
ARG HH22 H N N 39  
ARG HXT  H N N 40  
ASP N    N N N 41  
ASP CA   C N S 42  
ASP C    C N N 43  
ASP O    O N N 44  
ASP CB   C N N 45  
ASP CG   C N N 46  
ASP OD1  O N N 47  
ASP OD2  O N N 48  
ASP OXT  O N N 49  
ASP H    H N N 50  
ASP H2   H N N 51  
ASP HA   H N N 52  
ASP HB2  H N N 53  
ASP HB3  H N N 54  
ASP HD2  H N N 55  
ASP HXT  H N N 56  
AZI N1   N N N 57  
AZI N2   N N N 58  
AZI N3   N N N 59  
GLN N    N N N 60  
GLN CA   C N S 61  
GLN C    C N N 62  
GLN O    O N N 63  
GLN CB   C N N 64  
GLN CG   C N N 65  
GLN CD   C N N 66  
GLN OE1  O N N 67  
GLN NE2  N N N 68  
GLN OXT  O N N 69  
GLN H    H N N 70  
GLN H2   H N N 71  
GLN HA   H N N 72  
GLN HB2  H N N 73  
GLN HB3  H N N 74  
GLN HG2  H N N 75  
GLN HG3  H N N 76  
GLN HE21 H N N 77  
GLN HE22 H N N 78  
GLN HXT  H N N 79  
GLU N    N N N 80  
GLU CA   C N S 81  
GLU C    C N N 82  
GLU O    O N N 83  
GLU CB   C N N 84  
GLU CG   C N N 85  
GLU CD   C N N 86  
GLU OE1  O N N 87  
GLU OE2  O N N 88  
GLU OXT  O N N 89  
GLU H    H N N 90  
GLU H2   H N N 91  
GLU HA   H N N 92  
GLU HB2  H N N 93  
GLU HB3  H N N 94  
GLU HG2  H N N 95  
GLU HG3  H N N 96  
GLU HE2  H N N 97  
GLU HXT  H N N 98  
GLY N    N N N 99  
GLY CA   C N N 100 
GLY C    C N N 101 
GLY O    O N N 102 
GLY OXT  O N N 103 
GLY H    H N N 104 
GLY H2   H N N 105 
GLY HA2  H N N 106 
GLY HA3  H N N 107 
GLY HXT  H N N 108 
HIS N    N N N 109 
HIS CA   C N S 110 
HIS C    C N N 111 
HIS O    O N N 112 
HIS CB   C N N 113 
HIS CG   C Y N 114 
HIS ND1  N Y N 115 
HIS CD2  C Y N 116 
HIS CE1  C Y N 117 
HIS NE2  N Y N 118 
HIS OXT  O N N 119 
HIS H    H N N 120 
HIS H2   H N N 121 
HIS HA   H N N 122 
HIS HB2  H N N 123 
HIS HB3  H N N 124 
HIS HD1  H N N 125 
HIS HD2  H N N 126 
HIS HE1  H N N 127 
HIS HE2  H N N 128 
HIS HXT  H N N 129 
HOH O    O N N 130 
HOH H1   H N N 131 
HOH H2   H N N 132 
ILE N    N N N 133 
ILE CA   C N S 134 
ILE C    C N N 135 
ILE O    O N N 136 
ILE CB   C N S 137 
ILE CG1  C N N 138 
ILE CG2  C N N 139 
ILE CD1  C N N 140 
ILE OXT  O N N 141 
ILE H    H N N 142 
ILE H2   H N N 143 
ILE HA   H N N 144 
ILE HB   H N N 145 
ILE HG12 H N N 146 
ILE HG13 H N N 147 
ILE HG21 H N N 148 
ILE HG22 H N N 149 
ILE HG23 H N N 150 
ILE HD11 H N N 151 
ILE HD12 H N N 152 
ILE HD13 H N N 153 
ILE HXT  H N N 154 
LEU N    N N N 155 
LEU CA   C N S 156 
LEU C    C N N 157 
LEU O    O N N 158 
LEU CB   C N N 159 
LEU CG   C N N 160 
LEU CD1  C N N 161 
LEU CD2  C N N 162 
LEU OXT  O N N 163 
LEU H    H N N 164 
LEU H2   H N N 165 
LEU HA   H N N 166 
LEU HB2  H N N 167 
LEU HB3  H N N 168 
LEU HG   H N N 169 
LEU HD11 H N N 170 
LEU HD12 H N N 171 
LEU HD13 H N N 172 
LEU HD21 H N N 173 
LEU HD22 H N N 174 
LEU HD23 H N N 175 
LEU HXT  H N N 176 
LYS N    N N N 177 
LYS CA   C N S 178 
LYS C    C N N 179 
LYS O    O N N 180 
LYS CB   C N N 181 
LYS CG   C N N 182 
LYS CD   C N N 183 
LYS CE   C N N 184 
LYS NZ   N N N 185 
LYS OXT  O N N 186 
LYS H    H N N 187 
LYS H2   H N N 188 
LYS HA   H N N 189 
LYS HB2  H N N 190 
LYS HB3  H N N 191 
LYS HG2  H N N 192 
LYS HG3  H N N 193 
LYS HD2  H N N 194 
LYS HD3  H N N 195 
LYS HE2  H N N 196 
LYS HE3  H N N 197 
LYS HZ1  H N N 198 
LYS HZ2  H N N 199 
LYS HZ3  H N N 200 
LYS HXT  H N N 201 
MET N    N N N 202 
MET CA   C N S 203 
MET C    C N N 204 
MET O    O N N 205 
MET CB   C N N 206 
MET CG   C N N 207 
MET SD   S N N 208 
MET CE   C N N 209 
MET OXT  O N N 210 
MET H    H N N 211 
MET H2   H N N 212 
MET HA   H N N 213 
MET HB2  H N N 214 
MET HB3  H N N 215 
MET HG2  H N N 216 
MET HG3  H N N 217 
MET HE1  H N N 218 
MET HE2  H N N 219 
MET HE3  H N N 220 
MET HXT  H N N 221 
PHE N    N N N 222 
PHE CA   C N S 223 
PHE C    C N N 224 
PHE O    O N N 225 
PHE CB   C N N 226 
PHE CG   C Y N 227 
PHE CD1  C Y N 228 
PHE CD2  C Y N 229 
PHE CE1  C Y N 230 
PHE CE2  C Y N 231 
PHE CZ   C Y N 232 
PHE OXT  O N N 233 
PHE H    H N N 234 
PHE H2   H N N 235 
PHE HA   H N N 236 
PHE HB2  H N N 237 
PHE HB3  H N N 238 
PHE HD1  H N N 239 
PHE HD2  H N N 240 
PHE HE1  H N N 241 
PHE HE2  H N N 242 
PHE HZ   H N N 243 
PHE HXT  H N N 244 
PRO N    N N N 245 
PRO CA   C N S 246 
PRO C    C N N 247 
PRO O    O N N 248 
PRO CB   C N N 249 
PRO CG   C N N 250 
PRO CD   C N N 251 
PRO OXT  O N N 252 
PRO H    H N N 253 
PRO HA   H N N 254 
PRO HB2  H N N 255 
PRO HB3  H N N 256 
PRO HG2  H N N 257 
PRO HG3  H N N 258 
PRO HD2  H N N 259 
PRO HD3  H N N 260 
PRO HXT  H N N 261 
SER N    N N N 262 
SER CA   C N S 263 
SER C    C N N 264 
SER O    O N N 265 
SER CB   C N N 266 
SER OG   O N N 267 
SER OXT  O N N 268 
SER H    H N N 269 
SER H2   H N N 270 
SER HA   H N N 271 
SER HB2  H N N 272 
SER HB3  H N N 273 
SER HG   H N N 274 
SER HXT  H N N 275 
THR N    N N N 276 
THR CA   C N S 277 
THR C    C N N 278 
THR O    O N N 279 
THR CB   C N R 280 
THR OG1  O N N 281 
THR CG2  C N N 282 
THR OXT  O N N 283 
THR H    H N N 284 
THR H2   H N N 285 
THR HA   H N N 286 
THR HB   H N N 287 
THR HG1  H N N 288 
THR HG21 H N N 289 
THR HG22 H N N 290 
THR HG23 H N N 291 
THR HXT  H N N 292 
TRP N    N N N 293 
TRP CA   C N S 294 
TRP C    C N N 295 
TRP O    O N N 296 
TRP CB   C N N 297 
TRP CG   C Y N 298 
TRP CD1  C Y N 299 
TRP CD2  C Y N 300 
TRP NE1  N Y N 301 
TRP CE2  C Y N 302 
TRP CE3  C Y N 303 
TRP CZ2  C Y N 304 
TRP CZ3  C Y N 305 
TRP CH2  C Y N 306 
TRP OXT  O N N 307 
TRP H    H N N 308 
TRP H2   H N N 309 
TRP HA   H N N 310 
TRP HB2  H N N 311 
TRP HB3  H N N 312 
TRP HD1  H N N 313 
TRP HE1  H N N 314 
TRP HE3  H N N 315 
TRP HZ2  H N N 316 
TRP HZ3  H N N 317 
TRP HH2  H N N 318 
TRP HXT  H N N 319 
TYR N    N N N 320 
TYR CA   C N S 321 
TYR C    C N N 322 
TYR O    O N N 323 
TYR CB   C N N 324 
TYR CG   C Y N 325 
TYR CD1  C Y N 326 
TYR CD2  C Y N 327 
TYR CE1  C Y N 328 
TYR CE2  C Y N 329 
TYR CZ   C Y N 330 
TYR OH   O N N 331 
TYR OXT  O N N 332 
TYR H    H N N 333 
TYR H2   H N N 334 
TYR HA   H N N 335 
TYR HB2  H N N 336 
TYR HB3  H N N 337 
TYR HD1  H N N 338 
TYR HD2  H N N 339 
TYR HE1  H N N 340 
TYR HE2  H N N 341 
TYR HH   H N N 342 
TYR HXT  H N N 343 
VAL N    N N N 344 
VAL CA   C N S 345 
VAL C    C N N 346 
VAL O    O N N 347 
VAL CB   C N N 348 
VAL CG1  C N N 349 
VAL CG2  C N N 350 
VAL OXT  O N N 351 
VAL H    H N N 352 
VAL H2   H N N 353 
VAL HA   H N N 354 
VAL HB   H N N 355 
VAL HG11 H N N 356 
VAL HG12 H N N 357 
VAL HG13 H N N 358 
VAL HG21 H N N 359 
VAL HG22 H N N 360 
VAL HG23 H N N 361 
VAL HXT  H N N 362 
# 
loop_
_chem_comp_bond.comp_id 
_chem_comp_bond.atom_id_1 
_chem_comp_bond.atom_id_2 
_chem_comp_bond.value_order 
_chem_comp_bond.pdbx_aromatic_flag 
_chem_comp_bond.pdbx_stereo_config 
_chem_comp_bond.pdbx_ordinal 
ALA N   CA   sing N N 1   
ALA N   H    sing N N 2   
ALA N   H2   sing N N 3   
ALA CA  C    sing N N 4   
ALA CA  CB   sing N N 5   
ALA CA  HA   sing N N 6   
ALA C   O    doub N N 7   
ALA C   OXT  sing N N 8   
ALA CB  HB1  sing N N 9   
ALA CB  HB2  sing N N 10  
ALA CB  HB3  sing N N 11  
ALA OXT HXT  sing N N 12  
ARG N   CA   sing N N 13  
ARG N   H    sing N N 14  
ARG N   H2   sing N N 15  
ARG CA  C    sing N N 16  
ARG CA  CB   sing N N 17  
ARG CA  HA   sing N N 18  
ARG C   O    doub N N 19  
ARG C   OXT  sing N N 20  
ARG CB  CG   sing N N 21  
ARG CB  HB2  sing N N 22  
ARG CB  HB3  sing N N 23  
ARG CG  CD   sing N N 24  
ARG CG  HG2  sing N N 25  
ARG CG  HG3  sing N N 26  
ARG CD  NE   sing N N 27  
ARG CD  HD2  sing N N 28  
ARG CD  HD3  sing N N 29  
ARG NE  CZ   sing N N 30  
ARG NE  HE   sing N N 31  
ARG CZ  NH1  sing N N 32  
ARG CZ  NH2  doub N N 33  
ARG NH1 HH11 sing N N 34  
ARG NH1 HH12 sing N N 35  
ARG NH2 HH21 sing N N 36  
ARG NH2 HH22 sing N N 37  
ARG OXT HXT  sing N N 38  
ASP N   CA   sing N N 39  
ASP N   H    sing N N 40  
ASP N   H2   sing N N 41  
ASP CA  C    sing N N 42  
ASP CA  CB   sing N N 43  
ASP CA  HA   sing N N 44  
ASP C   O    doub N N 45  
ASP C   OXT  sing N N 46  
ASP CB  CG   sing N N 47  
ASP CB  HB2  sing N N 48  
ASP CB  HB3  sing N N 49  
ASP CG  OD1  doub N N 50  
ASP CG  OD2  sing N N 51  
ASP OD2 HD2  sing N N 52  
ASP OXT HXT  sing N N 53  
AZI N1  N2   doub N N 54  
AZI N2  N3   doub N N 55  
GLN N   CA   sing N N 56  
GLN N   H    sing N N 57  
GLN N   H2   sing N N 58  
GLN CA  C    sing N N 59  
GLN CA  CB   sing N N 60  
GLN CA  HA   sing N N 61  
GLN C   O    doub N N 62  
GLN C   OXT  sing N N 63  
GLN CB  CG   sing N N 64  
GLN CB  HB2  sing N N 65  
GLN CB  HB3  sing N N 66  
GLN CG  CD   sing N N 67  
GLN CG  HG2  sing N N 68  
GLN CG  HG3  sing N N 69  
GLN CD  OE1  doub N N 70  
GLN CD  NE2  sing N N 71  
GLN NE2 HE21 sing N N 72  
GLN NE2 HE22 sing N N 73  
GLN OXT HXT  sing N N 74  
GLU N   CA   sing N N 75  
GLU N   H    sing N N 76  
GLU N   H2   sing N N 77  
GLU CA  C    sing N N 78  
GLU CA  CB   sing N N 79  
GLU CA  HA   sing N N 80  
GLU C   O    doub N N 81  
GLU C   OXT  sing N N 82  
GLU CB  CG   sing N N 83  
GLU CB  HB2  sing N N 84  
GLU CB  HB3  sing N N 85  
GLU CG  CD   sing N N 86  
GLU CG  HG2  sing N N 87  
GLU CG  HG3  sing N N 88  
GLU CD  OE1  doub N N 89  
GLU CD  OE2  sing N N 90  
GLU OE2 HE2  sing N N 91  
GLU OXT HXT  sing N N 92  
GLY N   CA   sing N N 93  
GLY N   H    sing N N 94  
GLY N   H2   sing N N 95  
GLY CA  C    sing N N 96  
GLY CA  HA2  sing N N 97  
GLY CA  HA3  sing N N 98  
GLY C   O    doub N N 99  
GLY C   OXT  sing N N 100 
GLY OXT HXT  sing N N 101 
HIS N   CA   sing N N 102 
HIS N   H    sing N N 103 
HIS N   H2   sing N N 104 
HIS CA  C    sing N N 105 
HIS CA  CB   sing N N 106 
HIS CA  HA   sing N N 107 
HIS C   O    doub N N 108 
HIS C   OXT  sing N N 109 
HIS CB  CG   sing N N 110 
HIS CB  HB2  sing N N 111 
HIS CB  HB3  sing N N 112 
HIS CG  ND1  sing Y N 113 
HIS CG  CD2  doub Y N 114 
HIS ND1 CE1  doub Y N 115 
HIS ND1 HD1  sing N N 116 
HIS CD2 NE2  sing Y N 117 
HIS CD2 HD2  sing N N 118 
HIS CE1 NE2  sing Y N 119 
HIS CE1 HE1  sing N N 120 
HIS NE2 HE2  sing N N 121 
HIS OXT HXT  sing N N 122 
HOH O   H1   sing N N 123 
HOH O   H2   sing N N 124 
ILE N   CA   sing N N 125 
ILE N   H    sing N N 126 
ILE N   H2   sing N N 127 
ILE CA  C    sing N N 128 
ILE CA  CB   sing N N 129 
ILE CA  HA   sing N N 130 
ILE C   O    doub N N 131 
ILE C   OXT  sing N N 132 
ILE CB  CG1  sing N N 133 
ILE CB  CG2  sing N N 134 
ILE CB  HB   sing N N 135 
ILE CG1 CD1  sing N N 136 
ILE CG1 HG12 sing N N 137 
ILE CG1 HG13 sing N N 138 
ILE CG2 HG21 sing N N 139 
ILE CG2 HG22 sing N N 140 
ILE CG2 HG23 sing N N 141 
ILE CD1 HD11 sing N N 142 
ILE CD1 HD12 sing N N 143 
ILE CD1 HD13 sing N N 144 
ILE OXT HXT  sing N N 145 
LEU N   CA   sing N N 146 
LEU N   H    sing N N 147 
LEU N   H2   sing N N 148 
LEU CA  C    sing N N 149 
LEU CA  CB   sing N N 150 
LEU CA  HA   sing N N 151 
LEU C   O    doub N N 152 
LEU C   OXT  sing N N 153 
LEU CB  CG   sing N N 154 
LEU CB  HB2  sing N N 155 
LEU CB  HB3  sing N N 156 
LEU CG  CD1  sing N N 157 
LEU CG  CD2  sing N N 158 
LEU CG  HG   sing N N 159 
LEU CD1 HD11 sing N N 160 
LEU CD1 HD12 sing N N 161 
LEU CD1 HD13 sing N N 162 
LEU CD2 HD21 sing N N 163 
LEU CD2 HD22 sing N N 164 
LEU CD2 HD23 sing N N 165 
LEU OXT HXT  sing N N 166 
LYS N   CA   sing N N 167 
LYS N   H    sing N N 168 
LYS N   H2   sing N N 169 
LYS CA  C    sing N N 170 
LYS CA  CB   sing N N 171 
LYS CA  HA   sing N N 172 
LYS C   O    doub N N 173 
LYS C   OXT  sing N N 174 
LYS CB  CG   sing N N 175 
LYS CB  HB2  sing N N 176 
LYS CB  HB3  sing N N 177 
LYS CG  CD   sing N N 178 
LYS CG  HG2  sing N N 179 
LYS CG  HG3  sing N N 180 
LYS CD  CE   sing N N 181 
LYS CD  HD2  sing N N 182 
LYS CD  HD3  sing N N 183 
LYS CE  NZ   sing N N 184 
LYS CE  HE2  sing N N 185 
LYS CE  HE3  sing N N 186 
LYS NZ  HZ1  sing N N 187 
LYS NZ  HZ2  sing N N 188 
LYS NZ  HZ3  sing N N 189 
LYS OXT HXT  sing N N 190 
MET N   CA   sing N N 191 
MET N   H    sing N N 192 
MET N   H2   sing N N 193 
MET CA  C    sing N N 194 
MET CA  CB   sing N N 195 
MET CA  HA   sing N N 196 
MET C   O    doub N N 197 
MET C   OXT  sing N N 198 
MET CB  CG   sing N N 199 
MET CB  HB2  sing N N 200 
MET CB  HB3  sing N N 201 
MET CG  SD   sing N N 202 
MET CG  HG2  sing N N 203 
MET CG  HG3  sing N N 204 
MET SD  CE   sing N N 205 
MET CE  HE1  sing N N 206 
MET CE  HE2  sing N N 207 
MET CE  HE3  sing N N 208 
MET OXT HXT  sing N N 209 
PHE N   CA   sing N N 210 
PHE N   H    sing N N 211 
PHE N   H2   sing N N 212 
PHE CA  C    sing N N 213 
PHE CA  CB   sing N N 214 
PHE CA  HA   sing N N 215 
PHE C   O    doub N N 216 
PHE C   OXT  sing N N 217 
PHE CB  CG   sing N N 218 
PHE CB  HB2  sing N N 219 
PHE CB  HB3  sing N N 220 
PHE CG  CD1  doub Y N 221 
PHE CG  CD2  sing Y N 222 
PHE CD1 CE1  sing Y N 223 
PHE CD1 HD1  sing N N 224 
PHE CD2 CE2  doub Y N 225 
PHE CD2 HD2  sing N N 226 
PHE CE1 CZ   doub Y N 227 
PHE CE1 HE1  sing N N 228 
PHE CE2 CZ   sing Y N 229 
PHE CE2 HE2  sing N N 230 
PHE CZ  HZ   sing N N 231 
PHE OXT HXT  sing N N 232 
PRO N   CA   sing N N 233 
PRO N   CD   sing N N 234 
PRO N   H    sing N N 235 
PRO CA  C    sing N N 236 
PRO CA  CB   sing N N 237 
PRO CA  HA   sing N N 238 
PRO C   O    doub N N 239 
PRO C   OXT  sing N N 240 
PRO CB  CG   sing N N 241 
PRO CB  HB2  sing N N 242 
PRO CB  HB3  sing N N 243 
PRO CG  CD   sing N N 244 
PRO CG  HG2  sing N N 245 
PRO CG  HG3  sing N N 246 
PRO CD  HD2  sing N N 247 
PRO CD  HD3  sing N N 248 
PRO OXT HXT  sing N N 249 
SER N   CA   sing N N 250 
SER N   H    sing N N 251 
SER N   H2   sing N N 252 
SER CA  C    sing N N 253 
SER CA  CB   sing N N 254 
SER CA  HA   sing N N 255 
SER C   O    doub N N 256 
SER C   OXT  sing N N 257 
SER CB  OG   sing N N 258 
SER CB  HB2  sing N N 259 
SER CB  HB3  sing N N 260 
SER OG  HG   sing N N 261 
SER OXT HXT  sing N N 262 
THR N   CA   sing N N 263 
THR N   H    sing N N 264 
THR N   H2   sing N N 265 
THR CA  C    sing N N 266 
THR CA  CB   sing N N 267 
THR CA  HA   sing N N 268 
THR C   O    doub N N 269 
THR C   OXT  sing N N 270 
THR CB  OG1  sing N N 271 
THR CB  CG2  sing N N 272 
THR CB  HB   sing N N 273 
THR OG1 HG1  sing N N 274 
THR CG2 HG21 sing N N 275 
THR CG2 HG22 sing N N 276 
THR CG2 HG23 sing N N 277 
THR OXT HXT  sing N N 278 
TRP N   CA   sing N N 279 
TRP N   H    sing N N 280 
TRP N   H2   sing N N 281 
TRP CA  C    sing N N 282 
TRP CA  CB   sing N N 283 
TRP CA  HA   sing N N 284 
TRP C   O    doub N N 285 
TRP C   OXT  sing N N 286 
TRP CB  CG   sing N N 287 
TRP CB  HB2  sing N N 288 
TRP CB  HB3  sing N N 289 
TRP CG  CD1  doub Y N 290 
TRP CG  CD2  sing Y N 291 
TRP CD1 NE1  sing Y N 292 
TRP CD1 HD1  sing N N 293 
TRP CD2 CE2  doub Y N 294 
TRP CD2 CE3  sing Y N 295 
TRP NE1 CE2  sing Y N 296 
TRP NE1 HE1  sing N N 297 
TRP CE2 CZ2  sing Y N 298 
TRP CE3 CZ3  doub Y N 299 
TRP CE3 HE3  sing N N 300 
TRP CZ2 CH2  doub Y N 301 
TRP CZ2 HZ2  sing N N 302 
TRP CZ3 CH2  sing Y N 303 
TRP CZ3 HZ3  sing N N 304 
TRP CH2 HH2  sing N N 305 
TRP OXT HXT  sing N N 306 
TYR N   CA   sing N N 307 
TYR N   H    sing N N 308 
TYR N   H2   sing N N 309 
TYR CA  C    sing N N 310 
TYR CA  CB   sing N N 311 
TYR CA  HA   sing N N 312 
TYR C   O    doub N N 313 
TYR C   OXT  sing N N 314 
TYR CB  CG   sing N N 315 
TYR CB  HB2  sing N N 316 
TYR CB  HB3  sing N N 317 
TYR CG  CD1  doub Y N 318 
TYR CG  CD2  sing Y N 319 
TYR CD1 CE1  sing Y N 320 
TYR CD1 HD1  sing N N 321 
TYR CD2 CE2  doub Y N 322 
TYR CD2 HD2  sing N N 323 
TYR CE1 CZ   doub Y N 324 
TYR CE1 HE1  sing N N 325 
TYR CE2 CZ   sing Y N 326 
TYR CE2 HE2  sing N N 327 
TYR CZ  OH   sing N N 328 
TYR OH  HH   sing N N 329 
TYR OXT HXT  sing N N 330 
VAL N   CA   sing N N 331 
VAL N   H    sing N N 332 
VAL N   H2   sing N N 333 
VAL CA  C    sing N N 334 
VAL CA  CB   sing N N 335 
VAL CA  HA   sing N N 336 
VAL C   O    doub N N 337 
VAL C   OXT  sing N N 338 
VAL CB  CG1  sing N N 339 
VAL CB  CG2  sing N N 340 
VAL CB  HB   sing N N 341 
VAL CG1 HG11 sing N N 342 
VAL CG1 HG12 sing N N 343 
VAL CG1 HG13 sing N N 344 
VAL CG2 HG21 sing N N 345 
VAL CG2 HG22 sing N N 346 
VAL CG2 HG23 sing N N 347 
VAL OXT HXT  sing N N 348 
# 
loop_
_pdbx_entity_nonpoly.entity_id 
_pdbx_entity_nonpoly.name 
_pdbx_entity_nonpoly.comp_id 
2 'AZIDE ION' AZI 
3 water       HOH 
# 
_pdbx_initial_refinement_model.id               1 
_pdbx_initial_refinement_model.entity_id_list   ? 
_pdbx_initial_refinement_model.type             'experimental model' 
_pdbx_initial_refinement_model.source_name      PDB 
_pdbx_initial_refinement_model.accession_code   1SD5 
_pdbx_initial_refinement_model.details          ? 
# 
